data_6LVF
#
_entry.id   6LVF
#
_cell.length_a   1.00
_cell.length_b   1.00
_cell.length_c   1.00
_cell.angle_alpha   90.00
_cell.angle_beta   90.00
_cell.angle_gamma   90.00
#
_symmetry.space_group_name_H-M   'P 1'
#
loop_
_entity.id
_entity.type
_entity.pdbx_description
1 polymer 'Low pH-inducible protein LpiA'
2 non-polymer '[(2~{R})-3-[[(2~{S})-3-[(2~{S})-2,6-bis(azanyl)hexanoyl]oxy-2-oxidanyl-propoxy]-oxidanyl-phosphoryl]oxy-2-hexadecanoyloxy-propyl] hexadecanoate'
3 non-polymer 1,2-DIPALMITOYL-PHOSPHATIDYL-GLYCEROLE
4 non-polymer '(1S)-2-{[{[(2R)-2,3-DIHYDROXYPROPYL]OXY}(HYDROXY)PHOSPHORYL]OXY}-1-[(PALMITOYLOXY)METHYL]ETHYL STEARATE'
#
_entity_poly.entity_id   1
_entity_poly.type   'polypeptide(L)'
_entity_poly.pdbx_seq_one_letter_code
;MSSPIDLESADEELEERGGIVGLLNRYRALIVAVLTVAVFCIAAYAIYDLTTEVRYDDVVHALTTTKISSVLLALLFTGL
SFASLIFYDQNALEYIGKRLPFPHVALTSFSAYAVGNTAGFGALSAGAIRYRAYTRLGLSPDDITRVIAFVTLAFGLGLA
SVGAMALLVIADEIGPLISVDGLWLRLIAIAILAALAFVVYAGRNGREVRIGPVAVRLPDSRTWSRQFLVTAFDIAASAS
VLYVLLPETSIGWPGFFAIYAIAVGLGVLSHVPAGFGVFETIIIAWLGSSVNEDAVLSSLVLYRVIYNVIPLVIAIAAIS
VAELRRFVDHPVASSMRRIGARLMPQLLSAFALLLGMMLVFSSVTPTPDHNLIVLSDYLPLSLVESAHFLSSLLGLAIIV
AARGLSQRLDGAWWVSTFSALFALFFSLLKAIAIVEAGLLAFFVFSLVVSRRLFKRPASLLNQTLTAGWLTAIAVVCIGA
IVVLFFVYRDVGYSNELWWQFEFADEAPRGLRAALGISIVSSAIAIFSLLRPATKRPEPVSDDAVARAVEIVRKQGVADA
NLVRMGDKSIMFSEKGDAFIMYGKQGRSWIALFDPVGPRQALPDLIWRFVETARAAGCRSVFYQISPALLSYCADAGLRA
FKLGELAVVNLANFELKGGKWANLRQTASRAVRDGLEFAVIEPQDIPDVLDQLAHVSDTWLADHNAKEKSFSLGAFDPDY
VCSQPVGVLKKDGKIVAFANILMTETKEEGSVDLMRFSPDAPKGSMDFLFVQILEYLKGEGFQRFNLGMAPLSGMSRRES
APVWDRVGGTVFEHGERFYNFKGLRAFKSKFHPEWQPRYLAVSGGVSPMIALMDATFLIGGGLKGVVRKKLAAALEHHHH
HH
;
_entity_poly.pdbx_strand_id   B,A
#
loop_
_chem_comp.id
_chem_comp.type
_chem_comp.name
_chem_comp.formula
EV9 non-polymer '[(2~{R})-3-[[(2~{S})-3-[(2~{S})-2,6-bis(azanyl)hexanoyl]oxy-2-oxidanyl-propoxy]-oxidanyl-phosphoryl]oxy-2-hexadecanoyloxy-propyl] hexadecanoate' 'C44 H87 N2 O11 P'
LHG non-polymer 1,2-DIPALMITOYL-PHOSPHATIDYL-GLYCEROLE 'C38 H75 O10 P'
PGT non-polymer '(1S)-2-{[{[(2R)-2,3-DIHYDROXYPROPYL]OXY}(HYDROXY)PHOSPHORYL]OXY}-1-[(PALMITOYLOXY)METHYL]ETHYL STEARATE' 'C40 H79 O10 P'
#
# COMPACT_ATOMS: atom_id res chain seq x y z
N LEU A 23 4.89 9.71 -21.76
CA LEU A 23 5.61 10.95 -22.03
C LEU A 23 4.66 11.91 -22.73
N LEU A 24 3.55 12.21 -22.04
CA LEU A 24 2.63 13.21 -22.55
C LEU A 24 3.24 14.60 -22.38
N ASN A 25 2.71 15.53 -23.19
CA ASN A 25 3.10 16.95 -23.21
C ASN A 25 4.58 17.14 -23.55
N ARG A 26 5.13 16.20 -24.31
CA ARG A 26 6.47 16.30 -24.89
C ARG A 26 6.45 16.20 -26.40
N TYR A 27 5.48 15.48 -26.97
CA TYR A 27 5.28 15.50 -28.41
C TYR A 27 4.78 16.88 -28.82
N ARG A 28 5.62 17.62 -29.55
CA ARG A 28 5.30 19.00 -29.92
C ARG A 28 5.59 19.14 -31.42
N ALA A 29 4.66 18.65 -32.25
CA ALA A 29 5.04 18.44 -33.64
C ALA A 29 3.83 17.98 -34.47
N LEU A 30 4.08 17.91 -35.79
CA LEU A 30 3.29 17.12 -36.71
C LEU A 30 4.08 15.91 -37.22
N ILE A 31 5.39 15.88 -36.99
CA ILE A 31 6.14 14.67 -37.32
C ILE A 31 5.81 13.54 -36.36
N VAL A 32 5.21 13.81 -35.21
CA VAL A 32 4.67 12.73 -34.39
C VAL A 32 3.47 12.10 -35.08
N ALA A 33 2.62 12.92 -35.68
CA ALA A 33 1.49 12.39 -36.46
C ALA A 33 1.96 11.64 -37.70
N VAL A 34 3.05 12.09 -38.31
CA VAL A 34 3.59 11.35 -39.46
C VAL A 34 4.26 10.06 -39.00
N LEU A 35 5.00 10.12 -37.89
CA LEU A 35 5.78 8.97 -37.46
C LEU A 35 4.89 7.88 -36.88
N THR A 36 3.73 8.26 -36.34
CA THR A 36 2.76 7.27 -35.87
C THR A 36 2.23 6.43 -37.02
N VAL A 37 1.82 7.08 -38.11
CA VAL A 37 1.32 6.32 -39.25
C VAL A 37 2.47 5.67 -40.01
N ALA A 38 3.70 6.15 -39.85
CA ALA A 38 4.85 5.42 -40.40
C ALA A 38 5.05 4.10 -39.67
N VAL A 39 4.96 4.11 -38.33
CA VAL A 39 5.08 2.89 -37.56
C VAL A 39 3.91 1.94 -37.85
N PHE A 40 2.72 2.51 -38.08
CA PHE A 40 1.60 1.66 -38.48
C PHE A 40 1.79 1.09 -39.88
N CYS A 41 2.44 1.82 -40.78
CA CYS A 41 2.69 1.30 -42.12
C CYS A 41 3.71 0.16 -42.08
N ILE A 42 4.77 0.34 -41.29
CA ILE A 42 5.76 -0.73 -41.10
C ILE A 42 5.12 -1.95 -40.45
N ALA A 43 4.23 -1.72 -39.48
CA ALA A 43 3.58 -2.82 -38.79
C ALA A 43 2.61 -3.57 -39.70
N ALA A 44 1.87 -2.85 -40.54
CA ALA A 44 0.93 -3.52 -41.43
C ALA A 44 1.65 -4.24 -42.57
N TYR A 45 2.77 -3.68 -43.04
CA TYR A 45 3.60 -4.41 -43.99
C TYR A 45 4.19 -5.67 -43.35
N ALA A 46 4.50 -5.62 -42.06
CA ALA A 46 5.01 -6.82 -41.41
C ALA A 46 3.90 -7.84 -41.15
N ILE A 47 2.66 -7.38 -40.96
CA ILE A 47 1.53 -8.30 -40.88
C ILE A 47 1.37 -9.04 -42.20
N TYR A 48 1.38 -8.30 -43.30
CA TYR A 48 1.25 -8.93 -44.62
C TYR A 48 2.46 -9.78 -44.96
N ASP A 49 3.63 -9.44 -44.42
CA ASP A 49 4.82 -10.28 -44.56
C ASP A 49 4.62 -11.62 -43.83
N LEU A 50 4.19 -11.56 -42.59
CA LEU A 50 4.13 -12.74 -41.73
C LEU A 50 2.87 -13.56 -41.93
N THR A 51 1.94 -13.09 -42.77
CA THR A 51 0.73 -13.85 -43.03
C THR A 51 0.60 -14.17 -44.50
N THR A 52 1.67 -14.65 -45.14
CA THR A 52 1.62 -15.06 -46.55
C THR A 52 0.66 -16.21 -46.77
N GLU A 53 0.97 -17.38 -46.22
CA GLU A 53 0.22 -18.59 -46.56
C GLU A 53 -0.90 -18.81 -45.55
N VAL A 54 -1.83 -17.87 -45.53
CA VAL A 54 -3.08 -18.01 -44.81
C VAL A 54 -4.19 -17.54 -45.75
N ARG A 55 -5.32 -18.24 -45.72
CA ARG A 55 -6.46 -17.91 -46.54
C ARG A 55 -7.49 -17.18 -45.70
N TYR A 56 -8.13 -16.17 -46.30
CA TYR A 56 -9.17 -15.43 -45.61
C TYR A 56 -10.37 -16.31 -45.29
N ASP A 57 -10.64 -17.32 -46.13
CA ASP A 57 -11.72 -18.25 -45.85
C ASP A 57 -11.40 -19.09 -44.61
N ASP A 58 -10.12 -19.36 -44.37
CA ASP A 58 -9.71 -20.15 -43.22
C ASP A 58 -9.88 -19.34 -41.93
N VAL A 59 -9.64 -18.03 -41.99
CA VAL A 59 -9.86 -17.15 -40.85
C VAL A 59 -11.34 -17.09 -40.50
N VAL A 60 -12.20 -17.03 -41.52
CA VAL A 60 -13.65 -17.02 -41.31
C VAL A 60 -14.09 -18.35 -40.72
N HIS A 61 -13.48 -19.45 -41.16
CA HIS A 61 -13.73 -20.76 -40.57
C HIS A 61 -13.38 -20.79 -39.09
N ALA A 62 -12.22 -20.23 -38.74
CA ALA A 62 -11.80 -20.27 -37.35
C ALA A 62 -12.58 -19.31 -36.47
N LEU A 63 -13.15 -18.23 -37.03
CA LEU A 63 -14.11 -17.45 -36.25
C LEU A 63 -15.41 -18.21 -36.07
N THR A 64 -15.91 -18.86 -37.11
CA THR A 64 -17.20 -19.55 -37.00
C THR A 64 -17.13 -20.79 -36.13
N THR A 65 -15.95 -21.36 -35.94
CA THR A 65 -15.78 -22.46 -34.99
C THR A 65 -14.81 -21.98 -33.91
N THR A 66 -15.35 -21.43 -32.82
CA THR A 66 -14.47 -20.86 -31.81
C THR A 66 -14.88 -21.18 -30.38
N LYS A 67 -15.72 -22.19 -30.16
CA LYS A 67 -16.02 -22.76 -28.84
C LYS A 67 -16.61 -21.75 -27.86
N ILE A 68 -17.89 -21.39 -28.02
CA ILE A 68 -18.62 -20.30 -27.36
C ILE A 68 -18.38 -20.18 -25.85
N SER A 69 -17.97 -21.26 -25.19
CA SER A 69 -17.45 -21.16 -23.84
C SER A 69 -16.19 -20.30 -23.78
N SER A 70 -15.33 -20.37 -24.80
CA SER A 70 -14.13 -19.53 -24.80
C SER A 70 -14.49 -18.05 -24.98
N VAL A 71 -15.50 -17.75 -25.79
CA VAL A 71 -15.89 -16.35 -25.95
C VAL A 71 -16.58 -15.84 -24.70
N LEU A 72 -17.34 -16.71 -24.01
CA LEU A 72 -17.93 -16.32 -22.74
C LEU A 72 -16.85 -16.09 -21.68
N LEU A 73 -15.79 -16.88 -21.72
CA LEU A 73 -14.72 -16.69 -20.76
C LEU A 73 -13.91 -15.44 -21.09
N ALA A 74 -13.82 -15.09 -22.37
CA ALA A 74 -13.20 -13.82 -22.73
C ALA A 74 -14.03 -12.64 -22.27
N LEU A 75 -15.36 -12.76 -22.31
CA LEU A 75 -16.21 -11.73 -21.72
C LEU A 75 -15.99 -11.62 -20.22
N LEU A 76 -15.81 -12.75 -19.54
CA LEU A 76 -15.55 -12.71 -18.11
C LEU A 76 -14.23 -12.02 -17.79
N PHE A 77 -13.19 -12.31 -18.56
CA PHE A 77 -11.91 -11.70 -18.26
C PHE A 77 -11.86 -10.24 -18.66
N THR A 78 -12.62 -9.83 -19.68
CA THR A 78 -12.76 -8.40 -19.96
C THR A 78 -13.49 -7.70 -18.84
N GLY A 79 -14.50 -8.35 -18.27
CA GLY A 79 -15.19 -7.78 -17.11
C GLY A 79 -14.27 -7.61 -15.92
N LEU A 80 -13.39 -8.58 -15.68
CA LEU A 80 -12.43 -8.42 -14.59
C LEU A 80 -11.40 -7.36 -14.88
N SER A 81 -11.00 -7.22 -16.15
CA SER A 81 -10.06 -6.18 -16.54
C SER A 81 -10.64 -4.79 -16.32
N PHE A 82 -11.88 -4.58 -16.68
CA PHE A 82 -12.45 -3.26 -16.45
C PHE A 82 -12.85 -3.02 -15.00
N ALA A 83 -13.09 -4.08 -14.22
CA ALA A 83 -13.19 -3.89 -12.78
C ALA A 83 -11.88 -3.39 -12.19
N SER A 84 -10.77 -3.97 -12.65
CA SER A 84 -9.48 -3.45 -12.20
C SER A 84 -9.21 -2.04 -12.73
N LEU A 85 -9.74 -1.68 -13.89
CA LEU A 85 -9.55 -0.30 -14.35
C LEU A 85 -10.33 0.69 -13.49
N ILE A 86 -11.52 0.29 -13.05
CA ILE A 86 -12.26 1.09 -12.07
C ILE A 86 -11.44 1.27 -10.81
N PHE A 87 -10.74 0.23 -10.37
CA PHE A 87 -9.94 0.42 -9.17
C PHE A 87 -8.63 1.17 -9.40
N TYR A 88 -8.09 1.22 -10.63
CA TYR A 88 -7.07 2.22 -10.97
C TYR A 88 -7.52 3.59 -10.58
N ASP A 89 -8.71 3.94 -11.03
CA ASP A 89 -9.07 5.34 -10.84
C ASP A 89 -9.55 5.62 -9.43
N GLN A 90 -10.22 4.67 -8.78
CA GLN A 90 -10.60 4.85 -7.38
C GLN A 90 -9.38 4.92 -6.48
N ASN A 91 -8.32 4.18 -6.82
CA ASN A 91 -7.06 4.31 -6.13
C ASN A 91 -6.45 5.69 -6.36
N ALA A 92 -6.56 6.21 -7.58
CA ALA A 92 -6.04 7.54 -7.89
C ALA A 92 -6.74 8.62 -7.10
N LEU A 93 -8.05 8.52 -6.96
CA LEU A 93 -8.79 9.48 -6.16
C LEU A 93 -8.59 9.28 -4.66
N GLU A 94 -8.22 8.09 -4.20
CA GLU A 94 -7.81 8.00 -2.82
C GLU A 94 -6.39 8.51 -2.60
N TYR A 95 -5.61 8.70 -3.66
CA TYR A 95 -4.27 9.20 -3.44
C TYR A 95 -4.24 10.69 -3.14
N ILE A 96 -5.04 11.49 -3.85
CA ILE A 96 -4.97 12.93 -3.68
C ILE A 96 -5.96 13.39 -2.62
N GLY A 97 -6.53 12.45 -1.88
CA GLY A 97 -7.43 12.76 -0.81
C GLY A 97 -8.87 12.97 -1.21
N LYS A 98 -9.12 13.29 -2.48
CA LYS A 98 -10.48 13.60 -2.91
C LYS A 98 -11.32 12.33 -3.01
N ARG A 99 -12.02 11.99 -1.94
CA ARG A 99 -12.83 10.78 -1.94
C ARG A 99 -14.17 11.07 -2.60
N LEU A 100 -14.38 10.52 -3.79
CA LEU A 100 -15.61 10.67 -4.54
C LEU A 100 -16.46 9.42 -4.43
N PRO A 101 -17.79 9.53 -4.61
CA PRO A 101 -18.63 8.32 -4.54
C PRO A 101 -18.37 7.39 -5.70
N PHE A 102 -18.52 6.10 -5.43
CA PHE A 102 -18.06 5.05 -6.33
C PHE A 102 -18.87 4.85 -7.61
N PRO A 103 -20.20 4.98 -7.68
CA PRO A 103 -20.85 4.85 -8.99
C PRO A 103 -20.62 6.02 -9.92
N HIS A 104 -20.01 7.11 -9.45
CA HIS A 104 -19.57 8.19 -10.32
C HIS A 104 -18.10 8.09 -10.65
N VAL A 105 -17.44 7.02 -10.23
CA VAL A 105 -16.08 6.75 -10.65
C VAL A 105 -16.00 5.47 -11.47
N ALA A 106 -16.87 4.50 -11.19
CA ALA A 106 -17.00 3.32 -12.03
C ALA A 106 -17.42 3.69 -13.43
N LEU A 107 -18.31 4.68 -13.57
CA LEU A 107 -18.72 5.06 -14.90
C LEU A 107 -17.65 5.88 -15.61
N THR A 108 -17.01 6.80 -14.91
CA THR A 108 -16.01 7.64 -15.55
C THR A 108 -14.66 7.00 -15.63
N SER A 109 -14.52 5.71 -15.30
CA SER A 109 -13.36 4.99 -15.76
C SER A 109 -13.66 3.61 -16.31
N PHE A 110 -14.92 3.23 -16.43
CA PHE A 110 -15.31 2.25 -17.40
C PHE A 110 -15.59 2.89 -18.75
N SER A 111 -15.76 4.21 -18.78
CA SER A 111 -15.91 4.94 -20.02
C SER A 111 -14.76 5.89 -20.26
N ALA A 112 -13.65 5.71 -19.56
CA ALA A 112 -12.41 6.38 -19.91
C ALA A 112 -11.41 5.43 -20.52
N TYR A 113 -11.48 4.16 -20.15
CA TYR A 113 -10.70 3.14 -20.80
C TYR A 113 -11.43 2.45 -21.93
N ALA A 114 -12.74 2.62 -22.02
CA ALA A 114 -13.42 2.15 -23.23
C ALA A 114 -13.06 3.02 -24.41
N VAL A 115 -12.64 4.25 -24.17
CA VAL A 115 -12.15 5.14 -25.20
C VAL A 115 -10.63 5.11 -25.28
N GLY A 116 -9.94 5.08 -24.14
CA GLY A 116 -8.48 5.08 -24.15
C GLY A 116 -7.87 3.84 -24.75
N ASN A 117 -8.58 2.71 -24.69
CA ASN A 117 -8.15 1.52 -25.39
C ASN A 117 -8.48 1.55 -26.86
N THR A 118 -9.22 2.56 -27.31
CA THR A 118 -9.63 2.70 -28.70
C THR A 118 -8.90 3.84 -29.39
N ALA A 119 -8.86 5.00 -28.76
CA ALA A 119 -8.27 6.18 -29.35
C ALA A 119 -7.15 6.69 -28.46
N GLY A 120 -6.26 7.48 -29.05
CA GLY A 120 -5.22 8.11 -28.29
C GLY A 120 -4.96 9.53 -28.75
N PHE A 121 -6.02 10.18 -29.24
CA PHE A 121 -5.89 11.48 -29.87
C PHE A 121 -5.94 12.57 -28.81
N GLY A 122 -6.10 13.81 -29.25
CA GLY A 122 -6.32 14.90 -28.33
C GLY A 122 -7.69 14.79 -27.69
N ALA A 123 -8.74 14.89 -28.50
CA ALA A 123 -10.08 14.95 -27.94
C ALA A 123 -10.57 13.59 -27.46
N LEU A 124 -9.99 12.50 -27.94
CA LEU A 124 -10.41 11.17 -27.53
C LEU A 124 -9.21 10.46 -26.92
N SER A 125 -9.08 10.57 -25.60
CA SER A 125 -8.06 9.85 -24.85
C SER A 125 -8.55 9.75 -23.42
N ALA A 126 -7.69 9.27 -22.53
CA ALA A 126 -8.03 9.26 -21.12
C ALA A 126 -8.07 10.67 -20.55
N GLY A 127 -7.24 11.56 -21.10
CA GLY A 127 -7.14 12.93 -20.65
C GLY A 127 -8.45 13.68 -20.79
N ALA A 128 -8.89 13.88 -22.02
CA ALA A 128 -10.08 14.67 -22.30
C ALA A 128 -11.39 13.97 -21.96
N ILE A 129 -11.34 12.84 -21.26
CA ILE A 129 -12.52 12.26 -20.65
C ILE A 129 -12.46 12.35 -19.13
N ARG A 130 -11.27 12.20 -18.55
CA ARG A 130 -11.14 12.52 -17.13
C ARG A 130 -11.43 14.00 -16.85
N TYR A 131 -11.01 14.90 -17.75
CA TYR A 131 -11.35 16.32 -17.58
C TYR A 131 -12.85 16.54 -17.66
N ARG A 132 -13.47 16.03 -18.72
CA ARG A 132 -14.90 16.30 -18.93
C ARG A 132 -15.77 15.56 -17.95
N ALA A 133 -15.26 14.52 -17.30
CA ALA A 133 -16.05 13.76 -16.37
C ALA A 133 -15.69 14.06 -14.93
N TYR A 134 -14.68 14.87 -14.68
CA TYR A 134 -14.40 15.26 -13.31
C TYR A 134 -14.66 16.74 -13.03
N THR A 135 -14.57 17.62 -14.02
CA THR A 135 -14.99 19.00 -13.79
C THR A 135 -16.48 19.09 -13.53
N ARG A 136 -17.27 18.24 -14.18
CA ARG A 136 -18.68 18.16 -13.84
C ARG A 136 -18.87 17.50 -12.49
N LEU A 137 -18.00 16.56 -12.13
CA LEU A 137 -18.24 15.77 -10.94
C LEU A 137 -17.86 16.51 -9.66
N GLY A 138 -16.83 17.35 -9.70
CA GLY A 138 -16.52 18.13 -8.52
C GLY A 138 -15.06 18.27 -8.17
N LEU A 139 -14.15 17.77 -8.99
CA LEU A 139 -12.75 17.96 -8.71
C LEU A 139 -12.31 19.35 -9.15
N SER A 140 -11.05 19.66 -8.90
CA SER A 140 -10.36 20.85 -9.33
C SER A 140 -9.43 20.52 -10.48
N PRO A 141 -9.28 21.41 -11.46
CA PRO A 141 -8.39 21.13 -12.60
C PRO A 141 -6.92 21.11 -12.25
N ASP A 142 -6.53 21.51 -11.05
CA ASP A 142 -5.19 21.23 -10.58
C ASP A 142 -5.09 19.83 -10.00
N ASP A 143 -6.21 19.13 -9.86
CA ASP A 143 -6.22 17.77 -9.34
C ASP A 143 -6.57 16.73 -10.37
N ILE A 144 -7.24 17.11 -11.47
CA ILE A 144 -7.46 16.15 -12.54
C ILE A 144 -6.16 15.93 -13.28
N THR A 145 -5.27 16.92 -13.26
CA THR A 145 -3.93 16.67 -13.78
C THR A 145 -3.06 15.92 -12.79
N ARG A 146 -3.55 15.60 -11.60
CA ARG A 146 -2.89 14.64 -10.75
C ARG A 146 -3.46 13.25 -10.93
N VAL A 147 -4.78 13.16 -11.09
CA VAL A 147 -5.45 11.89 -11.35
C VAL A 147 -4.96 11.30 -12.66
N ILE A 148 -4.97 12.09 -13.74
CA ILE A 148 -4.51 11.64 -15.05
C ILE A 148 -3.06 11.24 -15.02
N ALA A 149 -2.23 12.02 -14.34
CA ALA A 149 -0.81 11.77 -14.39
C ALA A 149 -0.42 10.58 -13.53
N PHE A 150 -1.05 10.41 -12.37
CA PHE A 150 -0.83 9.20 -11.57
C PHE A 150 -1.36 7.97 -12.27
N VAL A 151 -2.48 8.08 -12.99
CA VAL A 151 -3.01 6.96 -13.75
C VAL A 151 -2.09 6.57 -14.90
N THR A 152 -1.55 7.55 -15.62
CA THR A 152 -0.70 7.17 -16.75
C THR A 152 0.66 6.69 -16.31
N LEU A 153 1.22 7.23 -15.21
CA LEU A 153 2.43 6.62 -14.66
C LEU A 153 2.13 5.24 -14.14
N ALA A 154 0.92 5.03 -13.60
CA ALA A 154 0.53 3.74 -13.08
C ALA A 154 0.53 2.69 -14.17
N PHE A 155 -0.13 2.99 -15.29
CA PHE A 155 -0.19 2.01 -16.36
C PHE A 155 1.17 1.82 -17.02
N GLY A 156 1.90 2.90 -17.26
CA GLY A 156 3.17 2.76 -17.97
C GLY A 156 4.23 2.07 -17.14
N LEU A 157 4.40 2.52 -15.91
CA LEU A 157 5.45 1.97 -15.07
C LEU A 157 5.05 0.59 -14.56
N GLY A 158 3.75 0.34 -14.38
CA GLY A 158 3.33 -0.97 -13.96
C GLY A 158 3.40 -1.98 -15.07
N LEU A 159 3.09 -1.58 -16.30
CA LEU A 159 3.27 -2.46 -17.44
C LEU A 159 4.73 -2.74 -17.71
N ALA A 160 5.61 -1.77 -17.49
CA ALA A 160 7.03 -2.04 -17.68
C ALA A 160 7.55 -2.99 -16.61
N SER A 161 7.16 -2.78 -15.34
CA SER A 161 7.58 -3.69 -14.28
C SER A 161 7.00 -5.09 -14.47
N VAL A 162 5.75 -5.17 -14.90
CA VAL A 162 5.08 -6.45 -15.03
C VAL A 162 5.63 -7.22 -16.22
N GLY A 163 5.82 -6.55 -17.36
CA GLY A 163 6.46 -7.20 -18.48
C GLY A 163 7.89 -7.59 -18.23
N ALA A 164 8.62 -6.79 -17.45
CA ALA A 164 10.00 -7.13 -17.18
C ALA A 164 10.15 -8.15 -16.09
N MET A 165 9.13 -8.37 -15.28
CA MET A 165 9.19 -9.45 -14.31
C MET A 165 8.68 -10.76 -14.89
N ALA A 166 7.63 -10.72 -15.68
CA ALA A 166 7.18 -11.95 -16.33
C ALA A 166 7.99 -12.27 -17.57
N LEU A 167 8.88 -11.37 -18.00
CA LEU A 167 9.88 -11.72 -18.97
C LEU A 167 11.11 -12.29 -18.30
N LEU A 168 11.29 -11.98 -17.02
CA LEU A 168 12.45 -12.45 -16.27
C LEU A 168 12.32 -13.92 -15.94
N VAL A 169 11.12 -14.36 -15.56
CA VAL A 169 10.97 -15.74 -15.13
C VAL A 169 10.99 -16.69 -16.31
N ILE A 170 10.57 -16.25 -17.49
CA ILE A 170 10.56 -17.10 -18.67
C ILE A 170 11.13 -16.42 -19.90
N ALA A 171 12.41 -16.59 -20.13
CA ALA A 171 13.00 -16.36 -21.43
C ALA A 171 13.28 -17.68 -22.12
N ASP A 172 12.57 -18.71 -21.71
CA ASP A 172 12.73 -20.03 -22.29
C ASP A 172 11.44 -20.59 -22.83
N GLU A 173 10.30 -20.22 -22.28
CA GLU A 173 9.04 -20.61 -22.87
C GLU A 173 8.68 -19.74 -24.06
N ILE A 174 9.26 -18.55 -24.17
CA ILE A 174 9.06 -17.67 -25.32
C ILE A 174 10.36 -17.25 -25.99
N GLY A 175 11.50 -17.64 -25.44
CA GLY A 175 12.78 -17.31 -26.01
C GLY A 175 13.01 -17.89 -27.38
N PRO A 176 13.05 -19.23 -27.50
CA PRO A 176 13.27 -19.85 -28.80
C PRO A 176 12.13 -19.71 -29.79
N LEU A 177 10.99 -19.13 -29.41
CA LEU A 177 9.90 -18.96 -30.37
C LEU A 177 10.26 -17.95 -31.44
N ILE A 178 11.04 -16.93 -31.10
CA ILE A 178 11.59 -16.02 -32.09
C ILE A 178 13.06 -16.28 -32.32
N SER A 179 13.56 -17.42 -31.84
CA SER A 179 14.94 -17.88 -32.01
C SER A 179 15.95 -16.91 -31.44
N VAL A 180 15.57 -16.20 -30.38
CA VAL A 180 16.48 -15.36 -29.61
C VAL A 180 16.80 -16.11 -28.33
N ASP A 181 18.10 -16.22 -28.02
CA ASP A 181 18.56 -17.03 -26.90
C ASP A 181 18.06 -16.44 -25.59
N GLY A 182 17.91 -17.32 -24.59
CA GLY A 182 17.30 -16.96 -23.34
C GLY A 182 18.10 -16.00 -22.49
N LEU A 183 19.40 -15.85 -22.75
CA LEU A 183 20.18 -14.94 -21.94
C LEU A 183 19.89 -13.49 -22.30
N TRP A 184 19.65 -13.21 -23.58
CA TRP A 184 19.48 -11.82 -24.00
C TRP A 184 18.11 -11.28 -23.63
N LEU A 185 17.07 -12.11 -23.81
CA LEU A 185 15.72 -11.67 -23.48
C LEU A 185 15.54 -11.54 -21.98
N ARG A 186 16.25 -12.36 -21.20
CA ARG A 186 16.26 -12.18 -19.76
C ARG A 186 17.11 -10.99 -19.35
N LEU A 187 18.17 -10.69 -20.11
CA LEU A 187 19.06 -9.61 -19.73
C LEU A 187 18.42 -8.25 -19.97
N ILE A 188 17.58 -8.13 -21.00
CA ILE A 188 16.91 -6.84 -21.17
C ILE A 188 15.82 -6.67 -20.12
N ALA A 189 15.27 -7.77 -19.60
CA ALA A 189 14.31 -7.66 -18.51
C ALA A 189 15.02 -7.26 -17.21
N ILE A 190 16.24 -7.77 -17.00
CA ILE A 190 17.02 -7.31 -15.86
C ILE A 190 17.41 -5.85 -16.02
N ALA A 191 17.63 -5.40 -17.27
CA ALA A 191 17.92 -3.99 -17.50
C ALA A 191 16.72 -3.10 -17.15
N ILE A 192 15.52 -3.51 -17.57
CA ILE A 192 14.32 -2.74 -17.25
C ILE A 192 14.06 -2.73 -15.75
N LEU A 193 14.19 -3.89 -15.10
CA LEU A 193 13.96 -3.94 -13.66
C LEU A 193 15.01 -3.18 -12.87
N ALA A 194 16.26 -3.15 -13.34
CA ALA A 194 17.27 -2.37 -12.64
C ALA A 194 17.01 -0.88 -12.82
N ALA A 195 16.53 -0.48 -14.00
CA ALA A 195 16.18 0.91 -14.21
C ALA A 195 15.02 1.33 -13.32
N LEU A 196 14.00 0.47 -13.19
CA LEU A 196 12.84 0.89 -12.41
C LEU A 196 13.11 0.81 -10.92
N ALA A 197 13.97 -0.12 -10.49
CA ALA A 197 14.39 -0.12 -9.10
C ALA A 197 15.26 1.08 -8.79
N PHE A 198 16.04 1.55 -9.76
CA PHE A 198 16.78 2.79 -9.58
C PHE A 198 15.86 3.99 -9.46
N VAL A 199 14.78 4.00 -10.25
CA VAL A 199 13.81 5.10 -10.18
C VAL A 199 13.13 5.12 -8.82
N VAL A 200 12.73 3.95 -8.31
CA VAL A 200 12.05 3.90 -7.02
C VAL A 200 13.02 4.25 -5.88
N TYR A 201 14.24 3.73 -5.94
CA TYR A 201 15.23 4.01 -4.90
C TYR A 201 15.71 5.46 -4.95
N ALA A 202 15.64 6.12 -6.10
CA ALA A 202 15.84 7.55 -6.11
C ALA A 202 14.64 8.26 -5.48
N GLY A 203 13.44 7.88 -5.88
CA GLY A 203 12.24 8.51 -5.37
C GLY A 203 11.64 7.83 -4.16
N ARG A 204 12.48 7.42 -3.21
CA ARG A 204 12.03 6.91 -1.91
C ARG A 204 11.12 7.89 -1.16
N ASN A 205 11.67 9.03 -0.76
CA ASN A 205 10.96 9.99 0.08
C ASN A 205 10.95 11.33 -0.65
N GLY A 206 9.86 11.60 -1.37
CA GLY A 206 9.82 12.80 -2.19
C GLY A 206 10.83 12.69 -3.30
N ARG A 207 11.68 13.72 -3.41
CA ARG A 207 12.90 13.72 -4.22
C ARG A 207 12.58 13.46 -5.69
N GLU A 208 12.00 14.48 -6.32
CA GLU A 208 11.69 14.43 -7.74
C GLU A 208 12.95 14.13 -8.56
N VAL A 209 12.96 12.98 -9.20
CA VAL A 209 14.11 12.49 -9.92
C VAL A 209 13.91 12.76 -11.40
N ARG A 210 14.78 13.59 -11.96
CA ARG A 210 14.67 14.03 -13.34
C ARG A 210 15.38 13.00 -14.22
N ILE A 211 14.60 12.13 -14.87
CA ILE A 211 15.17 11.10 -15.72
C ILE A 211 15.40 11.60 -17.14
N GLY A 212 15.11 12.87 -17.40
CA GLY A 212 15.21 13.43 -18.73
C GLY A 212 14.36 14.66 -18.84
N PRO A 213 13.48 14.70 -19.84
CA PRO A 213 12.46 15.76 -19.84
C PRO A 213 11.41 15.55 -18.78
N VAL A 214 11.02 14.31 -18.52
CA VAL A 214 9.98 14.00 -17.55
C VAL A 214 10.64 13.77 -16.19
N ALA A 215 10.00 14.27 -15.14
CA ALA A 215 10.56 14.27 -13.79
C ALA A 215 9.59 13.52 -12.89
N VAL A 216 9.78 12.21 -12.77
CA VAL A 216 8.89 11.39 -11.95
C VAL A 216 9.11 11.69 -10.48
N ARG A 217 8.01 11.70 -9.73
CA ARG A 217 8.08 11.81 -8.27
C ARG A 217 7.07 10.79 -7.72
N LEU A 218 7.58 9.60 -7.45
CA LEU A 218 6.72 8.47 -7.19
C LEU A 218 6.02 8.60 -5.84
N PRO A 219 4.83 8.07 -5.73
CA PRO A 219 4.09 8.17 -4.47
C PRO A 219 4.61 7.28 -3.35
N ASP A 220 3.85 7.21 -2.26
CA ASP A 220 4.15 6.35 -1.12
C ASP A 220 4.37 4.91 -1.56
N SER A 221 5.21 4.19 -0.80
CA SER A 221 5.40 2.78 -1.07
C SER A 221 4.13 1.99 -0.77
N ARG A 222 3.27 2.52 0.09
CA ARG A 222 1.99 1.89 0.36
C ARG A 222 0.99 2.16 -0.74
N THR A 223 1.29 3.05 -1.68
CA THR A 223 0.36 3.44 -2.74
C THR A 223 0.76 2.91 -4.10
N TRP A 224 2.03 2.97 -4.48
CA TRP A 224 2.40 2.31 -5.72
C TRP A 224 2.37 0.80 -5.61
N SER A 225 2.37 0.23 -4.41
CA SER A 225 2.22 -1.21 -4.36
C SER A 225 0.78 -1.64 -4.60
N ARG A 226 -0.17 -0.95 -3.98
CA ARG A 226 -1.58 -1.19 -4.28
C ARG A 226 -1.87 -0.93 -5.74
N GLN A 227 -1.24 0.10 -6.29
CA GLN A 227 -1.39 0.41 -7.70
C GLN A 227 -0.75 -0.63 -8.58
N PHE A 228 0.32 -1.27 -8.10
CA PHE A 228 0.97 -2.33 -8.87
C PHE A 228 0.12 -3.58 -8.88
N LEU A 229 -0.55 -3.90 -7.77
CA LEU A 229 -1.51 -4.99 -7.79
C LEU A 229 -2.65 -4.72 -8.76
N VAL A 230 -3.15 -3.50 -8.77
CA VAL A 230 -4.27 -3.20 -9.65
C VAL A 230 -3.83 -3.22 -11.11
N THR A 231 -2.63 -2.73 -11.41
CA THR A 231 -2.20 -2.78 -12.81
C THR A 231 -1.74 -4.17 -13.23
N ALA A 232 -1.29 -5.02 -12.31
CA ALA A 232 -0.93 -6.36 -12.71
C ALA A 232 -2.17 -7.22 -12.88
N PHE A 233 -3.22 -6.96 -12.11
CA PHE A 233 -4.45 -7.69 -12.36
C PHE A 233 -5.13 -7.20 -13.62
N ASP A 234 -4.95 -5.93 -13.97
CA ASP A 234 -5.44 -5.43 -15.26
C ASP A 234 -4.75 -6.13 -16.42
N ILE A 235 -3.41 -6.15 -16.41
CA ILE A 235 -2.72 -6.74 -17.54
C ILE A 235 -2.84 -8.26 -17.53
N ALA A 236 -3.08 -8.89 -16.38
CA ALA A 236 -3.36 -10.32 -16.38
C ALA A 236 -4.72 -10.62 -16.96
N ALA A 237 -5.74 -9.89 -16.52
CA ALA A 237 -7.06 -10.17 -17.07
C ALA A 237 -7.28 -9.52 -18.43
N SER A 238 -6.30 -8.86 -19.00
CA SER A 238 -6.38 -8.49 -20.41
C SER A 238 -5.48 -9.31 -21.31
N ALA A 239 -4.47 -9.97 -20.75
CA ALA A 239 -3.80 -11.02 -21.52
C ALA A 239 -4.63 -12.27 -21.58
N SER A 240 -5.41 -12.53 -20.55
CA SER A 240 -6.17 -13.76 -20.56
C SER A 240 -7.38 -13.68 -21.47
N VAL A 241 -7.83 -12.49 -21.85
CA VAL A 241 -8.88 -12.37 -22.86
C VAL A 241 -8.38 -12.92 -24.19
N LEU A 242 -7.15 -12.63 -24.52
CA LEU A 242 -6.62 -13.16 -25.76
C LEU A 242 -6.12 -14.59 -25.60
N TYR A 243 -5.66 -14.96 -24.40
CA TYR A 243 -5.18 -16.33 -24.21
C TYR A 243 -6.31 -17.34 -24.25
N VAL A 244 -7.51 -16.97 -23.80
CA VAL A 244 -8.62 -17.89 -23.91
C VAL A 244 -9.08 -18.02 -25.37
N LEU A 245 -8.79 -17.02 -26.20
CA LEU A 245 -9.20 -17.10 -27.60
C LEU A 245 -8.17 -17.80 -28.49
N LEU A 246 -6.90 -17.81 -28.14
CA LEU A 246 -5.94 -18.64 -28.88
C LEU A 246 -6.18 -20.11 -28.63
N PRO A 247 -6.47 -20.92 -29.65
CA PRO A 247 -6.80 -22.32 -29.42
C PRO A 247 -5.57 -23.19 -29.22
N GLU A 248 -5.33 -23.58 -27.97
CA GLU A 248 -4.38 -24.62 -27.56
C GLU A 248 -2.96 -24.33 -28.05
N THR A 249 -2.39 -23.31 -27.43
CA THR A 249 -1.05 -22.87 -27.78
C THR A 249 -0.02 -23.90 -27.34
N SER A 250 1.20 -23.72 -27.84
CA SER A 250 2.33 -24.48 -27.31
C SER A 250 2.97 -23.78 -26.11
N ILE A 251 2.38 -22.68 -25.66
CA ILE A 251 2.87 -21.94 -24.51
C ILE A 251 1.79 -21.94 -23.44
N GLY A 252 2.23 -21.73 -22.20
CA GLY A 252 1.30 -21.70 -21.09
C GLY A 252 0.57 -20.39 -21.04
N TRP A 253 -0.01 -20.11 -19.86
CA TRP A 253 -0.47 -18.74 -19.62
C TRP A 253 0.70 -17.75 -19.54
N PRO A 254 1.70 -17.90 -18.66
CA PRO A 254 2.61 -16.76 -18.45
C PRO A 254 3.54 -16.50 -19.61
N GLY A 255 3.80 -17.49 -20.46
CA GLY A 255 4.53 -17.20 -21.69
C GLY A 255 3.75 -16.24 -22.57
N PHE A 256 2.45 -16.49 -22.70
CA PHE A 256 1.63 -15.56 -23.43
C PHE A 256 1.47 -14.25 -22.70
N PHE A 257 1.61 -14.25 -21.39
CA PHE A 257 1.52 -13.00 -20.66
C PHE A 257 2.75 -12.14 -20.87
N ALA A 258 3.90 -12.77 -21.00
CA ALA A 258 5.10 -12.01 -21.33
C ALA A 258 5.08 -11.55 -22.76
N ILE A 259 4.39 -12.27 -23.64
CA ILE A 259 4.22 -11.76 -25.01
C ILE A 259 3.27 -10.57 -25.01
N TYR A 260 2.21 -10.66 -24.22
CA TYR A 260 1.18 -9.64 -24.23
C TYR A 260 1.67 -8.35 -23.59
N ALA A 261 2.51 -8.44 -22.57
CA ALA A 261 3.00 -7.22 -21.96
C ALA A 261 4.13 -6.60 -22.74
N ILE A 262 4.61 -7.23 -23.81
CA ILE A 262 5.45 -6.56 -24.78
C ILE A 262 4.61 -6.00 -25.91
N ALA A 263 3.56 -6.73 -26.28
CA ALA A 263 2.70 -6.29 -27.37
C ALA A 263 1.94 -5.03 -27.01
N VAL A 264 1.33 -4.99 -25.82
CA VAL A 264 0.70 -3.76 -25.36
C VAL A 264 1.76 -2.71 -25.07
N GLY A 265 2.90 -3.13 -24.52
CA GLY A 265 3.97 -2.22 -24.16
C GLY A 265 4.65 -1.57 -25.33
N LEU A 266 4.42 -2.07 -26.54
CA LEU A 266 4.83 -1.35 -27.74
C LEU A 266 3.67 -0.74 -28.48
N GLY A 267 2.47 -1.31 -28.39
CA GLY A 267 1.33 -0.74 -29.08
C GLY A 267 0.84 0.54 -28.46
N VAL A 268 1.08 0.73 -27.16
CA VAL A 268 0.76 2.00 -26.54
C VAL A 268 1.98 2.91 -26.53
N LEU A 269 3.16 2.37 -26.81
CA LEU A 269 4.36 3.19 -26.89
C LEU A 269 4.42 3.97 -28.19
N SER A 270 3.79 3.48 -29.25
CA SER A 270 3.89 4.08 -30.57
C SER A 270 2.71 4.96 -30.91
N HIS A 271 1.87 5.31 -29.92
CA HIS A 271 0.78 6.29 -30.03
C HIS A 271 -0.27 5.96 -31.09
N VAL A 272 -0.28 4.74 -31.60
CA VAL A 272 -1.24 4.35 -32.64
C VAL A 272 -2.62 4.23 -32.02
N PRO A 273 -3.70 4.64 -32.72
CA PRO A 273 -5.06 4.35 -32.26
C PRO A 273 -5.29 2.90 -31.89
N ALA A 274 -5.69 2.68 -30.64
CA ALA A 274 -5.98 1.39 -30.00
C ALA A 274 -4.76 0.50 -29.84
N GLY A 275 -3.58 0.97 -30.24
CA GLY A 275 -2.47 0.08 -30.48
C GLY A 275 -2.91 -0.94 -31.50
N PHE A 276 -3.15 -0.52 -32.73
CA PHE A 276 -3.72 -1.46 -33.70
C PHE A 276 -2.62 -2.31 -34.31
N GLY A 277 -1.80 -1.67 -35.13
CA GLY A 277 -0.91 -2.42 -35.98
C GLY A 277 0.26 -3.01 -35.25
N VAL A 278 0.74 -2.33 -34.20
CA VAL A 278 1.93 -2.80 -33.52
C VAL A 278 1.60 -4.00 -32.64
N PHE A 279 0.45 -3.97 -31.98
CA PHE A 279 -0.04 -5.11 -31.21
C PHE A 279 -0.24 -6.32 -32.10
N GLU A 280 -0.91 -6.11 -33.25
CA GLU A 280 -1.13 -7.19 -34.20
C GLU A 280 0.19 -7.76 -34.71
N THR A 281 1.14 -6.90 -35.09
CA THR A 281 2.35 -7.45 -35.70
C THR A 281 3.28 -8.07 -34.67
N ILE A 282 3.25 -7.65 -33.40
CA ILE A 282 4.07 -8.32 -32.41
C ILE A 282 3.52 -9.70 -32.10
N ILE A 283 2.21 -9.84 -32.02
CA ILE A 283 1.67 -11.16 -31.71
C ILE A 283 1.78 -12.10 -32.90
N ILE A 284 1.60 -11.59 -34.13
CA ILE A 284 1.80 -12.43 -35.30
C ILE A 284 3.27 -12.81 -35.46
N ALA A 285 4.18 -11.88 -35.16
CA ALA A 285 5.61 -12.17 -35.26
C ALA A 285 6.04 -13.15 -34.18
N TRP A 286 5.32 -13.22 -33.07
CA TRP A 286 5.79 -14.08 -32.01
C TRP A 286 5.16 -15.46 -32.06
N LEU A 287 3.92 -15.58 -32.50
CA LEU A 287 3.18 -16.82 -32.34
C LEU A 287 2.95 -17.57 -33.65
N GLY A 288 3.28 -16.98 -34.80
CA GLY A 288 3.19 -17.73 -36.04
C GLY A 288 4.20 -18.85 -36.11
N SER A 289 5.34 -18.69 -35.45
CA SER A 289 6.30 -19.77 -35.33
C SER A 289 5.80 -20.87 -34.41
N SER A 290 4.93 -20.53 -33.46
CA SER A 290 4.41 -21.55 -32.55
C SER A 290 3.15 -22.20 -33.10
N VAL A 291 2.11 -21.41 -33.33
CA VAL A 291 0.80 -21.94 -33.67
C VAL A 291 0.38 -21.40 -35.04
N ASN A 292 -0.72 -21.95 -35.54
CA ASN A 292 -1.17 -21.68 -36.90
C ASN A 292 -1.66 -20.26 -37.02
N GLU A 293 -1.28 -19.58 -38.11
CA GLU A 293 -1.50 -18.14 -38.22
C GLU A 293 -2.97 -17.77 -38.37
N ASP A 294 -3.78 -18.67 -38.95
CA ASP A 294 -5.21 -18.41 -39.05
C ASP A 294 -5.84 -18.34 -37.67
N ALA A 295 -5.36 -19.14 -36.74
CA ALA A 295 -5.87 -19.11 -35.38
C ALA A 295 -5.48 -17.81 -34.68
N VAL A 296 -4.30 -17.28 -34.97
CA VAL A 296 -3.88 -16.06 -34.29
C VAL A 296 -4.62 -14.86 -34.88
N LEU A 297 -4.88 -14.86 -36.19
CA LEU A 297 -5.73 -13.79 -36.73
C LEU A 297 -7.16 -13.90 -36.25
N SER A 298 -7.69 -15.12 -36.15
CA SER A 298 -9.06 -15.29 -35.69
C SER A 298 -9.22 -15.01 -34.22
N SER A 299 -8.14 -15.11 -33.46
CA SER A 299 -8.18 -14.70 -32.08
C SER A 299 -7.90 -13.22 -31.89
N LEU A 300 -7.12 -12.60 -32.77
CA LEU A 300 -6.89 -11.17 -32.62
C LEU A 300 -8.09 -10.35 -33.05
N VAL A 301 -8.79 -10.76 -34.12
CA VAL A 301 -9.99 -10.02 -34.51
C VAL A 301 -11.08 -10.18 -33.46
N LEU A 302 -11.26 -11.40 -32.98
CA LEU A 302 -12.22 -11.66 -31.92
C LEU A 302 -11.70 -11.20 -30.56
N TYR A 303 -10.45 -10.77 -30.46
CA TYR A 303 -10.00 -10.05 -29.28
C TYR A 303 -10.35 -8.59 -29.35
N ARG A 304 -10.11 -7.97 -30.51
CA ARG A 304 -10.39 -6.55 -30.65
C ARG A 304 -11.87 -6.27 -30.50
N VAL A 305 -12.71 -7.19 -31.01
CA VAL A 305 -14.16 -7.06 -30.78
C VAL A 305 -14.48 -7.10 -29.29
N ILE A 306 -14.11 -8.19 -28.62
CA ILE A 306 -14.56 -8.45 -27.26
C ILE A 306 -13.96 -7.45 -26.27
N TYR A 307 -12.72 -7.03 -26.49
CA TYR A 307 -12.07 -6.16 -25.52
C TYR A 307 -12.10 -4.68 -25.88
N ASN A 308 -12.38 -4.30 -27.13
CA ASN A 308 -12.38 -2.89 -27.45
C ASN A 308 -13.70 -2.37 -27.99
N VAL A 309 -14.70 -3.22 -28.22
CA VAL A 309 -15.99 -2.77 -28.76
C VAL A 309 -17.13 -3.07 -27.80
N ILE A 310 -17.15 -4.29 -27.25
CA ILE A 310 -18.08 -4.61 -26.17
C ILE A 310 -17.97 -3.69 -24.96
N PRO A 311 -16.78 -3.24 -24.51
CA PRO A 311 -16.78 -2.18 -23.48
C PRO A 311 -17.35 -0.86 -23.93
N LEU A 312 -17.17 -0.46 -25.19
CA LEU A 312 -17.84 0.72 -25.69
C LEU A 312 -19.35 0.54 -25.73
N VAL A 313 -19.81 -0.64 -26.12
CA VAL A 313 -21.26 -0.89 -26.19
C VAL A 313 -21.88 -0.90 -24.80
N ILE A 314 -21.19 -1.47 -23.82
CA ILE A 314 -21.70 -1.46 -22.45
C ILE A 314 -21.65 -0.05 -21.87
N ALA A 315 -20.61 0.71 -22.18
CA ALA A 315 -20.53 2.08 -21.70
C ALA A 315 -21.58 2.97 -22.34
N ILE A 316 -21.95 2.69 -23.58
CA ILE A 316 -23.03 3.45 -24.22
C ILE A 316 -24.36 3.08 -23.60
N ALA A 317 -24.64 1.78 -23.49
CA ALA A 317 -25.94 1.32 -23.02
C ALA A 317 -26.18 1.69 -21.58
N ALA A 318 -25.14 1.71 -20.74
CA ALA A 318 -25.33 2.12 -19.35
C ALA A 318 -25.55 3.62 -19.21
N ILE A 319 -25.36 4.39 -20.27
CA ILE A 319 -25.80 5.78 -20.26
C ILE A 319 -27.21 5.90 -20.84
N SER A 320 -27.45 5.23 -21.97
CA SER A 320 -28.70 5.42 -22.69
C SER A 320 -29.88 4.83 -21.94
N VAL A 321 -29.69 3.66 -21.31
CA VAL A 321 -30.75 3.05 -20.53
C VAL A 321 -31.08 3.90 -19.30
N ALA A 322 -30.06 4.44 -18.64
CA ALA A 322 -30.30 5.35 -17.52
C ALA A 322 -30.88 6.68 -17.97
N GLU A 323 -30.66 7.06 -19.23
CA GLU A 323 -31.27 8.27 -19.78
C GLU A 323 -32.74 8.05 -20.07
N LEU A 324 -33.10 6.88 -20.61
CA LEU A 324 -34.50 6.55 -20.86
C LEU A 324 -35.26 6.38 -19.56
N ARG A 325 -34.72 5.61 -18.61
CA ARG A 325 -35.40 5.44 -17.32
C ARG A 325 -35.18 6.65 -16.43
N SER A 334 -28.49 5.07 -9.80
CA SER A 334 -29.84 5.10 -10.34
C SER A 334 -29.92 5.92 -11.62
N SER A 335 -29.74 7.23 -11.50
CA SER A 335 -29.77 8.13 -12.65
C SER A 335 -28.60 9.10 -12.55
N MET A 336 -27.73 9.06 -13.55
CA MET A 336 -26.49 9.83 -13.62
C MET A 336 -26.44 10.64 -14.91
N ARG A 337 -27.54 11.36 -15.17
CA ARG A 337 -27.77 11.99 -16.47
C ARG A 337 -26.79 13.12 -16.75
N ARG A 338 -26.27 13.78 -15.70
CA ARG A 338 -25.28 14.82 -15.93
C ARG A 338 -23.95 14.25 -16.42
N ILE A 339 -23.48 13.16 -15.81
CA ILE A 339 -22.20 12.61 -16.21
C ILE A 339 -22.36 11.85 -17.52
N GLY A 340 -23.57 11.36 -17.79
CA GLY A 340 -23.84 10.80 -19.11
C GLY A 340 -23.88 11.86 -20.17
N ALA A 341 -24.39 13.03 -19.84
CA ALA A 341 -24.44 14.11 -20.82
C ALA A 341 -23.07 14.69 -21.10
N ARG A 342 -22.15 14.60 -20.14
CA ARG A 342 -20.81 15.04 -20.45
C ARG A 342 -19.94 13.95 -21.09
N LEU A 343 -20.32 12.67 -20.96
CA LEU A 343 -19.49 11.63 -21.54
C LEU A 343 -20.01 11.02 -22.84
N MET A 344 -21.30 11.16 -23.14
CA MET A 344 -21.87 10.53 -24.32
C MET A 344 -21.30 10.98 -25.67
N PRO A 345 -20.98 12.26 -25.92
CA PRO A 345 -20.33 12.56 -27.21
C PRO A 345 -18.95 11.98 -27.36
N GLN A 346 -18.17 11.90 -26.28
CA GLN A 346 -16.85 11.27 -26.37
C GLN A 346 -16.97 9.79 -26.66
N LEU A 347 -17.90 9.11 -25.98
CA LEU A 347 -18.10 7.70 -26.20
C LEU A 347 -18.61 7.40 -27.60
N LEU A 348 -19.57 8.18 -28.09
CA LEU A 348 -20.07 7.97 -29.44
C LEU A 348 -19.02 8.28 -30.48
N SER A 349 -18.19 9.28 -30.23
CA SER A 349 -17.16 9.59 -31.21
C SER A 349 -16.01 8.60 -31.17
N ALA A 350 -15.84 7.87 -30.08
CA ALA A 350 -14.85 6.81 -30.09
C ALA A 350 -15.44 5.49 -30.57
N PHE A 351 -16.76 5.37 -30.55
CA PHE A 351 -17.40 4.17 -31.05
C PHE A 351 -17.64 4.22 -32.54
N ALA A 352 -17.94 5.39 -33.07
CA ALA A 352 -18.08 5.55 -34.50
C ALA A 352 -16.78 5.34 -35.25
N LEU A 353 -15.64 5.55 -34.62
CA LEU A 353 -14.37 5.30 -35.28
C LEU A 353 -14.11 3.81 -35.47
N LEU A 354 -14.38 2.99 -34.45
CA LEU A 354 -14.29 1.54 -34.63
C LEU A 354 -15.39 1.02 -35.53
N LEU A 355 -16.56 1.65 -35.51
CA LEU A 355 -17.61 1.31 -36.45
C LEU A 355 -17.17 1.57 -37.88
N GLY A 356 -16.47 2.68 -38.11
CA GLY A 356 -15.96 2.97 -39.45
C GLY A 356 -14.87 2.02 -39.88
N MET A 357 -13.99 1.63 -38.94
CA MET A 357 -13.01 0.58 -39.24
C MET A 357 -13.69 -0.71 -39.64
N MET A 358 -14.77 -1.08 -38.93
CA MET A 358 -15.49 -2.29 -39.24
C MET A 358 -16.21 -2.19 -40.58
N LEU A 359 -16.76 -1.01 -40.90
CA LEU A 359 -17.43 -0.81 -42.19
C LEU A 359 -16.47 -0.89 -43.36
N VAL A 360 -15.30 -0.27 -43.24
CA VAL A 360 -14.36 -0.32 -44.35
C VAL A 360 -13.76 -1.71 -44.50
N PHE A 361 -13.44 -2.36 -43.36
CA PHE A 361 -12.88 -3.70 -43.43
C PHE A 361 -13.88 -4.75 -43.86
N SER A 362 -15.18 -4.51 -43.68
CA SER A 362 -16.17 -5.45 -44.18
C SER A 362 -16.72 -5.06 -45.53
N SER A 363 -16.43 -3.85 -46.00
CA SER A 363 -16.71 -3.54 -47.40
C SER A 363 -15.64 -4.11 -48.30
N VAL A 364 -14.38 -4.13 -47.85
CA VAL A 364 -13.32 -4.63 -48.71
C VAL A 364 -13.32 -6.15 -48.79
N THR A 365 -13.58 -6.83 -47.67
CA THR A 365 -13.64 -8.29 -47.69
C THR A 365 -14.92 -8.76 -48.38
N PRO A 366 -14.83 -9.70 -49.32
CA PRO A 366 -15.93 -9.94 -50.25
C PRO A 366 -16.88 -11.06 -49.80
N THR A 367 -18.09 -10.97 -50.32
CA THR A 367 -19.10 -12.00 -50.40
C THR A 367 -19.55 -12.10 -51.85
N PRO A 368 -19.96 -13.29 -52.32
CA PRO A 368 -20.32 -13.44 -53.75
C PRO A 368 -21.52 -12.63 -54.20
N ASP A 369 -22.65 -12.75 -53.50
CA ASP A 369 -23.86 -12.01 -53.86
C ASP A 369 -23.74 -10.58 -53.35
N HIS A 370 -23.61 -9.63 -54.28
CA HIS A 370 -23.50 -8.23 -53.92
C HIS A 370 -24.46 -7.40 -54.76
N ASN A 371 -25.01 -6.35 -54.15
CA ASN A 371 -25.92 -5.43 -54.82
C ASN A 371 -25.11 -4.57 -55.79
N LEU A 372 -25.19 -4.91 -57.08
CA LEU A 372 -24.60 -4.06 -58.12
C LEU A 372 -25.62 -2.97 -58.46
N ILE A 373 -25.66 -1.95 -57.59
CA ILE A 373 -26.69 -0.92 -57.68
C ILE A 373 -26.45 0.05 -58.83
N VAL A 374 -25.21 0.13 -59.31
CA VAL A 374 -24.74 1.06 -60.35
C VAL A 374 -25.07 2.52 -60.00
N GLU A 385 -17.04 -3.81 -59.38
CA GLU A 385 -15.87 -3.47 -58.57
C GLU A 385 -16.04 -2.08 -57.97
N SER A 386 -17.20 -1.47 -58.20
CA SER A 386 -17.49 -0.13 -57.72
C SER A 386 -18.81 -0.03 -56.97
N ALA A 387 -19.47 -1.16 -56.68
CA ALA A 387 -20.76 -1.11 -56.02
C ALA A 387 -20.66 -1.22 -54.50
N HIS A 388 -19.59 -1.83 -53.98
CA HIS A 388 -19.32 -1.79 -52.55
C HIS A 388 -18.49 -0.58 -52.16
N PHE A 389 -18.09 0.24 -53.14
CA PHE A 389 -17.41 1.50 -52.85
C PHE A 389 -18.33 2.48 -52.12
N LEU A 390 -19.65 2.32 -52.27
CA LEU A 390 -20.60 3.08 -51.47
C LEU A 390 -20.43 2.79 -49.98
N SER A 391 -20.17 1.53 -49.63
CA SER A 391 -20.03 1.16 -48.22
C SER A 391 -18.74 1.72 -47.61
N SER A 392 -17.63 1.63 -48.34
CA SER A 392 -16.38 2.23 -47.89
C SER A 392 -16.49 3.75 -47.80
N LEU A 393 -17.23 4.35 -48.72
CA LEU A 393 -17.51 5.78 -48.65
C LEU A 393 -18.29 6.13 -47.39
N LEU A 394 -19.29 5.30 -47.05
CA LEU A 394 -20.06 5.52 -45.83
C LEU A 394 -19.20 5.37 -44.58
N GLY A 395 -18.27 4.41 -44.60
CA GLY A 395 -17.41 4.22 -43.44
C GLY A 395 -16.45 5.37 -43.22
N LEU A 396 -15.85 5.87 -44.29
CA LEU A 396 -14.95 7.00 -44.11
C LEU A 396 -15.73 8.27 -43.79
N ALA A 397 -16.96 8.38 -44.30
CA ALA A 397 -17.82 9.50 -43.92
C ALA A 397 -18.21 9.42 -42.46
N ILE A 398 -18.40 8.22 -41.92
CA ILE A 398 -18.80 8.14 -40.52
C ILE A 398 -17.61 8.33 -39.59
N ILE A 399 -16.37 8.09 -40.03
CA ILE A 399 -15.30 8.47 -39.11
C ILE A 399 -15.01 9.97 -39.18
N VAL A 400 -15.27 10.62 -40.32
CA VAL A 400 -15.26 12.08 -40.34
C VAL A 400 -16.39 12.63 -39.45
N ALA A 401 -17.55 11.96 -39.46
CA ALA A 401 -18.62 12.32 -38.55
C ALA A 401 -18.26 12.03 -37.10
N ALA A 402 -17.36 11.09 -36.85
CA ALA A 402 -16.89 10.88 -35.48
C ALA A 402 -16.03 12.04 -35.00
N ARG A 403 -15.17 12.56 -35.88
CA ARG A 403 -14.45 13.81 -35.57
C ARG A 403 -15.42 14.95 -35.32
N GLY A 404 -16.55 14.96 -36.01
CA GLY A 404 -17.57 15.94 -35.71
C GLY A 404 -18.24 15.71 -34.36
N LEU A 405 -18.52 14.45 -34.03
CA LEU A 405 -19.27 14.14 -32.82
C LEU A 405 -18.48 14.40 -31.54
N SER A 406 -17.15 14.26 -31.58
CA SER A 406 -16.37 14.64 -30.41
C SER A 406 -16.41 16.14 -30.20
N GLN A 407 -16.34 16.90 -31.29
CA GLN A 407 -16.56 18.34 -31.28
C GLN A 407 -18.01 18.72 -31.04
N ARG A 408 -18.91 17.73 -31.07
CA ARG A 408 -20.32 17.83 -30.68
C ARG A 408 -21.07 18.83 -31.56
N LEU A 409 -21.11 18.52 -32.85
CA LEU A 409 -21.75 19.36 -33.84
C LEU A 409 -23.18 18.87 -34.06
N ASP A 410 -23.86 19.45 -35.04
CA ASP A 410 -25.19 19.01 -35.45
C ASP A 410 -25.17 18.29 -36.79
N GLY A 411 -24.41 18.83 -37.75
CA GLY A 411 -24.17 18.11 -38.98
C GLY A 411 -23.47 16.79 -38.78
N ALA A 412 -22.67 16.69 -37.70
CA ALA A 412 -22.13 15.40 -37.29
C ALA A 412 -23.22 14.42 -36.93
N TRP A 413 -24.25 14.88 -36.22
CA TRP A 413 -25.35 13.99 -35.87
C TRP A 413 -26.11 13.56 -37.10
N TRP A 414 -26.39 14.50 -38.02
CA TRP A 414 -27.13 14.17 -39.23
C TRP A 414 -26.36 13.19 -40.11
N VAL A 415 -25.08 13.47 -40.35
CA VAL A 415 -24.26 12.63 -41.22
C VAL A 415 -24.03 11.27 -40.60
N SER A 416 -23.77 11.21 -39.29
CA SER A 416 -23.52 9.94 -38.65
C SER A 416 -24.78 9.08 -38.56
N THR A 417 -25.93 9.69 -38.22
CA THR A 417 -27.19 8.95 -38.15
C THR A 417 -27.59 8.43 -39.54
N PHE A 418 -27.59 9.32 -40.54
CA PHE A 418 -28.04 8.90 -41.87
C PHE A 418 -27.05 7.97 -42.54
N SER A 419 -25.75 8.16 -42.32
CA SER A 419 -24.76 7.27 -42.91
C SER A 419 -24.79 5.90 -42.25
N ALA A 420 -25.09 5.86 -40.95
CA ALA A 420 -25.29 4.57 -40.31
C ALA A 420 -26.57 3.91 -40.79
N LEU A 421 -27.61 4.68 -41.08
CA LEU A 421 -28.84 4.09 -41.62
C LEU A 421 -28.63 3.56 -43.04
N PHE A 422 -27.89 4.30 -43.87
CA PHE A 422 -27.57 3.81 -45.21
C PHE A 422 -26.72 2.54 -45.13
N ALA A 423 -25.76 2.50 -44.21
CA ALA A 423 -25.00 1.27 -44.03
C ALA A 423 -25.88 0.14 -43.49
N LEU A 424 -26.92 0.48 -42.73
CA LEU A 424 -27.82 -0.53 -42.19
C LEU A 424 -28.62 -1.23 -43.28
N PHE A 425 -29.32 -0.46 -44.12
CA PHE A 425 -30.08 -1.14 -45.16
C PHE A 425 -29.32 -1.26 -46.48
N PHE A 426 -28.01 -1.05 -46.49
CA PHE A 426 -27.18 -1.55 -47.58
C PHE A 426 -26.17 -2.57 -47.12
N SER A 427 -26.25 -3.00 -45.86
CA SER A 427 -25.53 -4.18 -45.41
C SER A 427 -26.41 -5.29 -44.89
N LEU A 428 -27.66 -4.98 -44.50
CA LEU A 428 -28.57 -6.02 -44.03
C LEU A 428 -29.12 -6.84 -45.18
N LEU A 429 -29.16 -6.27 -46.38
CA LEU A 429 -29.68 -6.97 -47.55
C LEU A 429 -28.78 -8.12 -47.99
N LYS A 430 -27.50 -8.11 -47.62
CA LYS A 430 -26.58 -9.13 -48.08
C LYS A 430 -26.77 -10.44 -47.32
N ALA A 431 -26.53 -10.40 -46.01
CA ALA A 431 -26.69 -11.58 -45.16
C ALA A 431 -27.33 -11.12 -43.86
N ILE A 432 -27.35 -12.02 -42.87
CA ILE A 432 -27.86 -11.64 -41.55
C ILE A 432 -26.81 -10.83 -40.81
N ALA A 433 -25.65 -11.45 -40.52
CA ALA A 433 -24.44 -10.81 -39.99
C ALA A 433 -24.73 -10.06 -38.69
N ILE A 434 -25.01 -10.85 -37.65
CA ILE A 434 -25.55 -10.32 -36.39
C ILE A 434 -24.59 -9.38 -35.70
N VAL A 435 -23.27 -9.57 -35.88
CA VAL A 435 -22.29 -8.68 -35.26
C VAL A 435 -22.36 -7.31 -35.92
N GLU A 436 -22.22 -7.28 -37.25
CA GLU A 436 -22.26 -6.05 -38.03
C GLU A 436 -23.57 -5.30 -37.84
N ALA A 437 -24.68 -5.98 -38.12
CA ALA A 437 -26.00 -5.35 -38.09
C ALA A 437 -26.40 -4.95 -36.68
N GLY A 438 -26.13 -5.80 -35.69
CA GLY A 438 -26.52 -5.49 -34.33
C GLY A 438 -25.70 -4.34 -33.75
N LEU A 439 -24.39 -4.34 -34.02
CA LEU A 439 -23.51 -3.28 -33.54
C LEU A 439 -23.87 -1.94 -34.16
N LEU A 440 -24.13 -1.93 -35.46
CA LEU A 440 -24.46 -0.69 -36.14
C LEU A 440 -25.86 -0.21 -35.78
N ALA A 441 -26.80 -1.14 -35.58
CA ALA A 441 -28.14 -0.74 -35.16
C ALA A 441 -28.12 -0.21 -33.73
N PHE A 442 -27.21 -0.71 -32.91
CA PHE A 442 -27.00 -0.14 -31.59
C PHE A 442 -26.47 1.28 -31.67
N PHE A 443 -25.57 1.54 -32.63
CA PHE A 443 -25.10 2.90 -32.87
C PHE A 443 -26.25 3.82 -33.29
N VAL A 444 -27.11 3.35 -34.19
CA VAL A 444 -28.26 4.15 -34.63
C VAL A 444 -29.21 4.42 -33.47
N PHE A 445 -29.43 3.40 -32.62
CA PHE A 445 -30.28 3.52 -31.44
C PHE A 445 -29.76 4.58 -30.49
N SER A 446 -28.48 4.49 -30.14
CA SER A 446 -27.87 5.46 -29.22
C SER A 446 -27.87 6.86 -29.80
N LEU A 447 -27.63 6.98 -31.09
CA LEU A 447 -27.50 8.29 -31.68
C LEU A 447 -28.85 8.96 -31.91
N VAL A 448 -29.92 8.18 -32.05
CA VAL A 448 -31.28 8.74 -32.00
C VAL A 448 -31.61 9.14 -30.56
N VAL A 449 -31.16 8.36 -29.59
CA VAL A 449 -31.42 8.67 -28.18
C VAL A 449 -30.74 9.98 -27.76
N SER A 450 -29.53 10.24 -28.25
CA SER A 450 -28.81 11.43 -27.84
C SER A 450 -28.97 12.60 -28.81
N ARG A 451 -30.12 12.74 -29.47
CA ARG A 451 -30.39 13.95 -30.25
C ARG A 451 -30.58 15.15 -29.33
N ARG A 452 -31.40 14.96 -28.28
CA ARG A 452 -31.67 15.99 -27.29
C ARG A 452 -30.44 16.35 -26.47
N LEU A 453 -29.42 15.50 -26.50
CA LEU A 453 -28.14 15.82 -25.89
C LEU A 453 -27.49 17.04 -26.52
N PHE A 454 -27.49 17.13 -27.85
CA PHE A 454 -26.73 18.19 -28.46
C PHE A 454 -27.37 18.70 -29.74
N LYS A 455 -27.34 20.03 -29.89
CA LYS A 455 -27.90 20.73 -31.03
C LYS A 455 -26.95 21.81 -31.54
N ARG A 456 -25.68 21.73 -31.18
CA ARG A 456 -24.72 22.81 -31.43
C ARG A 456 -24.37 22.90 -32.91
N PRO A 457 -24.63 24.02 -33.59
CA PRO A 457 -24.39 24.08 -35.03
C PRO A 457 -23.01 24.61 -35.40
N ALA A 458 -22.37 23.94 -36.35
CA ALA A 458 -21.16 24.42 -37.00
C ALA A 458 -20.99 23.66 -38.31
N SER A 459 -19.90 23.95 -39.01
CA SER A 459 -19.60 23.30 -40.27
C SER A 459 -18.79 22.04 -40.01
N LEU A 460 -19.32 20.90 -40.47
CA LEU A 460 -18.72 19.60 -40.18
C LEU A 460 -17.37 19.44 -40.85
N LEU A 461 -17.18 20.06 -42.00
CA LEU A 461 -15.96 19.87 -42.77
C LEU A 461 -14.95 20.99 -42.60
N ASN A 462 -15.41 22.21 -42.30
CA ASN A 462 -14.53 23.37 -42.39
C ASN A 462 -13.53 23.50 -41.26
N GLN A 463 -13.57 22.65 -40.23
CA GLN A 463 -12.40 22.57 -39.37
C GLN A 463 -11.29 21.87 -40.16
N THR A 464 -10.07 22.36 -40.01
CA THR A 464 -9.03 21.92 -40.93
C THR A 464 -8.49 20.55 -40.54
N LEU A 465 -7.80 20.48 -39.41
CA LEU A 465 -7.01 19.30 -39.13
C LEU A 465 -6.54 19.32 -37.69
N THR A 466 -6.51 18.15 -37.07
CA THR A 466 -5.78 17.93 -35.84
C THR A 466 -4.61 17.00 -36.15
N ALA A 467 -3.71 16.87 -35.17
CA ALA A 467 -2.63 15.91 -35.33
C ALA A 467 -3.14 14.48 -35.25
N GLY A 468 -4.26 14.25 -34.58
CA GLY A 468 -4.69 12.90 -34.33
C GLY A 468 -5.67 12.34 -35.34
N TRP A 469 -6.61 13.15 -35.81
CA TRP A 469 -7.63 12.61 -36.68
C TRP A 469 -7.09 12.28 -38.06
N LEU A 470 -6.00 12.94 -38.48
CA LEU A 470 -5.30 12.49 -39.69
C LEU A 470 -4.73 11.10 -39.48
N THR A 471 -4.25 10.80 -38.27
CA THR A 471 -3.77 9.45 -37.98
C THR A 471 -4.92 8.46 -37.98
N ALA A 472 -6.11 8.87 -37.52
CA ALA A 472 -7.28 8.00 -37.58
C ALA A 472 -7.65 7.66 -39.02
N ILE A 473 -7.79 8.68 -39.86
CA ILE A 473 -8.14 8.49 -41.28
C ILE A 473 -7.10 7.65 -41.98
N ALA A 474 -5.82 7.92 -41.72
CA ALA A 474 -4.76 7.24 -42.43
C ALA A 474 -4.58 5.81 -41.96
N VAL A 475 -4.84 5.53 -40.67
CA VAL A 475 -4.77 4.16 -40.19
C VAL A 475 -5.92 3.34 -40.78
N VAL A 476 -7.11 3.95 -40.92
CA VAL A 476 -8.22 3.26 -41.58
C VAL A 476 -7.88 2.99 -43.05
N CYS A 477 -7.28 3.97 -43.73
CA CYS A 477 -6.95 3.81 -45.15
C CYS A 477 -5.85 2.77 -45.36
N ILE A 478 -4.78 2.81 -44.58
CA ILE A 478 -3.65 1.90 -44.78
C ILE A 478 -4.02 0.49 -44.33
N GLY A 479 -4.78 0.37 -43.24
CA GLY A 479 -5.31 -0.92 -42.88
C GLY A 479 -6.25 -1.50 -43.91
N ALA A 480 -7.01 -0.64 -44.60
CA ALA A 480 -7.87 -1.12 -45.68
C ALA A 480 -7.06 -1.60 -46.87
N ILE A 481 -5.98 -0.88 -47.19
CA ILE A 481 -5.09 -1.29 -48.27
C ILE A 481 -4.44 -2.63 -47.94
N VAL A 482 -4.09 -2.84 -46.68
CA VAL A 482 -3.48 -4.11 -46.30
C VAL A 482 -4.50 -5.25 -46.24
N VAL A 483 -5.75 -4.95 -45.87
CA VAL A 483 -6.82 -5.94 -45.96
C VAL A 483 -7.08 -6.32 -47.42
N LEU A 484 -7.02 -5.34 -48.33
CA LEU A 484 -7.25 -5.62 -49.74
C LEU A 484 -6.12 -6.45 -50.33
N PHE A 485 -4.86 -6.04 -50.09
CA PHE A 485 -3.71 -6.83 -50.52
C PHE A 485 -3.63 -8.19 -49.85
N PHE A 486 -4.23 -8.33 -48.67
CA PHE A 486 -4.27 -9.60 -47.97
C PHE A 486 -5.30 -10.53 -48.60
N VAL A 487 -6.49 -10.04 -48.88
CA VAL A 487 -7.58 -10.91 -49.27
C VAL A 487 -7.46 -11.33 -50.72
N TYR A 488 -7.34 -10.38 -51.64
CA TYR A 488 -7.33 -10.72 -53.06
C TYR A 488 -5.98 -11.23 -53.57
N ARG A 489 -5.10 -11.67 -52.67
CA ARG A 489 -3.81 -12.22 -53.05
C ARG A 489 -3.92 -13.69 -53.47
N ASP A 490 -4.91 -14.41 -52.96
CA ASP A 490 -5.06 -15.82 -53.31
C ASP A 490 -5.92 -16.05 -54.55
N VAL A 491 -6.90 -15.19 -54.78
CA VAL A 491 -7.85 -15.36 -55.87
C VAL A 491 -7.67 -14.29 -56.94
N ALA A 507 -6.94 -2.81 -57.67
CA ALA A 507 -8.13 -2.94 -58.50
C ALA A 507 -8.86 -1.60 -58.61
N PRO A 508 -10.04 -1.64 -59.23
CA PRO A 508 -10.87 -0.45 -59.30
C PRO A 508 -11.36 -0.04 -57.93
N ARG A 509 -11.68 -1.02 -57.07
CA ARG A 509 -12.12 -0.72 -55.70
C ARG A 509 -10.98 -0.17 -54.86
N GLY A 510 -9.77 -0.69 -55.06
CA GLY A 510 -8.58 -0.18 -54.37
C GLY A 510 -8.28 1.27 -54.78
N LEU A 511 -8.27 1.53 -56.09
CA LEU A 511 -8.03 2.88 -56.58
C LEU A 511 -9.15 3.82 -56.15
N ARG A 512 -10.38 3.31 -56.04
CA ARG A 512 -11.49 4.14 -55.60
C ARG A 512 -11.39 4.48 -54.12
N ALA A 513 -10.97 3.52 -53.29
CA ALA A 513 -10.80 3.79 -51.86
C ALA A 513 -9.65 4.75 -51.62
N ALA A 514 -8.57 4.61 -52.39
CA ALA A 514 -7.46 5.55 -52.28
C ALA A 514 -7.85 6.95 -52.74
N LEU A 515 -8.66 7.04 -53.81
CA LEU A 515 -9.09 8.34 -54.28
C LEU A 515 -10.08 8.99 -53.33
N GLY A 516 -10.91 8.18 -52.65
CA GLY A 516 -11.81 8.71 -51.64
C GLY A 516 -11.04 9.23 -50.44
N ILE A 517 -9.97 8.52 -50.05
CA ILE A 517 -9.14 9.00 -48.95
C ILE A 517 -8.38 10.26 -49.33
N SER A 518 -7.94 10.37 -50.59
CA SER A 518 -7.26 11.58 -51.04
C SER A 518 -8.24 12.75 -51.14
N ILE A 519 -9.49 12.47 -51.50
CA ILE A 519 -10.51 13.51 -51.50
C ILE A 519 -10.83 13.99 -50.09
N VAL A 520 -10.83 13.06 -49.12
CA VAL A 520 -10.98 13.43 -47.72
C VAL A 520 -9.79 14.26 -47.24
N SER A 521 -8.59 13.95 -47.72
CA SER A 521 -7.42 14.74 -47.37
C SER A 521 -7.48 16.14 -47.97
N SER A 522 -7.97 16.27 -49.20
CA SER A 522 -8.10 17.57 -49.83
C SER A 522 -9.20 18.40 -49.16
N ALA A 523 -10.30 17.76 -48.77
CA ALA A 523 -11.36 18.47 -48.05
C ALA A 523 -10.93 18.80 -46.63
N ILE A 524 -10.02 18.00 -46.06
CA ILE A 524 -9.44 18.33 -44.76
C ILE A 524 -8.50 19.52 -44.87
N ALA A 525 -7.79 19.63 -45.99
CA ALA A 525 -7.05 20.85 -46.30
C ALA A 525 -8.01 22.02 -46.47
N ILE A 526 -9.20 21.76 -47.00
CA ILE A 526 -10.26 22.76 -47.03
C ILE A 526 -10.88 22.91 -45.65
N PRO A 539 -8.24 46.12 -33.92
CA PRO A 539 -8.30 45.64 -35.30
C PRO A 539 -9.73 45.68 -35.86
N VAL A 540 -10.71 45.54 -34.98
CA VAL A 540 -12.11 45.70 -35.37
C VAL A 540 -12.43 47.18 -35.41
N SER A 541 -13.61 47.52 -35.94
CA SER A 541 -14.04 48.90 -36.12
C SER A 541 -14.23 49.60 -34.77
N ASP A 542 -14.20 50.93 -34.82
CA ASP A 542 -14.37 51.73 -33.62
C ASP A 542 -15.80 51.68 -33.09
N ASP A 543 -16.75 51.26 -33.92
CA ASP A 543 -18.09 50.95 -33.40
C ASP A 543 -18.04 49.72 -32.51
N ALA A 544 -17.31 48.69 -32.95
CA ALA A 544 -17.25 47.45 -32.18
C ALA A 544 -16.45 47.62 -30.90
N VAL A 545 -15.40 48.44 -30.93
CA VAL A 545 -14.62 48.71 -29.73
C VAL A 545 -15.43 49.51 -28.73
N ALA A 546 -16.17 50.53 -29.21
CA ALA A 546 -16.97 51.35 -28.31
C ALA A 546 -18.16 50.58 -27.75
N ARG A 547 -18.77 49.72 -28.56
CA ARG A 547 -19.84 48.86 -28.07
C ARG A 547 -19.31 47.84 -27.07
N ALA A 548 -18.07 47.37 -27.27
CA ALA A 548 -17.45 46.49 -26.28
C ALA A 548 -17.19 47.23 -24.97
N VAL A 549 -16.81 48.51 -25.06
CA VAL A 549 -16.64 49.33 -23.85
C VAL A 549 -17.99 49.54 -23.17
N GLU A 550 -19.08 49.66 -23.95
CA GLU A 550 -20.41 49.75 -23.36
C GLU A 550 -20.81 48.45 -22.67
N ILE A 551 -20.38 47.30 -23.20
CA ILE A 551 -20.65 46.02 -22.53
C ILE A 551 -19.82 45.92 -21.24
N VAL A 552 -18.60 46.43 -21.25
CA VAL A 552 -17.79 46.49 -20.03
C VAL A 552 -18.47 47.37 -18.99
N ARG A 553 -19.07 48.48 -19.43
CA ARG A 553 -19.78 49.39 -18.52
C ARG A 553 -21.00 48.71 -17.91
N LYS A 554 -21.90 48.20 -18.75
CA LYS A 554 -23.22 47.77 -18.29
C LYS A 554 -23.23 46.42 -17.60
N GLN A 555 -22.08 45.86 -17.26
CA GLN A 555 -21.96 44.51 -16.72
C GLN A 555 -20.80 44.49 -15.72
N GLY A 556 -20.26 43.31 -15.47
CA GLY A 556 -19.62 43.00 -14.20
C GLY A 556 -18.13 43.25 -14.11
N VAL A 557 -17.34 42.19 -14.34
CA VAL A 557 -15.91 42.16 -14.04
C VAL A 557 -15.16 43.29 -14.73
N ALA A 558 -14.37 44.02 -13.95
CA ALA A 558 -13.62 45.18 -14.42
C ALA A 558 -12.22 44.83 -14.89
N ASP A 559 -11.92 43.54 -15.01
CA ASP A 559 -10.64 43.13 -15.54
C ASP A 559 -10.56 43.55 -17.02
N ALA A 560 -11.71 43.48 -17.69
CA ALA A 560 -11.80 43.70 -19.14
C ALA A 560 -11.71 45.17 -19.53
N ASN A 561 -11.18 46.03 -18.68
CA ASN A 561 -10.88 47.40 -19.09
C ASN A 561 -9.57 47.52 -19.85
N LEU A 562 -8.95 46.40 -20.24
CA LEU A 562 -7.90 46.43 -21.26
C LEU A 562 -8.46 46.40 -22.67
N VAL A 563 -9.76 46.68 -22.81
CA VAL A 563 -10.44 46.54 -24.09
C VAL A 563 -10.07 47.66 -25.06
N ARG A 564 -9.80 48.86 -24.55
CA ARG A 564 -9.68 50.00 -25.44
C ARG A 564 -8.31 50.09 -26.10
N MET A 565 -7.30 49.35 -25.61
CA MET A 565 -5.94 49.51 -26.12
C MET A 565 -5.71 48.90 -27.49
N GLY A 566 -6.74 48.39 -28.17
CA GLY A 566 -6.54 47.85 -29.49
C GLY A 566 -5.86 46.50 -29.43
N ASP A 567 -5.33 46.11 -30.59
CA ASP A 567 -4.44 44.95 -30.80
C ASP A 567 -5.10 43.60 -30.51
N LYS A 568 -6.38 43.60 -30.15
CA LYS A 568 -7.09 42.41 -29.71
C LYS A 568 -8.43 42.41 -30.43
N SER A 569 -8.59 41.48 -31.37
CA SER A 569 -9.84 41.36 -32.11
C SER A 569 -10.97 40.98 -31.19
N ILE A 570 -12.15 41.55 -31.43
CA ILE A 570 -13.28 41.40 -30.53
C ILE A 570 -14.43 40.81 -31.32
N MET A 571 -14.79 39.56 -31.01
CA MET A 571 -16.02 39.02 -31.57
C MET A 571 -17.15 39.25 -30.59
N PHE A 572 -18.36 38.99 -31.03
CA PHE A 572 -19.53 39.25 -30.19
C PHE A 572 -20.42 38.02 -30.12
N SER A 573 -21.57 38.16 -29.50
CA SER A 573 -22.59 37.13 -29.50
C SER A 573 -23.78 37.62 -30.32
N GLU A 574 -24.76 36.73 -30.49
CA GLU A 574 -25.97 37.12 -31.22
C GLU A 574 -26.86 38.03 -30.39
N LYS A 575 -26.75 37.95 -29.07
CA LYS A 575 -27.51 38.83 -28.20
C LYS A 575 -26.92 40.23 -28.15
N GLY A 576 -25.68 40.42 -28.60
CA GLY A 576 -25.07 41.73 -28.68
C GLY A 576 -24.42 42.23 -27.41
N ASP A 577 -24.70 41.63 -26.26
CA ASP A 577 -24.19 42.08 -24.97
C ASP A 577 -23.18 41.11 -24.38
N ALA A 578 -22.34 40.51 -25.22
CA ALA A 578 -21.30 39.61 -24.76
C ALA A 578 -20.18 39.58 -25.79
N PHE A 579 -18.94 39.43 -25.32
CA PHE A 579 -17.80 39.46 -26.21
C PHE A 579 -16.64 38.66 -25.62
N ILE A 580 -15.78 38.16 -26.51
CA ILE A 580 -14.49 37.56 -26.14
C ILE A 580 -13.43 38.22 -27.00
N MET A 581 -12.30 38.55 -26.40
CA MET A 581 -11.29 39.35 -27.08
C MET A 581 -10.10 38.48 -27.50
N TYR A 582 -9.79 38.50 -28.79
CA TYR A 582 -8.86 37.54 -29.36
C TYR A 582 -7.41 37.94 -29.07
N GLY A 583 -6.51 37.28 -29.77
CA GLY A 583 -5.15 37.71 -30.01
C GLY A 583 -4.45 36.54 -30.64
N LYS A 584 -3.73 36.74 -31.75
CA LYS A 584 -3.21 35.62 -32.51
C LYS A 584 -1.68 35.69 -32.56
N GLN A 585 -1.03 34.59 -32.19
CA GLN A 585 0.42 34.52 -32.22
C GLN A 585 0.95 33.50 -33.21
N GLY A 586 0.57 32.23 -33.08
CA GLY A 586 1.16 31.19 -33.89
C GLY A 586 0.15 30.45 -34.75
N ARG A 587 0.03 29.14 -34.53
CA ARG A 587 -1.00 28.33 -35.16
C ARG A 587 -2.28 28.28 -34.33
N SER A 588 -2.52 29.31 -33.52
CA SER A 588 -3.53 29.30 -32.49
C SER A 588 -3.73 30.73 -32.02
N TRP A 589 -4.98 31.13 -31.81
CA TRP A 589 -5.23 32.43 -31.22
C TRP A 589 -5.87 32.30 -29.84
N ILE A 590 -5.50 33.22 -28.97
CA ILE A 590 -5.76 33.13 -27.54
C ILE A 590 -6.85 34.13 -27.19
N ALA A 591 -7.14 34.18 -25.90
CA ALA A 591 -8.12 35.09 -25.35
C ALA A 591 -7.48 35.84 -24.19
N LEU A 592 -8.18 36.86 -23.69
CA LEU A 592 -7.63 37.72 -22.62
C LEU A 592 -8.06 37.60 -21.15
N PHE A 593 -9.37 37.54 -20.86
CA PHE A 593 -9.77 37.48 -19.46
C PHE A 593 -10.80 36.37 -19.26
N ASP A 594 -12.02 36.74 -19.63
CA ASP A 594 -13.15 35.84 -19.63
C ASP A 594 -14.23 36.48 -20.48
N PRO A 595 -15.06 35.66 -21.14
CA PRO A 595 -16.28 36.21 -21.72
C PRO A 595 -16.98 37.15 -20.76
N VAL A 596 -17.32 38.34 -21.24
CA VAL A 596 -17.82 39.43 -20.42
C VAL A 596 -19.28 39.68 -20.76
N GLY A 597 -20.13 39.68 -19.74
CA GLY A 597 -21.54 39.95 -19.93
C GLY A 597 -22.40 39.32 -18.86
N PRO A 598 -23.69 39.13 -19.16
CA PRO A 598 -24.54 38.36 -18.27
C PRO A 598 -24.17 36.88 -18.33
N ARG A 599 -24.68 36.12 -17.36
CA ARG A 599 -24.34 34.71 -17.25
C ARG A 599 -24.86 33.91 -18.43
N GLN A 600 -26.08 34.20 -18.89
CA GLN A 600 -26.75 33.34 -19.86
C GLN A 600 -26.17 33.45 -21.26
N ALA A 601 -25.44 34.52 -21.54
CA ALA A 601 -24.81 34.66 -22.85
C ALA A 601 -23.40 34.10 -22.88
N LEU A 602 -22.88 33.60 -21.76
CA LEU A 602 -21.53 33.08 -21.75
C LEU A 602 -21.38 31.64 -22.28
N PRO A 603 -22.17 30.63 -21.89
CA PRO A 603 -21.93 29.30 -22.47
C PRO A 603 -22.27 29.22 -23.94
N ASP A 604 -23.20 30.04 -24.42
CA ASP A 604 -23.49 30.09 -25.85
C ASP A 604 -22.31 30.65 -26.62
N LEU A 605 -21.52 31.52 -26.00
CA LEU A 605 -20.40 32.16 -26.63
C LEU A 605 -19.09 31.39 -26.45
N ILE A 606 -19.01 30.57 -25.41
CA ILE A 606 -17.78 29.85 -25.11
C ILE A 606 -17.56 28.72 -26.11
N TRP A 607 -18.63 28.23 -26.75
CA TRP A 607 -18.52 27.31 -27.86
C TRP A 607 -18.21 28.06 -29.15
N ARG A 608 -18.86 29.20 -29.34
CA ARG A 608 -18.75 29.96 -30.59
C ARG A 608 -17.33 30.46 -30.81
N PHE A 609 -16.63 30.78 -29.71
CA PHE A 609 -15.21 31.15 -29.82
C PHE A 609 -14.38 30.02 -30.40
N VAL A 610 -14.58 28.80 -29.89
CA VAL A 610 -13.77 27.67 -30.33
C VAL A 610 -14.18 27.26 -31.74
N GLU A 611 -15.45 27.45 -32.09
CA GLU A 611 -15.90 27.20 -33.45
C GLU A 611 -15.25 28.16 -34.44
N THR A 612 -15.16 29.44 -34.06
CA THR A 612 -14.47 30.40 -34.90
C THR A 612 -12.99 30.11 -34.97
N ALA A 613 -12.40 29.58 -33.90
CA ALA A 613 -10.98 29.27 -33.91
C ALA A 613 -10.66 28.07 -34.79
N ARG A 614 -11.50 27.04 -34.74
CA ARG A 614 -11.34 25.92 -35.65
C ARG A 614 -11.74 26.27 -37.07
N ALA A 615 -12.57 27.29 -37.26
CA ALA A 615 -13.00 27.66 -38.59
C ALA A 615 -11.85 28.21 -39.42
N ALA A 616 -10.85 28.81 -38.78
CA ALA A 616 -9.65 29.23 -39.46
C ALA A 616 -8.47 28.33 -39.13
N GLY A 617 -8.73 27.13 -38.62
CA GLY A 617 -7.69 26.15 -38.38
C GLY A 617 -6.72 26.53 -37.28
N CYS A 618 -7.22 27.03 -36.16
CA CYS A 618 -6.37 27.45 -35.07
C CYS A 618 -6.95 26.94 -33.75
N ARG A 619 -6.13 27.01 -32.71
CA ARG A 619 -6.49 26.46 -31.40
C ARG A 619 -6.84 27.58 -30.45
N SER A 620 -7.86 27.36 -29.63
CA SER A 620 -8.47 28.42 -28.83
C SER A 620 -7.96 28.38 -27.40
N VAL A 621 -6.72 28.84 -27.21
CA VAL A 621 -6.15 28.99 -25.88
C VAL A 621 -6.89 30.09 -25.13
N PHE A 622 -7.04 29.94 -23.82
CA PHE A 622 -7.52 31.05 -23.00
C PHE A 622 -6.40 31.56 -22.10
N TYR A 623 -6.75 32.51 -21.22
CA TYR A 623 -5.79 33.11 -20.31
C TYR A 623 -6.56 33.79 -19.20
N GLN A 624 -6.22 33.48 -17.94
CA GLN A 624 -6.82 34.05 -16.72
C GLN A 624 -8.34 33.92 -16.70
N ILE A 625 -8.82 32.69 -16.71
CA ILE A 625 -10.25 32.45 -16.65
C ILE A 625 -10.66 32.13 -15.23
N SER A 626 -11.93 32.32 -14.92
CA SER A 626 -12.46 32.18 -13.58
C SER A 626 -12.72 30.72 -13.24
N PRO A 627 -12.65 30.34 -11.97
CA PRO A 627 -13.05 28.98 -11.58
C PRO A 627 -14.53 28.72 -11.75
N ALA A 628 -15.36 29.76 -11.77
CA ALA A 628 -16.78 29.59 -12.07
C ALA A 628 -17.03 29.30 -13.54
N LEU A 629 -16.05 29.55 -14.40
CA LEU A 629 -16.23 29.29 -15.81
C LEU A 629 -16.08 27.81 -16.15
N LEU A 630 -15.46 27.02 -15.26
CA LEU A 630 -14.99 25.67 -15.59
C LEU A 630 -16.11 24.71 -15.95
N SER A 631 -17.28 24.87 -15.34
CA SER A 631 -18.37 23.90 -15.46
C SER A 631 -18.88 23.76 -16.87
N TYR A 632 -18.82 24.84 -17.66
CA TYR A 632 -19.10 24.77 -19.09
C TYR A 632 -17.90 25.19 -19.93
N CYS A 633 -16.77 25.48 -19.30
CA CYS A 633 -15.52 25.66 -20.03
C CYS A 633 -14.93 24.33 -20.47
N ALA A 634 -14.97 23.33 -19.59
CA ALA A 634 -14.40 22.03 -19.91
C ALA A 634 -15.26 21.24 -20.89
N ASP A 635 -16.54 21.59 -21.03
CA ASP A 635 -17.43 20.92 -21.99
C ASP A 635 -16.98 21.16 -23.43
N ALA A 636 -16.47 22.35 -23.72
CA ALA A 636 -16.03 22.69 -25.07
C ALA A 636 -14.76 21.96 -25.49
N GLY A 637 -14.12 21.23 -24.58
CA GLY A 637 -12.86 20.58 -24.88
C GLY A 637 -11.71 21.46 -24.49
N LEU A 638 -11.71 21.91 -23.23
CA LEU A 638 -10.70 22.84 -22.74
C LEU A 638 -10.05 22.26 -21.50
N ARG A 639 -8.84 21.77 -21.67
CA ARG A 639 -8.01 21.32 -20.55
C ARG A 639 -7.54 22.56 -19.81
N ALA A 640 -8.14 22.84 -18.66
CA ALA A 640 -7.67 23.95 -17.84
C ALA A 640 -6.31 23.65 -17.24
N PHE A 641 -5.60 24.69 -16.85
CA PHE A 641 -4.31 24.52 -16.19
C PHE A 641 -4.14 25.62 -15.15
N LYS A 642 -3.57 25.25 -14.01
CA LYS A 642 -3.36 26.22 -12.95
C LYS A 642 -2.25 27.18 -13.37
N LEU A 643 -2.49 28.47 -13.18
CA LEU A 643 -1.61 29.49 -13.69
C LEU A 643 -1.04 30.37 -12.58
N GLY A 644 -1.86 30.66 -11.58
CA GLY A 644 -1.54 31.64 -10.57
C GLY A 644 -2.81 32.17 -9.97
N GLU A 645 -2.65 32.85 -8.84
CA GLU A 645 -3.81 33.33 -8.09
C GLU A 645 -3.88 34.85 -8.18
N LEU A 646 -5.10 35.36 -8.25
CA LEU A 646 -5.34 36.78 -8.44
C LEU A 646 -5.81 37.38 -7.12
N ALA A 647 -5.05 38.33 -6.59
CA ALA A 647 -5.29 38.85 -5.26
C ALA A 647 -6.52 39.74 -5.26
N VAL A 648 -7.51 39.36 -4.46
CA VAL A 648 -8.77 40.08 -4.35
C VAL A 648 -8.94 40.52 -2.91
N VAL A 649 -9.20 41.80 -2.72
CA VAL A 649 -9.45 42.35 -1.38
C VAL A 649 -10.88 42.85 -1.35
N ASN A 650 -11.71 42.20 -0.53
CA ASN A 650 -13.03 42.75 -0.25
C ASN A 650 -12.91 44.03 0.56
N LEU A 651 -13.80 44.97 0.30
CA LEU A 651 -13.68 46.32 0.84
C LEU A 651 -14.57 46.59 2.04
N ALA A 652 -15.76 45.97 2.08
CA ALA A 652 -16.64 46.13 3.24
C ALA A 652 -16.15 45.35 4.46
N ASN A 653 -15.25 44.39 4.24
CA ASN A 653 -14.63 43.62 5.32
C ASN A 653 -13.20 44.06 5.57
N PHE A 654 -12.94 45.37 5.48
CA PHE A 654 -11.61 45.92 5.53
C PHE A 654 -11.51 47.00 6.59
N GLU A 655 -10.37 47.04 7.27
CA GLU A 655 -10.06 48.07 8.27
C GLU A 655 -8.64 48.54 8.04
N LEU A 656 -8.38 49.81 8.38
CA LEU A 656 -7.10 50.44 8.07
C LEU A 656 -5.96 49.82 8.88
N LYS A 657 -6.19 49.51 10.15
CA LYS A 657 -5.23 48.71 10.90
C LYS A 657 -5.77 47.38 11.41
N GLY A 658 -7.05 47.33 11.80
CA GLY A 658 -7.67 46.15 12.38
C GLY A 658 -6.89 45.51 13.51
N GLY A 659 -6.39 44.31 13.25
CA GLY A 659 -5.32 43.72 14.04
C GLY A 659 -4.15 43.37 13.15
N LYS A 660 -4.43 43.13 11.86
CA LYS A 660 -3.45 42.64 10.90
C LYS A 660 -3.45 43.49 9.64
N TRP A 661 -3.45 44.82 9.81
CA TRP A 661 -3.26 45.74 8.69
C TRP A 661 -2.38 46.93 9.07
N ALA A 662 -1.81 46.96 10.27
CA ALA A 662 -1.14 48.15 10.76
C ALA A 662 0.22 48.40 10.10
N ASN A 663 0.78 47.38 9.43
CA ASN A 663 1.97 47.59 8.61
C ASN A 663 1.65 48.53 7.47
N LEU A 664 0.47 48.38 6.87
CA LEU A 664 0.02 49.31 5.84
C LEU A 664 -0.24 50.70 6.41
N ARG A 665 -0.70 50.79 7.66
CA ARG A 665 -0.90 52.10 8.27
C ARG A 665 0.42 52.81 8.50
N GLN A 666 1.43 52.08 8.98
CA GLN A 666 2.75 52.69 9.17
C GLN A 666 3.40 53.03 7.85
N THR A 667 3.18 52.22 6.82
CA THR A 667 3.75 52.53 5.50
C THR A 667 3.04 53.73 4.88
N ALA A 668 1.74 53.89 5.15
CA ALA A 668 1.03 55.08 4.70
C ALA A 668 1.51 56.31 5.45
N SER A 669 1.77 56.19 6.76
CA SER A 669 2.27 57.31 7.54
C SER A 669 3.72 57.64 7.21
N ARG A 670 4.44 56.71 6.57
CA ARG A 670 5.73 57.06 5.99
C ARG A 670 5.58 58.10 4.88
N ALA A 671 4.49 58.06 4.14
CA ALA A 671 4.24 59.00 3.06
C ALA A 671 3.38 60.18 3.48
N VAL A 672 2.70 60.08 4.64
CA VAL A 672 1.96 61.21 5.19
C VAL A 672 2.91 62.37 5.51
N ARG A 673 4.08 62.06 6.07
CA ARG A 673 5.06 63.10 6.38
C ARG A 673 5.67 63.68 5.11
N ASP A 674 5.70 62.90 4.03
CA ASP A 674 6.03 63.46 2.73
C ASP A 674 4.87 64.24 2.14
N GLY A 675 3.65 63.93 2.56
CA GLY A 675 2.47 64.58 2.01
C GLY A 675 2.16 64.19 0.59
N LEU A 676 2.32 62.91 0.26
CA LEU A 676 2.13 62.45 -1.12
C LEU A 676 0.64 62.39 -1.44
N GLU A 677 0.31 62.73 -2.68
CA GLU A 677 -1.07 63.02 -3.05
C GLU A 677 -1.50 62.15 -4.23
N PHE A 678 -2.62 62.50 -4.85
CA PHE A 678 -3.23 61.66 -5.86
C PHE A 678 -3.98 62.51 -6.90
N ALA A 679 -4.49 61.84 -7.92
CA ALA A 679 -5.37 62.45 -8.90
C ALA A 679 -6.60 61.57 -9.10
N VAL A 680 -7.72 62.23 -9.36
CA VAL A 680 -8.98 61.54 -9.65
C VAL A 680 -9.45 61.97 -11.05
N ILE A 681 -8.48 62.22 -11.94
CA ILE A 681 -8.72 62.91 -13.19
C ILE A 681 -9.52 62.07 -14.17
N GLU A 682 -10.00 62.71 -15.22
CA GLU A 682 -11.09 62.28 -16.08
C GLU A 682 -10.57 61.71 -17.39
N PRO A 683 -11.44 61.14 -18.23
CA PRO A 683 -11.01 60.77 -19.60
C PRO A 683 -10.64 61.94 -20.51
N GLN A 684 -10.90 63.19 -20.11
CA GLN A 684 -10.49 64.33 -20.92
C GLN A 684 -9.40 65.17 -20.24
N ASP A 685 -8.87 64.72 -19.10
CA ASP A 685 -7.81 65.46 -18.42
C ASP A 685 -6.43 64.98 -18.84
N ILE A 686 -6.19 64.92 -20.14
CA ILE A 686 -4.87 64.58 -20.68
C ILE A 686 -3.87 65.74 -20.79
N PRO A 687 -4.17 66.95 -21.32
CA PRO A 687 -3.09 67.79 -21.87
C PRO A 687 -2.18 68.43 -20.82
N ASP A 688 -2.40 68.20 -19.54
CA ASP A 688 -1.60 68.78 -18.47
C ASP A 688 -0.46 67.88 -18.00
N VAL A 689 -0.48 66.60 -18.39
CA VAL A 689 0.31 65.60 -17.69
C VAL A 689 1.18 64.83 -18.69
N LEU A 690 0.92 65.02 -19.99
CA LEU A 690 1.31 64.02 -21.00
C LEU A 690 2.83 63.95 -21.20
N ASP A 691 3.51 65.10 -21.25
CA ASP A 691 4.97 65.06 -21.43
C ASP A 691 5.68 64.58 -20.17
N GLN A 692 5.12 64.88 -18.99
CA GLN A 692 5.64 64.29 -17.77
C GLN A 692 5.39 62.79 -17.74
N LEU A 693 4.27 62.34 -18.31
CA LEU A 693 4.01 60.91 -18.46
C LEU A 693 5.04 60.28 -19.38
N ALA A 694 5.44 61.00 -20.42
CA ALA A 694 6.48 60.52 -21.34
C ALA A 694 7.82 60.38 -20.63
N HIS A 695 8.19 61.36 -19.81
CA HIS A 695 9.48 61.27 -19.13
C HIS A 695 9.48 60.20 -18.03
N VAL A 696 8.36 60.06 -17.30
CA VAL A 696 8.34 59.00 -16.29
C VAL A 696 8.20 57.64 -16.96
N SER A 697 7.65 57.58 -18.18
CA SER A 697 7.66 56.35 -18.95
C SER A 697 9.08 56.00 -19.35
N ASP A 698 9.90 57.01 -19.68
CA ASP A 698 11.31 56.78 -19.91
C ASP A 698 12.01 56.26 -18.66
N THR A 699 11.61 56.75 -17.48
CA THR A 699 12.20 56.25 -16.24
C THR A 699 11.87 54.78 -15.99
N TRP A 700 10.58 54.41 -16.08
CA TRP A 700 10.31 53.01 -15.78
C TRP A 700 10.58 52.07 -16.94
N LEU A 701 10.89 52.60 -18.14
CA LEU A 701 11.56 51.78 -19.13
C LEU A 701 13.03 51.61 -18.82
N ALA A 702 13.66 52.63 -18.20
CA ALA A 702 15.02 52.48 -17.72
C ALA A 702 15.12 51.63 -16.46
N ASP A 703 13.99 51.35 -15.81
CA ASP A 703 13.98 50.44 -14.66
C ASP A 703 14.27 49.01 -15.10
N HIS A 704 13.52 48.53 -16.10
CA HIS A 704 13.73 47.20 -16.65
C HIS A 704 14.82 47.19 -17.72
N ASN A 705 15.37 48.36 -18.05
CA ASN A 705 16.34 48.58 -19.13
C ASN A 705 15.76 48.17 -20.48
N ALA A 706 14.69 48.87 -20.86
CA ALA A 706 14.17 48.99 -22.23
C ALA A 706 13.74 47.64 -22.81
N LYS A 707 12.66 47.10 -22.24
CA LYS A 707 11.97 45.98 -22.87
C LYS A 707 10.48 46.09 -22.53
N GLU A 708 9.65 46.21 -23.57
CA GLU A 708 8.24 46.52 -23.44
C GLU A 708 7.39 45.29 -23.75
N LYS A 709 6.25 45.19 -23.07
CA LYS A 709 5.37 44.03 -23.16
C LYS A 709 3.98 44.45 -23.60
N SER A 710 3.37 43.67 -24.50
CA SER A 710 1.97 43.79 -24.82
C SER A 710 1.19 42.77 -23.99
N PHE A 711 -0.14 42.78 -24.14
CA PHE A 711 -1.10 41.80 -23.60
C PHE A 711 -1.21 41.85 -22.06
N SER A 712 -0.38 42.65 -21.41
CA SER A 712 -0.30 42.69 -19.96
C SER A 712 -0.73 44.05 -19.41
N LEU A 713 -0.14 45.13 -19.89
CA LEU A 713 -0.39 46.46 -19.35
C LEU A 713 -0.68 47.45 -20.47
N GLY A 714 -0.81 48.73 -20.11
CA GLY A 714 -0.97 49.80 -21.07
C GLY A 714 0.38 50.44 -21.36
N ALA A 715 0.73 50.46 -22.64
CA ALA A 715 2.01 51.01 -23.07
C ALA A 715 1.90 52.53 -23.21
N PHE A 716 2.88 53.13 -23.88
CA PHE A 716 2.86 54.57 -24.17
C PHE A 716 1.77 54.83 -25.19
N ASP A 717 0.59 55.23 -24.71
CA ASP A 717 -0.61 55.30 -25.53
C ASP A 717 -1.22 56.69 -25.39
N PRO A 718 -1.38 57.44 -26.47
CA PRO A 718 -2.02 58.76 -26.35
C PRO A 718 -3.50 58.71 -26.02
N ASP A 719 -4.15 57.56 -26.19
CA ASP A 719 -5.58 57.41 -25.91
C ASP A 719 -5.87 56.49 -24.74
N TYR A 720 -5.15 55.37 -24.63
CA TYR A 720 -5.49 54.40 -23.59
C TYR A 720 -5.05 54.85 -22.21
N VAL A 721 -3.92 55.58 -22.13
CA VAL A 721 -3.46 56.06 -20.84
C VAL A 721 -4.42 57.10 -20.28
N CYS A 722 -4.91 58.00 -21.13
CA CYS A 722 -5.89 58.99 -20.73
C CYS A 722 -7.32 58.46 -20.77
N SER A 723 -7.51 57.19 -21.14
CA SER A 723 -8.86 56.66 -21.29
C SER A 723 -9.53 56.43 -19.94
N GLN A 724 -8.97 55.55 -19.13
CA GLN A 724 -9.54 55.33 -17.82
C GLN A 724 -9.08 56.41 -16.84
N PRO A 725 -9.85 56.68 -15.79
CA PRO A 725 -9.39 57.58 -14.73
C PRO A 725 -8.15 57.04 -14.03
N VAL A 726 -7.09 57.83 -14.01
CA VAL A 726 -5.82 57.41 -13.46
C VAL A 726 -5.55 58.19 -12.18
N GLY A 727 -4.46 57.83 -11.51
CA GLY A 727 -4.14 58.38 -10.21
C GLY A 727 -2.64 58.41 -10.07
N VAL A 728 -2.15 59.39 -9.32
CA VAL A 728 -0.77 59.84 -9.47
C VAL A 728 -0.06 59.81 -8.11
N LEU A 729 1.26 59.66 -8.16
CA LEU A 729 2.16 60.03 -7.07
C LEU A 729 2.80 61.35 -7.45
N LYS A 730 2.91 62.25 -6.49
CA LYS A 730 3.31 63.62 -6.80
C LYS A 730 4.64 63.99 -6.17
N LYS A 731 5.24 65.04 -6.74
CA LYS A 731 6.21 65.88 -6.04
C LYS A 731 5.47 67.09 -5.46
N ASP A 732 4.46 66.74 -4.66
CA ASP A 732 3.50 67.68 -4.03
C ASP A 732 2.83 68.58 -5.07
N GLY A 733 2.53 68.01 -6.23
CA GLY A 733 1.95 68.76 -7.33
C GLY A 733 2.56 68.40 -8.67
N LYS A 734 3.79 67.91 -8.65
CA LYS A 734 4.50 67.55 -9.88
C LYS A 734 4.52 66.03 -10.04
N ILE A 735 4.13 65.57 -11.23
CA ILE A 735 3.88 64.16 -11.48
C ILE A 735 5.20 63.39 -11.53
N VAL A 736 5.32 62.36 -10.70
CA VAL A 736 6.54 61.56 -10.66
C VAL A 736 6.24 60.09 -10.95
N ALA A 737 5.01 59.66 -10.66
CA ALA A 737 4.60 58.27 -10.86
C ALA A 737 3.08 58.22 -10.87
N PHE A 738 2.52 57.39 -11.74
CA PHE A 738 1.06 57.33 -11.87
C PHE A 738 0.59 55.90 -11.66
N ALA A 739 -0.70 55.68 -11.91
CA ALA A 739 -1.34 54.38 -11.74
C ALA A 739 -2.66 54.40 -12.49
N ASN A 740 -2.90 53.38 -13.31
CA ASN A 740 -4.17 53.27 -14.00
C ASN A 740 -5.19 52.61 -13.10
N ILE A 741 -6.40 53.17 -13.07
CA ILE A 741 -7.49 52.63 -12.27
C ILE A 741 -8.63 52.28 -13.21
N LEU A 742 -9.24 51.11 -12.98
CA LEU A 742 -10.08 50.44 -13.95
C LEU A 742 -11.41 50.13 -13.25
N MET A 743 -12.49 50.76 -13.71
CA MET A 743 -13.78 50.57 -13.06
C MET A 743 -14.81 50.02 -14.06
N THR A 744 -16.05 49.93 -13.59
CA THR A 744 -17.22 49.68 -14.42
C THR A 744 -18.33 50.65 -14.01
N GLU A 745 -19.35 50.76 -14.86
CA GLU A 745 -20.49 51.61 -14.58
C GLU A 745 -21.35 51.07 -13.45
N THR A 746 -21.36 49.74 -13.27
CA THR A 746 -22.27 49.11 -12.32
C THR A 746 -21.84 49.25 -10.86
N LYS A 747 -20.66 49.85 -10.60
CA LYS A 747 -20.10 50.05 -9.25
C LYS A 747 -19.96 48.74 -8.48
N GLU A 748 -19.71 47.65 -9.19
CA GLU A 748 -19.78 46.31 -8.60
C GLU A 748 -18.39 45.72 -8.34
N GLU A 749 -17.40 46.15 -9.11
CA GLU A 749 -16.03 45.65 -8.96
C GLU A 749 -15.10 46.61 -9.69
N GLY A 750 -13.93 46.86 -9.10
CA GLY A 750 -12.95 47.73 -9.72
C GLY A 750 -11.56 47.14 -9.57
N SER A 751 -10.64 47.62 -10.39
CA SER A 751 -9.32 47.04 -10.41
C SER A 751 -8.29 48.06 -10.86
N VAL A 752 -7.02 47.66 -10.79
CA VAL A 752 -5.90 48.35 -11.40
C VAL A 752 -5.10 47.33 -12.19
N ASP A 753 -4.16 47.83 -12.97
CA ASP A 753 -3.22 46.92 -13.61
C ASP A 753 -1.76 47.30 -13.41
N LEU A 754 -1.42 48.59 -13.42
CA LEU A 754 -0.04 49.02 -13.52
C LEU A 754 0.39 49.87 -12.33
N MET A 755 1.56 49.57 -11.79
CA MET A 755 2.25 50.39 -10.81
C MET A 755 3.48 50.99 -11.46
N ARG A 756 3.85 52.19 -11.03
CA ARG A 756 4.87 52.96 -11.74
C ARG A 756 5.98 53.41 -10.79
N PHE A 757 7.22 53.16 -11.21
CA PHE A 757 8.41 53.52 -10.46
C PHE A 757 8.82 54.95 -10.79
N SER A 758 9.42 55.61 -9.80
CA SER A 758 9.94 56.96 -9.91
C SER A 758 11.33 56.98 -9.30
N PRO A 759 12.18 57.94 -9.70
CA PRO A 759 13.38 58.22 -8.90
C PRO A 759 13.10 59.19 -7.75
N ASP A 760 11.95 59.02 -7.11
CA ASP A 760 11.56 59.74 -5.90
C ASP A 760 10.89 58.81 -4.91
N ALA A 761 10.75 57.53 -5.23
CA ALA A 761 10.05 56.58 -4.38
C ALA A 761 10.95 55.40 -4.07
N PRO A 762 11.49 55.30 -2.86
CA PRO A 762 12.27 54.11 -2.47
C PRO A 762 11.37 52.97 -2.01
N LYS A 763 11.98 51.94 -1.41
CA LYS A 763 11.25 50.79 -0.90
C LYS A 763 10.26 51.14 0.19
N GLY A 764 10.45 52.26 0.89
CA GLY A 764 9.47 52.72 1.85
C GLY A 764 8.19 53.26 1.24
N SER A 765 8.19 53.56 -0.05
CA SER A 765 7.00 54.09 -0.72
C SER A 765 6.77 53.38 -2.04
N MET A 766 6.86 52.05 -2.02
CA MET A 766 6.31 51.21 -3.08
C MET A 766 4.84 50.92 -2.86
N ASP A 767 4.21 51.54 -1.86
CA ASP A 767 2.86 51.18 -1.45
C ASP A 767 1.86 52.31 -1.59
N PHE A 768 2.17 53.52 -1.10
CA PHE A 768 1.13 54.52 -0.85
C PHE A 768 0.44 55.00 -2.13
N LEU A 769 1.20 55.04 -3.24
CA LEU A 769 0.66 55.22 -4.60
C LEU A 769 -0.49 54.27 -4.91
N PHE A 770 -0.50 53.09 -4.30
CA PHE A 770 -1.54 52.08 -4.46
C PHE A 770 -2.46 51.99 -3.24
N VAL A 771 -1.96 52.31 -2.06
CA VAL A 771 -2.75 52.27 -0.83
C VAL A 771 -3.85 53.31 -0.88
N GLN A 772 -3.54 54.50 -1.41
CA GLN A 772 -4.57 55.51 -1.62
C GLN A 772 -5.59 55.03 -2.64
N ILE A 773 -5.17 54.27 -3.64
CA ILE A 773 -6.11 53.75 -4.63
C ILE A 773 -7.05 52.75 -4.00
N LEU A 774 -6.51 51.89 -3.13
CA LEU A 774 -7.33 50.95 -2.37
C LEU A 774 -8.33 51.69 -1.49
N GLU A 775 -7.89 52.78 -0.87
CA GLU A 775 -8.78 53.57 -0.02
C GLU A 775 -9.84 54.31 -0.82
N TYR A 776 -9.51 54.75 -2.03
CA TYR A 776 -10.50 55.45 -2.84
C TYR A 776 -11.51 54.48 -3.43
N LEU A 777 -11.06 53.28 -3.80
CA LEU A 777 -11.96 52.25 -4.27
C LEU A 777 -12.87 51.77 -3.15
N LYS A 778 -12.38 51.83 -1.90
CA LYS A 778 -13.25 51.71 -0.75
C LYS A 778 -14.21 52.89 -0.67
N GLY A 779 -13.72 54.09 -1.00
CA GLY A 779 -14.50 55.30 -0.80
C GLY A 779 -15.61 55.48 -1.80
N GLU A 780 -15.44 54.98 -3.03
CA GLU A 780 -16.53 55.04 -4.00
C GLU A 780 -17.61 54.01 -3.67
N GLY A 781 -17.27 52.94 -2.95
CA GLY A 781 -18.23 51.94 -2.58
C GLY A 781 -18.28 50.72 -3.48
N PHE A 782 -17.13 50.09 -3.71
CA PHE A 782 -17.04 48.85 -4.47
C PHE A 782 -17.03 47.64 -3.55
N GLN A 783 -17.34 46.49 -4.13
CA GLN A 783 -17.46 45.26 -3.35
C GLN A 783 -16.11 44.61 -3.08
N ARG A 784 -15.25 44.56 -4.10
CA ARG A 784 -13.92 43.97 -3.96
C ARG A 784 -13.01 44.64 -4.98
N PHE A 785 -11.77 44.16 -5.04
CA PHE A 785 -10.74 44.88 -5.78
C PHE A 785 -9.69 43.92 -6.32
N ASN A 786 -9.59 43.83 -7.65
CA ASN A 786 -8.71 42.88 -8.32
C ASN A 786 -7.34 43.50 -8.48
N LEU A 787 -6.49 43.34 -7.47
CA LEU A 787 -5.15 43.87 -7.54
C LEU A 787 -4.20 42.76 -7.97
N GLY A 788 -3.47 43.00 -9.05
CA GLY A 788 -2.43 42.13 -9.57
C GLY A 788 -2.86 40.71 -9.90
N MET A 789 -1.85 39.88 -10.18
CA MET A 789 -2.03 38.45 -10.17
C MET A 789 -0.68 37.83 -9.84
N ALA A 790 -0.66 37.02 -8.89
CA ALA A 790 0.58 36.50 -8.35
C ALA A 790 0.91 35.13 -8.95
N PRO A 791 2.18 34.78 -9.03
CA PRO A 791 2.53 33.40 -9.38
C PRO A 791 2.21 32.46 -8.22
N LEU A 792 2.35 31.17 -8.49
CA LEU A 792 1.86 30.17 -7.57
C LEU A 792 2.93 29.81 -6.55
N SER A 793 2.50 29.59 -5.30
CA SER A 793 3.40 29.50 -4.15
C SER A 793 4.17 28.19 -4.12
N GLY A 794 5.11 28.10 -3.18
CA GLY A 794 5.94 26.93 -3.07
C GLY A 794 5.21 25.72 -2.53
N MET A 795 4.20 25.94 -1.69
CA MET A 795 3.42 24.82 -1.18
C MET A 795 2.53 24.21 -2.26
N SER A 796 2.14 25.00 -3.26
CA SER A 796 1.41 24.47 -4.40
C SER A 796 2.32 24.12 -5.57
N ARG A 797 3.61 24.44 -5.48
CA ARG A 797 4.58 23.74 -6.33
C ARG A 797 5.01 22.43 -5.70
N ARG A 798 4.71 22.22 -4.43
CA ARG A 798 4.92 20.92 -3.81
C ARG A 798 3.83 19.94 -4.24
N GLU A 799 2.56 20.37 -4.21
CA GLU A 799 1.43 19.50 -4.56
C GLU A 799 1.36 19.38 -6.09
N SER A 800 2.17 18.47 -6.61
CA SER A 800 2.13 18.20 -8.04
C SER A 800 1.95 16.71 -8.31
N ALA A 801 2.12 16.34 -9.56
CA ALA A 801 1.79 15.01 -10.06
C ALA A 801 3.06 14.33 -10.57
N PRO A 802 3.04 12.99 -10.71
CA PRO A 802 4.29 12.30 -11.09
C PRO A 802 4.84 12.59 -12.49
N VAL A 803 4.05 12.60 -13.56
CA VAL A 803 4.70 12.65 -14.87
C VAL A 803 4.67 14.05 -15.47
N TRP A 804 4.75 15.09 -14.64
CA TRP A 804 5.05 16.42 -15.14
C TRP A 804 6.43 16.45 -15.81
N ASP A 805 6.66 17.52 -16.55
CA ASP A 805 7.89 17.71 -17.29
C ASP A 805 8.19 19.20 -17.32
N ARG A 806 8.98 19.64 -18.33
CA ARG A 806 9.28 21.05 -18.58
C ARG A 806 8.03 21.94 -18.71
N VAL A 807 6.86 21.35 -19.00
CA VAL A 807 5.61 22.09 -19.15
C VAL A 807 5.23 22.82 -17.85
N GLY A 808 5.10 22.08 -16.75
CA GLY A 808 4.74 22.73 -15.50
C GLY A 808 5.85 23.60 -14.95
N GLY A 809 7.10 23.21 -15.19
CA GLY A 809 8.22 24.05 -14.80
C GLY A 809 8.23 25.39 -15.51
N THR A 810 7.85 25.41 -16.80
CA THR A 810 7.76 26.70 -17.46
C THR A 810 6.44 27.39 -17.19
N VAL A 811 5.43 26.69 -16.67
CA VAL A 811 4.27 27.40 -16.11
C VAL A 811 4.70 28.21 -14.91
N PHE A 812 5.49 27.61 -14.02
CA PHE A 812 5.97 28.36 -12.87
C PHE A 812 7.03 29.37 -13.25
N GLU A 813 7.78 29.10 -14.32
CA GLU A 813 8.77 30.08 -14.79
C GLU A 813 8.10 31.27 -15.45
N HIS A 814 7.00 31.04 -16.19
CA HIS A 814 6.16 32.11 -16.69
C HIS A 814 5.56 32.91 -15.55
N GLY A 815 5.20 32.23 -14.46
CA GLY A 815 4.78 32.88 -13.24
C GLY A 815 5.81 33.82 -12.65
N GLU A 816 7.00 33.31 -12.30
CA GLU A 816 8.04 34.19 -11.76
C GLU A 816 8.71 35.05 -12.82
N ARG A 817 8.31 34.98 -14.08
CA ARG A 817 8.89 35.81 -15.13
C ARG A 817 8.00 36.98 -15.53
N PHE A 818 6.68 36.82 -15.55
CA PHE A 818 5.83 37.89 -16.02
C PHE A 818 4.99 38.56 -14.95
N TYR A 819 5.02 38.08 -13.71
CA TYR A 819 4.09 38.57 -12.69
C TYR A 819 4.80 39.32 -11.58
N ASN A 820 6.03 39.74 -11.84
CA ASN A 820 6.79 40.57 -10.91
C ASN A 820 6.95 41.99 -11.42
N PHE A 821 6.36 42.31 -12.56
CA PHE A 821 6.36 43.66 -13.09
C PHE A 821 5.37 44.58 -12.37
N LYS A 822 4.53 44.02 -11.51
CA LYS A 822 3.71 44.79 -10.60
C LYS A 822 4.07 44.55 -9.14
N GLY A 823 4.49 43.34 -8.79
CA GLY A 823 4.96 43.04 -7.45
C GLY A 823 4.98 41.56 -7.19
N LEU A 824 5.76 41.19 -6.16
CA LEU A 824 5.93 39.81 -5.77
C LEU A 824 4.67 39.29 -5.07
N ARG A 825 4.67 37.98 -4.76
CA ARG A 825 3.54 37.39 -4.07
C ARG A 825 3.43 37.92 -2.64
N ALA A 826 4.57 38.10 -1.97
CA ALA A 826 4.56 38.70 -0.64
C ALA A 826 4.19 40.18 -0.70
N PHE A 827 4.52 40.86 -1.81
CA PHE A 827 4.09 42.24 -2.00
C PHE A 827 2.57 42.35 -2.06
N LYS A 828 1.91 41.41 -2.75
CA LYS A 828 0.46 41.35 -2.69
C LYS A 828 -0.03 40.91 -1.32
N SER A 829 0.73 40.04 -0.65
CA SER A 829 0.33 39.54 0.66
C SER A 829 0.42 40.60 1.75
N LYS A 830 1.16 41.69 1.48
CA LYS A 830 1.20 42.83 2.40
C LYS A 830 -0.18 43.45 2.63
N PHE A 831 -1.06 43.36 1.64
CA PHE A 831 -2.39 43.95 1.72
C PHE A 831 -3.42 43.00 2.28
N HIS A 832 -2.99 41.82 2.72
CA HIS A 832 -3.79 40.69 3.21
C HIS A 832 -4.96 40.38 2.29
N PRO A 833 -4.71 39.80 1.11
CA PRO A 833 -5.81 39.54 0.17
C PRO A 833 -6.39 38.14 0.36
N GLU A 834 -7.61 37.98 -0.10
CA GLU A 834 -8.18 36.66 -0.23
C GLU A 834 -7.98 36.21 -1.68
N TRP A 835 -7.21 35.14 -1.84
CA TRP A 835 -6.73 34.74 -3.15
C TRP A 835 -7.85 34.13 -3.98
N GLN A 836 -7.60 34.09 -5.28
CA GLN A 836 -8.59 33.68 -6.28
C GLN A 836 -7.84 33.06 -7.44
N PRO A 837 -7.99 31.77 -7.69
CA PRO A 837 -7.17 31.13 -8.72
C PRO A 837 -7.67 31.48 -10.10
N ARG A 838 -6.74 31.59 -11.04
CA ARG A 838 -7.05 31.87 -12.43
C ARG A 838 -6.36 30.83 -13.29
N TYR A 839 -7.05 30.38 -14.33
CA TYR A 839 -6.57 29.28 -15.16
C TYR A 839 -6.34 29.75 -16.59
N LEU A 840 -5.64 28.92 -17.36
CA LEU A 840 -5.62 29.05 -18.80
C LEU A 840 -6.17 27.77 -19.40
N ALA A 841 -7.20 27.89 -20.23
CA ALA A 841 -7.78 26.74 -20.89
C ALA A 841 -7.13 26.55 -22.25
N VAL A 842 -6.93 25.30 -22.64
CA VAL A 842 -6.28 24.96 -23.89
C VAL A 842 -7.20 24.05 -24.68
N SER A 843 -7.37 24.35 -25.96
CA SER A 843 -8.23 23.54 -26.82
C SER A 843 -7.47 22.37 -27.43
N GLY A 844 -8.23 21.35 -27.81
CA GLY A 844 -7.73 20.30 -28.66
C GLY A 844 -6.73 19.35 -28.05
N GLY A 845 -6.61 19.32 -26.73
CA GLY A 845 -5.75 18.35 -26.08
C GLY A 845 -4.27 18.51 -26.34
N VAL A 846 -3.82 19.71 -26.63
CA VAL A 846 -2.43 19.95 -26.96
C VAL A 846 -1.73 20.51 -25.73
N SER A 847 -0.41 20.56 -25.79
CA SER A 847 0.40 20.89 -24.63
C SER A 847 0.32 22.37 -24.29
N PRO A 848 0.24 22.72 -23.01
CA PRO A 848 0.26 24.14 -22.62
C PRO A 848 1.66 24.71 -22.53
N MET A 849 2.70 23.92 -22.80
CA MET A 849 3.97 24.48 -23.24
C MET A 849 3.73 25.38 -24.46
N ILE A 850 3.11 24.79 -25.48
CA ILE A 850 2.81 25.50 -26.73
C ILE A 850 1.87 26.66 -26.48
N ALA A 851 0.81 26.42 -25.69
CA ALA A 851 -0.20 27.45 -25.45
C ALA A 851 0.36 28.58 -24.60
N LEU A 852 1.18 28.25 -23.62
CA LEU A 852 1.77 29.27 -22.77
C LEU A 852 2.79 30.08 -23.54
N MET A 853 3.54 29.45 -24.46
CA MET A 853 4.47 30.22 -25.26
C MET A 853 3.76 31.04 -26.33
N ASP A 854 2.60 30.59 -26.80
CA ASP A 854 1.79 31.43 -27.67
C ASP A 854 1.24 32.63 -26.93
N ALA A 855 0.96 32.48 -25.64
CA ALA A 855 0.63 33.65 -24.83
C ALA A 855 1.88 34.52 -24.63
N THR A 856 3.03 33.88 -24.48
CA THR A 856 4.26 34.57 -24.10
C THR A 856 4.79 35.46 -25.22
N PHE A 857 4.89 34.91 -26.43
CA PHE A 857 5.37 35.69 -27.56
C PHE A 857 4.34 36.70 -28.05
N LEU A 858 3.11 36.65 -27.54
CA LEU A 858 2.17 37.73 -27.75
C LEU A 858 2.24 38.76 -26.63
N ILE A 859 2.74 38.38 -25.46
CA ILE A 859 3.13 39.39 -24.47
C ILE A 859 4.35 40.16 -24.97
N GLY A 860 5.39 39.44 -25.35
CA GLY A 860 6.59 40.07 -25.89
C GLY A 860 6.84 39.72 -27.34
N LEU B 23 -2.36 -20.57 12.78
CA LEU B 23 -3.32 -20.84 13.84
C LEU B 23 -2.52 -21.11 15.12
N LEU B 24 -1.71 -20.12 15.50
CA LEU B 24 -1.01 -20.19 16.77
C LEU B 24 -1.98 -19.99 17.93
N ASN B 25 -1.56 -20.48 19.09
CA ASN B 25 -2.30 -20.39 20.36
C ASN B 25 -3.66 -21.08 20.28
N ARG B 26 -3.76 -22.10 19.42
CA ARG B 26 -4.92 -22.99 19.34
C ARG B 26 -4.54 -24.44 19.58
N TYR B 27 -3.31 -24.83 19.24
CA TYR B 27 -2.80 -26.15 19.60
C TYR B 27 -2.61 -26.20 21.12
N ARG B 28 -3.43 -27.00 21.79
CA ARG B 28 -3.43 -27.06 23.25
C ARG B 28 -3.39 -28.54 23.63
N ALA B 29 -2.22 -29.17 23.55
CA ALA B 29 -2.19 -30.62 23.56
C ALA B 29 -0.77 -31.15 23.57
N LEU B 30 -0.68 -32.48 23.72
CA LEU B 30 0.47 -33.27 23.34
C LEU B 30 0.17 -34.15 22.12
N ILE B 31 -1.10 -34.29 21.75
CA ILE B 31 -1.41 -34.98 20.51
C ILE B 31 -1.02 -34.15 19.29
N VAL B 32 -0.78 -32.84 19.44
CA VAL B 32 -0.17 -32.08 18.36
C VAL B 32 1.28 -32.51 18.17
N ALA B 33 2.00 -32.74 19.27
CA ALA B 33 3.36 -33.25 19.17
C ALA B 33 3.40 -34.67 18.62
N VAL B 34 2.40 -35.48 18.93
CA VAL B 34 2.35 -36.83 18.36
C VAL B 34 1.96 -36.77 16.89
N LEU B 35 1.01 -35.90 16.55
CA LEU B 35 0.48 -35.86 15.19
C LEU B 35 1.49 -35.24 14.23
N THR B 36 2.36 -34.35 14.73
CA THR B 36 3.42 -33.79 13.90
C THR B 36 4.40 -34.88 13.46
N VAL B 37 4.84 -35.71 14.40
CA VAL B 37 5.77 -36.77 14.03
C VAL B 37 5.05 -37.90 13.32
N ALA B 38 3.72 -38.01 13.47
CA ALA B 38 2.96 -38.94 12.63
C ALA B 38 2.96 -38.50 11.17
N VAL B 39 2.74 -37.21 10.93
CA VAL B 39 2.79 -36.68 9.57
C VAL B 39 4.19 -36.79 8.99
N PHE B 40 5.21 -36.59 9.84
CA PHE B 40 6.57 -36.81 9.37
C PHE B 40 6.87 -38.28 9.07
N CYS B 41 6.26 -39.20 9.82
CA CYS B 41 6.46 -40.62 9.55
C CYS B 41 5.80 -41.02 8.23
N ILE B 42 4.59 -40.53 8.00
CA ILE B 42 3.90 -40.77 6.73
C ILE B 42 4.68 -40.16 5.57
N ALA B 43 5.24 -38.97 5.78
CA ALA B 43 6.00 -38.30 4.73
C ALA B 43 7.30 -39.02 4.42
N ALA B 44 7.99 -39.51 5.45
CA ALA B 44 9.25 -40.21 5.21
C ALA B 44 9.02 -41.59 4.60
N TYR B 45 7.93 -42.26 4.99
CA TYR B 45 7.55 -43.48 4.30
C TYR B 45 7.19 -43.23 2.85
N ALA B 46 6.60 -42.08 2.55
CA ALA B 46 6.30 -41.77 1.15
C ALA B 46 7.54 -41.38 0.38
N ILE B 47 8.55 -40.79 1.04
CA ILE B 47 9.84 -40.56 0.40
C ILE B 47 10.49 -41.88 0.01
N TYR B 48 10.52 -42.82 0.95
CA TYR B 48 11.10 -44.13 0.67
C TYR B 48 10.26 -44.91 -0.35
N ASP B 49 8.95 -44.66 -0.40
CA ASP B 49 8.11 -45.24 -1.43
C ASP B 49 8.47 -44.69 -2.82
N LEU B 50 8.59 -43.37 -2.93
CA LEU B 50 8.78 -42.74 -4.22
C LEU B 50 10.22 -42.71 -4.67
N THR B 51 11.15 -43.17 -3.85
CA THR B 51 12.54 -43.22 -4.25
C THR B 51 13.09 -44.63 -4.22
N THR B 52 12.35 -45.59 -4.78
CA THR B 52 12.82 -46.97 -4.85
C THR B 52 14.07 -47.12 -5.69
N GLU B 53 13.97 -46.85 -6.98
CA GLU B 53 15.07 -47.14 -7.89
C GLU B 53 15.96 -45.92 -8.08
N VAL B 54 16.57 -45.51 -6.98
CA VAL B 54 17.63 -44.52 -6.99
C VAL B 54 18.75 -45.03 -6.10
N ARG B 55 19.99 -44.82 -6.52
CA ARG B 55 21.16 -45.24 -5.78
C ARG B 55 21.74 -44.06 -5.03
N TYR B 56 22.21 -44.31 -3.80
CA TYR B 56 22.83 -43.25 -3.03
C TYR B 56 24.12 -42.77 -3.66
N ASP B 57 24.83 -43.64 -4.38
CA ASP B 57 26.02 -43.22 -5.09
C ASP B 57 25.67 -42.25 -6.21
N ASP B 58 24.50 -42.41 -6.81
CA ASP B 58 24.07 -41.54 -7.89
C ASP B 58 23.72 -40.14 -7.37
N VAL B 59 23.16 -40.08 -6.16
CA VAL B 59 22.88 -38.80 -5.52
C VAL B 59 24.18 -38.06 -5.19
N VAL B 60 25.19 -38.79 -4.73
CA VAL B 60 26.49 -38.20 -4.45
C VAL B 60 27.14 -37.72 -5.74
N HIS B 61 26.94 -38.48 -6.83
CA HIS B 61 27.41 -38.03 -8.15
C HIS B 61 26.75 -36.73 -8.57
N ALA B 62 25.44 -36.62 -8.35
CA ALA B 62 24.75 -35.42 -8.79
C ALA B 62 25.03 -34.23 -7.89
N LEU B 63 25.40 -34.45 -6.62
CA LEU B 63 25.92 -33.33 -5.83
C LEU B 63 27.30 -32.91 -6.30
N THR B 64 28.18 -33.87 -6.60
CA THR B 64 29.55 -33.53 -6.98
C THR B 64 29.63 -32.91 -8.36
N THR B 65 28.63 -33.12 -9.22
CA THR B 65 28.55 -32.42 -10.49
C THR B 65 27.27 -31.59 -10.48
N THR B 66 27.38 -30.33 -10.07
CA THR B 66 26.19 -29.51 -9.92
C THR B 66 26.33 -28.08 -10.44
N LYS B 67 27.35 -27.80 -11.27
CA LYS B 67 27.48 -26.55 -12.02
C LYS B 67 27.55 -25.31 -11.14
N ILE B 68 28.70 -25.07 -10.49
CA ILE B 68 28.94 -24.08 -9.42
C ILE B 68 28.34 -22.69 -9.67
N SER B 69 28.10 -22.34 -10.94
CA SER B 69 27.28 -21.17 -11.25
C SER B 69 25.86 -21.32 -10.72
N SER B 70 25.30 -22.53 -10.75
CA SER B 70 23.96 -22.74 -10.22
C SER B 70 23.94 -22.59 -8.71
N VAL B 71 24.98 -23.04 -8.02
CA VAL B 71 25.00 -22.89 -6.57
C VAL B 71 25.24 -21.43 -6.18
N LEU B 72 26.03 -20.70 -6.99
CA LEU B 72 26.20 -19.27 -6.75
C LEU B 72 24.91 -18.52 -7.01
N LEU B 73 24.12 -18.96 -7.99
CA LEU B 73 22.85 -18.30 -8.25
C LEU B 73 21.83 -18.66 -7.17
N ALA B 74 21.94 -19.84 -6.57
CA ALA B 74 21.10 -20.17 -5.43
C ALA B 74 21.46 -19.33 -4.21
N LEU B 75 22.75 -19.03 -4.03
CA LEU B 75 23.14 -18.08 -2.99
C LEU B 75 22.56 -16.70 -3.24
N LEU B 76 22.55 -16.26 -4.51
CA LEU B 76 21.97 -14.96 -4.83
C LEU B 76 20.48 -14.91 -4.53
N PHE B 77 19.76 -15.97 -4.87
CA PHE B 77 18.33 -15.93 -4.64
C PHE B 77 17.97 -16.11 -3.17
N THR B 78 18.81 -16.81 -2.40
CA THR B 78 18.62 -16.84 -0.96
C THR B 78 18.87 -15.46 -0.36
N GLY B 79 19.86 -14.74 -0.88
CA GLY B 79 20.10 -13.38 -0.43
C GLY B 79 18.92 -12.47 -0.71
N LEU B 80 18.32 -12.61 -1.88
CA LEU B 80 17.13 -11.80 -2.19
C LEU B 80 15.93 -12.22 -1.33
N SER B 81 15.81 -13.51 -1.02
CA SER B 81 14.74 -13.96 -0.15
C SER B 81 14.86 -13.40 1.24
N PHE B 82 16.05 -13.37 1.80
CA PHE B 82 16.17 -12.81 3.14
C PHE B 82 16.17 -11.28 3.14
N ALA B 83 16.50 -10.63 2.02
CA ALA B 83 16.23 -9.20 1.92
C ALA B 83 14.73 -8.93 1.97
N SER B 84 13.94 -9.75 1.29
CA SER B 84 12.50 -9.58 1.40
C SER B 84 11.98 -9.96 2.79
N LEU B 85 12.64 -10.86 3.50
CA LEU B 85 12.20 -11.14 4.86
C LEU B 85 12.47 -9.97 5.80
N ILE B 86 13.61 -9.29 5.59
CA ILE B 86 13.87 -8.05 6.30
C ILE B 86 12.77 -7.03 6.03
N PHE B 87 12.29 -6.96 4.79
CA PHE B 87 11.23 -6.00 4.55
C PHE B 87 9.85 -6.46 5.02
N TYR B 88 9.60 -7.76 5.20
CA TYR B 88 8.45 -8.22 6.00
C TYR B 88 8.43 -7.51 7.33
N ASP B 89 9.54 -7.58 8.03
CA ASP B 89 9.48 -7.09 9.39
C ASP B 89 9.53 -5.58 9.47
N GLN B 90 10.27 -4.93 8.56
CA GLN B 90 10.27 -3.46 8.52
C GLN B 90 8.90 -2.91 8.13
N ASN B 91 8.19 -3.64 7.26
CA ASN B 91 6.81 -3.31 6.97
C ASN B 91 5.92 -3.47 8.20
N ALA B 92 6.17 -4.54 8.97
CA ALA B 92 5.37 -4.77 10.18
C ALA B 92 5.57 -3.66 11.20
N LEU B 93 6.80 -3.20 11.36
CA LEU B 93 7.06 -2.09 12.28
C LEU B 93 6.59 -0.75 11.74
N GLU B 94 6.46 -0.60 10.42
CA GLU B 94 5.79 0.61 9.95
C GLU B 94 4.29 0.50 10.07
N TYR B 95 3.74 -0.68 10.30
CA TYR B 95 2.29 -0.77 10.44
C TYR B 95 1.80 -0.26 11.78
N ILE B 96 2.49 -0.60 12.88
CA ILE B 96 2.01 -0.24 14.20
C ILE B 96 2.58 1.09 14.62
N GLY B 97 3.20 1.81 13.70
CA GLY B 97 3.73 3.13 13.97
C GLY B 97 5.11 3.15 14.57
N LYS B 98 5.54 2.07 15.20
CA LYS B 98 6.83 2.06 15.88
C LYS B 98 7.97 2.00 14.88
N ARG B 99 8.48 3.15 14.49
CA ARG B 99 9.56 3.19 13.51
C ARG B 99 10.89 2.98 14.22
N LEU B 100 11.50 1.82 14.01
CA LEU B 100 12.78 1.45 14.58
C LEU B 100 13.89 1.61 13.55
N PRO B 101 15.15 1.79 13.98
CA PRO B 101 16.23 1.90 13.01
C PRO B 101 16.50 0.60 12.31
N PHE B 102 16.93 0.70 11.06
CA PHE B 102 16.98 -0.44 10.15
C PHE B 102 18.08 -1.48 10.41
N PRO B 103 19.31 -1.16 10.83
CA PRO B 103 20.24 -2.25 11.14
C PRO B 103 19.91 -3.01 12.40
N HIS B 104 18.95 -2.57 13.20
CA HIS B 104 18.44 -3.37 14.31
C HIS B 104 17.16 -4.09 13.96
N VAL B 105 16.73 -4.01 12.71
CA VAL B 105 15.62 -4.81 12.24
C VAL B 105 16.07 -5.81 11.18
N ALA B 106 17.08 -5.46 10.38
CA ALA B 106 17.71 -6.40 9.47
C ALA B 106 18.32 -7.57 10.22
N LEU B 107 18.91 -7.32 11.37
CA LEU B 107 19.50 -8.41 12.12
C LEU B 107 18.43 -9.25 12.81
N THR B 108 17.43 -8.61 13.39
CA THR B 108 16.41 -9.36 14.11
C THR B 108 15.33 -9.91 13.21
N SER B 109 15.47 -9.82 11.89
CA SER B 109 14.67 -10.68 11.04
C SER B 109 15.45 -11.33 9.92
N PHE B 110 16.76 -11.16 9.86
CA PHE B 110 17.60 -12.12 9.21
C PHE B 110 17.99 -13.24 10.16
N SER B 111 17.82 -13.02 11.47
CA SER B 111 18.04 -14.06 12.46
C SER B 111 16.75 -14.46 13.16
N ALA B 112 15.59 -14.11 12.59
CA ALA B 112 14.34 -14.68 13.03
C ALA B 112 13.79 -15.67 12.03
N TYR B 113 14.11 -15.48 10.77
CA TYR B 113 13.79 -16.46 9.76
C TYR B 113 14.91 -17.44 9.50
N ALA B 114 16.12 -17.15 9.96
CA ALA B 114 17.14 -18.19 9.94
C ALA B 114 16.83 -19.29 10.93
N VAL B 115 16.06 -18.98 11.96
CA VAL B 115 15.59 -19.96 12.90
C VAL B 115 14.19 -20.45 12.56
N GLY B 116 13.30 -19.54 12.14
CA GLY B 116 11.94 -19.95 11.82
C GLY B 116 11.83 -20.87 10.63
N ASN B 117 12.78 -20.79 9.70
CA ASN B 117 12.85 -21.76 8.61
C ASN B 117 13.48 -23.07 9.04
N THR B 118 14.01 -23.14 10.25
CA THR B 118 14.65 -24.33 10.77
C THR B 118 13.84 -25.02 11.84
N ALA B 119 13.33 -24.26 12.80
CA ALA B 119 12.60 -24.79 13.91
C ALA B 119 11.21 -24.16 13.97
N GLY B 120 10.31 -24.85 14.66
CA GLY B 120 8.98 -24.32 14.87
C GLY B 120 8.48 -24.61 16.25
N PHE B 121 9.39 -24.71 17.21
CA PHE B 121 9.06 -25.15 18.56
C PHE B 121 8.59 -23.96 19.38
N GLY B 122 8.50 -24.15 20.68
CA GLY B 122 8.23 -23.06 21.58
C GLY B 122 9.38 -22.09 21.64
N ALA B 123 10.53 -22.56 22.15
CA ALA B 123 11.64 -21.67 22.37
C ALA B 123 12.36 -21.29 21.09
N LEU B 124 12.21 -22.05 20.02
CA LEU B 124 12.87 -21.75 18.76
C LEU B 124 11.80 -21.60 17.70
N SER B 125 11.36 -20.36 17.49
CA SER B 125 10.43 -20.02 16.43
C SER B 125 10.60 -18.55 16.13
N ALA B 126 9.72 -18.01 15.30
CA ALA B 126 9.74 -16.57 15.06
C ALA B 126 9.26 -15.81 16.29
N GLY B 127 8.36 -16.42 17.08
CA GLY B 127 7.81 -15.81 18.27
C GLY B 127 8.87 -15.48 19.29
N ALA B 128 9.50 -16.50 19.85
CA ALA B 128 10.47 -16.34 20.93
C ALA B 128 11.80 -15.77 20.46
N ILE B 129 11.92 -15.29 19.24
CA ILE B 129 13.04 -14.47 18.82
C ILE B 129 12.61 -13.03 18.56
N ARG B 130 11.41 -12.81 18.05
CA ARG B 130 10.89 -11.45 18.01
C ARG B 130 10.70 -10.89 19.43
N TYR B 131 10.26 -11.72 20.38
CA TYR B 131 10.17 -11.26 21.76
C TYR B 131 11.54 -10.90 22.32
N ARG B 132 12.50 -11.82 22.21
CA ARG B 132 13.80 -11.60 22.82
C ARG B 132 14.60 -10.53 22.10
N ALA B 133 14.25 -10.22 20.87
CA ALA B 133 15.00 -9.23 20.12
C ALA B 133 14.27 -7.91 20.02
N TYR B 134 13.03 -7.82 20.52
CA TYR B 134 12.36 -6.53 20.54
C TYR B 134 12.15 -5.98 21.94
N THR B 135 12.05 -6.82 22.97
CA THR B 135 12.02 -6.28 24.31
C THR B 135 13.34 -5.62 24.67
N ARG B 136 14.45 -6.15 24.18
CA ARG B 136 15.73 -5.47 24.35
C ARG B 136 15.78 -4.21 23.49
N LEU B 137 15.13 -4.25 22.33
CA LEU B 137 15.30 -3.17 21.36
C LEU B 137 14.47 -1.95 21.72
N GLY B 138 13.29 -2.13 22.29
CA GLY B 138 12.52 -0.98 22.73
C GLY B 138 11.04 -1.01 22.46
N LEU B 139 10.51 -2.12 21.95
CA LEU B 139 9.08 -2.20 21.77
C LEU B 139 8.39 -2.52 23.09
N SER B 140 7.07 -2.58 23.05
CA SER B 140 6.20 -3.00 24.12
C SER B 140 5.67 -4.39 23.84
N PRO B 141 5.51 -5.22 24.87
CA PRO B 141 5.01 -6.59 24.64
C PRO B 141 3.56 -6.66 24.23
N ASP B 142 2.81 -5.55 24.26
CA ASP B 142 1.53 -5.51 23.61
C ASP B 142 1.67 -5.20 22.12
N ASP B 143 2.88 -4.86 21.68
CA ASP B 143 3.14 -4.57 20.27
C ASP B 143 3.98 -5.62 19.58
N ILE B 144 4.75 -6.42 20.32
CA ILE B 144 5.44 -7.52 19.69
C ILE B 144 4.45 -8.62 19.34
N THR B 145 3.35 -8.69 20.08
CA THR B 145 2.27 -9.57 19.66
C THR B 145 1.43 -8.98 18.54
N ARG B 146 1.72 -7.77 18.11
CA ARG B 146 1.16 -7.28 16.85
C ARG B 146 2.12 -7.50 15.69
N VAL B 147 3.42 -7.31 15.94
CA VAL B 147 4.43 -7.58 14.93
C VAL B 147 4.42 -9.05 14.53
N ILE B 148 4.46 -9.95 15.52
CA ILE B 148 4.45 -11.39 15.26
C ILE B 148 3.17 -11.80 14.56
N ALA B 149 2.04 -11.25 14.98
CA ALA B 149 0.79 -11.72 14.43
C ALA B 149 0.55 -11.19 13.03
N PHE B 150 0.94 -9.94 12.76
CA PHE B 150 0.87 -9.42 11.40
C PHE B 150 1.85 -10.13 10.48
N VAL B 151 3.02 -10.49 11.00
CA VAL B 151 4.00 -11.23 10.21
C VAL B 151 3.50 -12.64 9.87
N THR B 152 2.89 -13.33 10.83
CA THR B 152 2.44 -14.68 10.54
C THR B 152 1.19 -14.71 9.68
N LEU B 153 0.29 -13.72 9.83
CA LEU B 153 -0.80 -13.61 8.87
C LEU B 153 -0.27 -13.25 7.50
N ALA B 154 0.78 -12.43 7.47
CA ALA B 154 1.39 -12.03 6.21
C ALA B 154 1.92 -13.23 5.45
N PHE B 155 2.70 -14.07 6.12
CA PHE B 155 3.25 -15.23 5.42
C PHE B 155 2.18 -16.24 5.08
N GLY B 156 1.25 -16.51 6.00
CA GLY B 156 0.27 -17.54 5.73
C GLY B 156 -0.73 -17.13 4.66
N LEU B 157 -1.30 -15.95 4.79
CA LEU B 157 -2.31 -15.52 3.86
C LEU B 157 -1.68 -15.13 2.53
N GLY B 158 -0.44 -14.64 2.54
CA GLY B 158 0.21 -14.31 1.30
C GLY B 158 0.67 -15.55 0.55
N LEU B 159 1.13 -16.58 1.27
CA LEU B 159 1.45 -17.83 0.63
C LEU B 159 0.22 -18.53 0.09
N ALA B 160 -0.92 -18.41 0.78
CA ALA B 160 -2.13 -19.00 0.25
C ALA B 160 -2.62 -18.27 -1.00
N SER B 161 -2.58 -16.94 -0.99
CA SER B 161 -2.97 -16.17 -2.16
C SER B 161 -2.01 -16.40 -3.32
N VAL B 162 -0.73 -16.48 -3.04
CA VAL B 162 0.28 -16.63 -4.08
C VAL B 162 0.23 -18.02 -4.68
N GLY B 163 0.12 -19.05 -3.85
CA GLY B 163 -0.04 -20.40 -4.38
C GLY B 163 -1.35 -20.59 -5.11
N ALA B 164 -2.41 -19.93 -4.68
CA ALA B 164 -3.68 -20.10 -5.36
C ALA B 164 -3.79 -19.24 -6.61
N MET B 165 -2.95 -18.24 -6.75
CA MET B 165 -2.92 -17.49 -8.00
C MET B 165 -1.98 -18.10 -9.01
N ALA B 166 -0.82 -18.57 -8.57
CA ALA B 166 0.06 -19.25 -9.50
C ALA B 166 -0.34 -20.69 -9.73
N LEU B 167 -1.31 -21.19 -8.98
CA LEU B 167 -1.95 -22.45 -9.33
C LEU B 167 -3.09 -22.23 -10.29
N LEU B 168 -3.63 -21.01 -10.29
CA LEU B 168 -4.75 -20.68 -11.16
C LEU B 168 -4.32 -20.54 -12.61
N VAL B 169 -3.16 -19.93 -12.84
CA VAL B 169 -2.74 -19.68 -14.20
C VAL B 169 -2.24 -20.95 -14.87
N ILE B 170 -1.70 -21.90 -14.10
CA ILE B 170 -1.22 -23.15 -14.67
C ILE B 170 -1.65 -24.37 -13.87
N ALA B 171 -2.76 -24.95 -14.28
CA ALA B 171 -3.08 -26.32 -13.91
C ALA B 171 -2.83 -27.24 -15.09
N ASP B 172 -1.99 -26.82 -16.01
CA ASP B 172 -1.66 -27.60 -17.17
C ASP B 172 -0.18 -27.86 -17.30
N GLU B 173 0.66 -26.98 -16.81
CA GLU B 173 2.08 -27.26 -16.78
C GLU B 173 2.46 -28.17 -15.62
N ILE B 174 1.61 -28.26 -14.60
CA ILE B 174 1.83 -29.17 -13.47
C ILE B 174 0.65 -30.08 -13.22
N GLY B 175 -0.45 -29.92 -13.95
CA GLY B 175 -1.61 -30.75 -13.80
C GLY B 175 -1.37 -32.21 -14.12
N PRO B 176 -1.02 -32.53 -15.37
CA PRO B 176 -0.77 -33.93 -15.73
C PRO B 176 0.49 -34.54 -15.14
N LEU B 177 1.32 -33.78 -14.42
CA LEU B 177 2.49 -34.38 -13.81
C LEU B 177 2.13 -35.36 -12.71
N ILE B 178 1.06 -35.08 -11.98
CA ILE B 178 0.52 -36.04 -11.02
C ILE B 178 -0.74 -36.69 -11.54
N SER B 179 -1.01 -36.55 -12.85
CA SER B 179 -2.14 -37.13 -13.56
C SER B 179 -3.49 -36.71 -12.98
N VAL B 180 -3.55 -35.50 -12.43
CA VAL B 180 -4.79 -34.89 -12.01
C VAL B 180 -5.19 -33.86 -13.06
N ASP B 181 -6.44 -33.94 -13.51
CA ASP B 181 -6.90 -33.12 -14.62
C ASP B 181 -6.89 -31.64 -14.23
N GLY B 182 -6.74 -30.78 -15.25
CA GLY B 182 -6.53 -29.38 -15.03
C GLY B 182 -7.72 -28.64 -14.47
N LEU B 183 -8.91 -29.21 -14.57
CA LEU B 183 -10.08 -28.51 -14.04
C LEU B 183 -10.11 -28.57 -12.52
N TRP B 184 -9.68 -29.67 -11.93
CA TRP B 184 -9.81 -29.82 -10.49
C TRP B 184 -8.74 -29.02 -9.75
N LEU B 185 -7.51 -29.04 -10.26
CA LEU B 185 -6.43 -28.30 -9.62
C LEU B 185 -6.63 -26.80 -9.77
N ARG B 186 -7.24 -26.37 -10.88
CA ARG B 186 -7.62 -24.98 -11.01
C ARG B 186 -8.84 -24.64 -10.15
N LEU B 187 -9.74 -25.59 -9.93
CA LEU B 187 -10.95 -25.31 -9.19
C LEU B 187 -10.66 -25.17 -7.70
N ILE B 188 -9.68 -25.91 -7.18
CA ILE B 188 -9.35 -25.69 -5.78
C ILE B 188 -8.60 -24.38 -5.59
N ALA B 189 -7.91 -23.90 -6.63
CA ALA B 189 -7.29 -22.59 -6.54
C ALA B 189 -8.34 -21.49 -6.59
N ILE B 190 -9.40 -21.68 -7.38
CA ILE B 190 -10.52 -20.74 -7.37
C ILE B 190 -11.23 -20.78 -6.02
N ALA B 191 -11.28 -21.96 -5.38
CA ALA B 191 -11.87 -22.05 -4.05
C ALA B 191 -11.06 -21.28 -3.02
N ILE B 192 -9.73 -21.40 -3.05
CA ILE B 192 -8.89 -20.66 -2.12
C ILE B 192 -8.98 -19.16 -2.37
N LEU B 193 -8.93 -18.75 -3.64
CA LEU B 193 -9.03 -17.32 -3.94
C LEU B 193 -10.40 -16.74 -3.62
N ALA B 194 -11.46 -17.51 -3.77
CA ALA B 194 -12.77 -17.01 -3.39
C ALA B 194 -12.89 -16.89 -1.89
N ALA B 195 -12.29 -17.82 -1.15
CA ALA B 195 -12.28 -17.72 0.30
C ALA B 195 -11.49 -16.51 0.77
N LEU B 196 -10.34 -16.23 0.16
CA LEU B 196 -9.54 -15.11 0.64
C LEU B 196 -10.11 -13.78 0.19
N ALA B 197 -10.76 -13.74 -0.98
CA ALA B 197 -11.46 -12.52 -1.37
C ALA B 197 -12.67 -12.29 -0.48
N PHE B 198 -13.30 -13.35 0.01
CA PHE B 198 -14.38 -13.19 0.97
C PHE B 198 -13.85 -12.66 2.30
N VAL B 199 -12.67 -13.11 2.71
CA VAL B 199 -12.08 -12.62 3.96
C VAL B 199 -11.73 -11.15 3.85
N VAL B 200 -11.16 -10.73 2.71
CA VAL B 200 -10.80 -9.32 2.55
C VAL B 200 -12.05 -8.45 2.42
N TYR B 201 -13.05 -8.90 1.66
CA TYR B 201 -14.27 -8.14 1.50
C TYR B 201 -15.11 -8.10 2.77
N ALA B 202 -14.96 -9.08 3.66
CA ALA B 202 -15.53 -8.93 4.99
C ALA B 202 -14.74 -7.90 5.80
N GLY B 203 -13.42 -8.02 5.78
CA GLY B 203 -12.58 -7.11 6.53
C GLY B 203 -12.10 -5.90 5.76
N ARG B 204 -13.00 -5.29 4.99
CA ARG B 204 -12.72 -4.01 4.33
C ARG B 204 -12.30 -2.90 5.30
N ASN B 205 -13.21 -2.49 6.17
CA ASN B 205 -12.98 -1.37 7.09
C ASN B 205 -13.17 -1.87 8.51
N GLY B 206 -12.07 -2.21 9.17
CA GLY B 206 -12.15 -2.80 10.49
C GLY B 206 -12.83 -4.15 10.39
N ARG B 207 -13.88 -4.33 11.21
CA ARG B 207 -14.84 -5.42 11.12
C ARG B 207 -14.14 -6.78 11.25
N GLU B 208 -13.73 -7.07 12.48
CA GLU B 208 -13.11 -8.35 12.80
C GLU B 208 -14.04 -9.50 12.41
N VAL B 209 -13.59 -10.29 11.44
CA VAL B 209 -14.39 -11.36 10.86
C VAL B 209 -13.94 -12.68 11.48
N ARG B 210 -14.85 -13.31 12.21
CA ARG B 210 -14.55 -14.54 12.93
C ARG B 210 -14.76 -15.71 12.00
N ILE B 211 -13.65 -16.25 11.48
CA ILE B 211 -13.71 -17.36 10.54
C ILE B 211 -13.75 -18.70 11.27
N GLY B 212 -13.76 -18.68 12.60
CA GLY B 212 -13.72 -19.89 13.39
C GLY B 212 -13.22 -19.58 14.78
N PRO B 213 -12.18 -20.30 15.22
CA PRO B 213 -11.51 -19.88 16.45
C PRO B 213 -10.71 -18.60 16.26
N VAL B 214 -10.06 -18.44 15.12
CA VAL B 214 -9.23 -17.29 14.83
C VAL B 214 -10.08 -16.20 14.19
N ALA B 215 -9.85 -14.96 14.59
CA ALA B 215 -10.66 -13.83 14.17
C ALA B 215 -9.76 -12.81 13.49
N VAL B 216 -9.62 -12.95 12.17
CA VAL B 216 -8.74 -12.05 11.42
C VAL B 216 -9.36 -10.67 11.34
N ARG B 217 -8.50 -9.66 11.42
CA ARG B 217 -8.91 -8.27 11.22
C ARG B 217 -7.82 -7.63 10.35
N LEU B 218 -8.04 -7.69 9.04
CA LEU B 218 -6.99 -7.38 8.09
C LEU B 218 -6.66 -5.90 8.09
N PRO B 219 -5.42 -5.53 7.83
CA PRO B 219 -5.05 -4.12 7.83
C PRO B 219 -5.54 -3.34 6.62
N ASP B 220 -5.05 -2.10 6.50
CA ASP B 220 -5.36 -1.22 5.37
C ASP B 220 -5.08 -1.92 4.04
N SER B 221 -5.85 -1.53 3.02
CA SER B 221 -5.59 -2.05 1.68
C SER B 221 -4.25 -1.54 1.16
N ARG B 222 -3.78 -0.42 1.65
CA ARG B 222 -2.47 0.09 1.30
C ARG B 222 -1.35 -0.65 2.00
N THR B 223 -1.67 -1.49 2.98
CA THR B 223 -0.67 -2.19 3.77
C THR B 223 -0.59 -3.67 3.48
N TRP B 224 -1.72 -4.36 3.33
CA TRP B 224 -1.61 -5.74 2.89
C TRP B 224 -1.21 -5.85 1.44
N SER B 225 -1.32 -4.80 0.64
CA SER B 225 -0.82 -4.92 -0.71
C SER B 225 0.71 -4.83 -0.76
N ARG B 226 1.29 -3.88 -0.03
CA ARG B 226 2.74 -3.83 0.13
C ARG B 226 3.26 -5.11 0.75
N GLN B 227 2.51 -5.64 1.71
CA GLN B 227 2.89 -6.89 2.34
C GLN B 227 2.75 -8.06 1.37
N PHE B 228 1.81 -7.98 0.44
CA PHE B 228 1.67 -9.04 -0.55
C PHE B 228 2.80 -9.02 -1.55
N LEU B 229 3.26 -7.83 -1.95
CA LEU B 229 4.46 -7.75 -2.77
C LEU B 229 5.67 -8.33 -2.05
N VAL B 230 5.82 -8.02 -0.77
CA VAL B 230 6.98 -8.52 -0.05
C VAL B 230 6.90 -10.03 0.14
N THR B 231 5.71 -10.57 0.39
CA THR B 231 5.63 -12.02 0.56
C THR B 231 5.67 -12.75 -0.77
N ALA B 232 5.27 -12.12 -1.88
CA ALA B 232 5.37 -12.79 -3.15
C ALA B 232 6.80 -12.75 -3.66
N PHE B 233 7.55 -11.70 -3.35
CA PHE B 233 8.95 -11.71 -3.72
C PHE B 233 9.73 -12.66 -2.83
N ASP B 234 9.31 -12.86 -1.58
CA ASP B 234 9.92 -13.88 -0.74
C ASP B 234 9.71 -15.27 -1.31
N ILE B 235 8.47 -15.63 -1.63
CA ILE B 235 8.23 -16.98 -2.10
C ILE B 235 8.74 -17.16 -3.52
N ALA B 236 8.88 -16.09 -4.31
CA ALA B 236 9.52 -16.23 -5.62
C ALA B 236 11.01 -16.45 -5.47
N ALA B 237 11.67 -15.67 -4.65
CA ALA B 237 13.10 -15.88 -4.50
C ALA B 237 13.45 -17.00 -3.55
N SER B 238 12.46 -17.72 -3.01
CA SER B 238 12.77 -18.99 -2.35
C SER B 238 12.34 -20.20 -3.15
N ALA B 239 11.44 -20.05 -4.12
CA ALA B 239 11.26 -21.10 -5.09
C ALA B 239 12.40 -21.13 -6.08
N SER B 240 12.97 -19.97 -6.38
CA SER B 240 14.01 -19.97 -7.38
C SER B 240 15.33 -20.50 -6.86
N VAL B 241 15.51 -20.56 -5.54
CA VAL B 241 16.69 -21.23 -4.97
C VAL B 241 16.66 -22.70 -5.33
N LEU B 242 15.50 -23.31 -5.25
CA LEU B 242 15.42 -24.72 -5.61
C LEU B 242 15.30 -24.90 -7.12
N TYR B 243 14.71 -23.94 -7.83
CA TYR B 243 14.58 -24.08 -9.27
C TYR B 243 15.92 -23.98 -9.98
N VAL B 244 16.84 -23.16 -9.46
CA VAL B 244 18.15 -23.12 -10.07
C VAL B 244 18.94 -24.39 -9.78
N LEU B 245 18.59 -25.12 -8.71
CA LEU B 245 19.30 -26.35 -8.41
C LEU B 245 18.73 -27.58 -9.11
N LEU B 246 17.46 -27.59 -9.49
CA LEU B 246 16.94 -28.67 -10.32
C LEU B 246 17.51 -28.60 -11.72
N PRO B 247 18.22 -29.61 -12.20
CA PRO B 247 18.85 -29.51 -13.52
C PRO B 247 17.89 -29.78 -14.67
N GLU B 248 17.48 -28.70 -15.35
CA GLU B 248 16.77 -28.72 -16.64
C GLU B 248 15.48 -29.53 -16.57
N THR B 249 14.53 -28.95 -15.85
CA THR B 249 13.24 -29.58 -15.67
C THR B 249 12.44 -29.58 -16.97
N SER B 250 11.36 -30.36 -16.97
CA SER B 250 10.39 -30.26 -18.04
C SER B 250 9.35 -29.20 -17.77
N ILE B 251 9.50 -28.44 -16.69
CA ILE B 251 8.59 -27.37 -16.34
C ILE B 251 9.36 -26.06 -16.32
N GLY B 252 8.63 -24.96 -16.48
CA GLY B 252 9.23 -23.66 -16.48
C GLY B 252 9.57 -23.21 -15.08
N TRP B 253 9.77 -21.90 -14.94
CA TRP B 253 9.78 -21.33 -13.59
C TRP B 253 8.41 -21.43 -12.92
N PRO B 254 7.31 -20.88 -13.46
CA PRO B 254 6.11 -20.77 -12.64
C PRO B 254 5.42 -22.07 -12.34
N GLY B 255 5.63 -23.10 -13.15
CA GLY B 255 5.14 -24.41 -12.79
C GLY B 255 5.80 -24.91 -11.52
N PHE B 256 7.12 -24.72 -11.43
CA PHE B 256 7.81 -25.05 -10.22
C PHE B 256 7.44 -24.12 -9.08
N PHE B 257 7.03 -22.91 -9.39
CA PHE B 257 6.61 -22.01 -8.34
C PHE B 257 5.28 -22.41 -7.74
N ALA B 258 4.39 -22.93 -8.58
CA ALA B 258 3.14 -23.45 -8.05
C ALA B 258 3.36 -24.76 -7.30
N ILE B 259 4.39 -25.52 -7.65
CA ILE B 259 4.72 -26.68 -6.83
C ILE B 259 5.29 -26.25 -5.50
N TYR B 260 6.14 -25.22 -5.51
CA TYR B 260 6.83 -24.80 -4.31
C TYR B 260 5.89 -24.15 -3.33
N ALA B 261 4.90 -23.41 -3.82
CA ALA B 261 3.98 -22.79 -2.90
C ALA B 261 2.91 -23.74 -2.38
N ILE B 262 2.88 -24.97 -2.87
CA ILE B 262 2.13 -26.03 -2.21
C ILE B 262 3.02 -26.80 -1.25
N ALA B 263 4.28 -26.97 -1.63
CA ALA B 263 5.21 -27.72 -0.80
C ALA B 263 5.51 -26.97 0.50
N VAL B 264 5.80 -25.68 0.42
CA VAL B 264 5.96 -24.89 1.63
C VAL B 264 4.61 -24.73 2.33
N GLY B 265 3.54 -24.58 1.55
CA GLY B 265 2.22 -24.38 2.12
C GLY B 265 1.66 -25.59 2.84
N LEU B 266 2.28 -26.75 2.67
CA LEU B 266 1.97 -27.90 3.51
C LEU B 266 3.06 -28.21 4.51
N GLY B 267 4.32 -27.88 4.21
CA GLY B 267 5.38 -28.15 5.15
C GLY B 267 5.37 -27.22 6.36
N VAL B 268 4.81 -26.03 6.20
CA VAL B 268 4.62 -25.16 7.36
C VAL B 268 3.24 -25.35 7.94
N LEU B 269 2.34 -26.02 7.23
CA LEU B 269 1.01 -26.29 7.76
C LEU B 269 1.04 -27.43 8.77
N SER B 270 2.00 -28.33 8.66
CA SER B 270 2.03 -29.53 9.49
C SER B 270 2.98 -29.40 10.67
N HIS B 271 3.47 -28.19 10.97
CA HIS B 271 4.23 -27.86 12.17
C HIS B 271 5.55 -28.62 12.30
N VAL B 272 6.00 -29.30 11.25
CA VAL B 272 7.23 -30.09 11.31
C VAL B 272 8.42 -29.14 11.39
N PRO B 273 9.48 -29.46 12.16
CA PRO B 273 10.73 -28.70 12.09
C PRO B 273 11.26 -28.51 10.68
N ALA B 274 11.41 -27.24 10.29
CA ALA B 274 11.88 -26.74 9.00
C ALA B 274 10.94 -27.05 7.84
N GLY B 275 9.79 -27.68 8.11
CA GLY B 275 9.04 -28.34 7.06
C GLY B 275 9.95 -29.35 6.41
N PHE B 276 10.35 -30.39 7.12
CA PHE B 276 11.34 -31.29 6.56
C PHE B 276 10.68 -32.29 5.63
N GLY B 277 9.92 -33.20 6.24
CA GLY B 277 9.47 -34.36 5.50
C GLY B 277 8.36 -34.06 4.53
N VAL B 278 7.51 -33.10 4.85
CA VAL B 278 6.36 -32.83 3.99
C VAL B 278 6.79 -32.09 2.74
N PHE B 279 7.72 -31.15 2.88
CA PHE B 279 8.31 -30.46 1.74
C PHE B 279 9.02 -31.44 0.83
N GLU B 280 9.86 -32.30 1.42
CA GLU B 280 10.55 -33.33 0.65
C GLU B 280 9.59 -34.25 -0.09
N THR B 281 8.54 -34.73 0.60
CA THR B 281 7.69 -35.72 -0.06
C THR B 281 6.76 -35.08 -1.08
N ILE B 282 6.39 -33.79 -0.93
CA ILE B 282 5.57 -33.17 -1.97
C ILE B 282 6.39 -32.95 -3.23
N ILE B 283 7.65 -32.54 -3.09
CA ILE B 283 8.43 -32.29 -4.29
C ILE B 283 8.85 -33.59 -4.96
N ILE B 284 9.15 -34.64 -4.17
CA ILE B 284 9.45 -35.93 -4.77
C ILE B 284 8.21 -36.53 -5.42
N ALA B 285 7.04 -36.36 -4.79
CA ALA B 285 5.81 -36.87 -5.37
C ALA B 285 5.41 -36.11 -6.62
N TRP B 286 5.87 -34.88 -6.77
CA TRP B 286 5.42 -34.11 -7.92
C TRP B 286 6.39 -34.20 -9.08
N LEU B 287 7.69 -34.30 -8.81
CA LEU B 287 8.67 -34.15 -9.88
C LEU B 287 9.38 -35.44 -10.26
N GLY B 288 9.17 -36.52 -9.53
CA GLY B 288 9.72 -37.81 -9.96
C GLY B 288 9.09 -38.31 -11.24
N SER B 289 7.83 -37.95 -11.47
CA SER B 289 7.19 -38.26 -12.74
C SER B 289 7.76 -37.41 -13.87
N SER B 290 8.27 -36.22 -13.56
CA SER B 290 8.82 -35.38 -14.61
C SER B 290 10.30 -35.66 -14.83
N VAL B 291 11.11 -35.47 -13.79
CA VAL B 291 12.57 -35.54 -13.94
C VAL B 291 13.11 -36.65 -13.04
N ASN B 292 14.41 -36.91 -13.22
CA ASN B 292 15.05 -38.04 -12.58
C ASN B 292 15.16 -37.81 -11.08
N GLU B 293 14.87 -38.85 -10.30
CA GLU B 293 14.72 -38.69 -8.85
C GLU B 293 16.03 -38.38 -8.15
N ASP B 294 17.15 -38.84 -8.71
CA ASP B 294 18.45 -38.52 -8.12
C ASP B 294 18.73 -37.03 -8.20
N ALA B 295 18.28 -36.39 -9.27
CA ALA B 295 18.43 -34.95 -9.41
C ALA B 295 17.58 -34.20 -8.40
N VAL B 296 16.39 -34.71 -8.10
CA VAL B 296 15.53 -34.00 -7.18
C VAL B 296 16.02 -34.17 -5.76
N LEU B 297 16.57 -35.34 -5.41
CA LEU B 297 17.19 -35.48 -4.08
C LEU B 297 18.46 -34.66 -3.98
N SER B 298 19.25 -34.59 -5.05
CA SER B 298 20.48 -33.84 -5.00
C SER B 298 20.22 -32.34 -5.01
N SER B 299 19.07 -31.92 -5.51
CA SER B 299 18.70 -30.53 -5.40
C SER B 299 18.01 -30.21 -4.10
N LEU B 300 17.30 -31.16 -3.49
CA LEU B 300 16.67 -30.87 -2.22
C LEU B 300 17.67 -30.84 -1.08
N VAL B 301 18.67 -31.72 -1.07
CA VAL B 301 19.69 -31.66 -0.03
C VAL B 301 20.53 -30.40 -0.17
N LEU B 302 20.90 -30.07 -1.38
CA LEU B 302 21.63 -28.85 -1.65
C LEU B 302 20.74 -27.62 -1.62
N TYR B 303 19.43 -27.79 -1.49
CA TYR B 303 18.55 -26.69 -1.16
C TYR B 303 18.50 -26.44 0.32
N ARG B 304 18.36 -27.52 1.11
CA ARG B 304 18.28 -27.37 2.55
C ARG B 304 19.56 -26.80 3.11
N VAL B 305 20.71 -27.17 2.53
CA VAL B 305 21.98 -26.57 2.92
C VAL B 305 21.96 -25.07 2.64
N ILE B 306 21.75 -24.69 1.37
CA ILE B 306 21.93 -23.31 0.93
C ILE B 306 20.89 -22.38 1.56
N TYR B 307 19.67 -22.85 1.73
CA TYR B 307 18.61 -21.97 2.21
C TYR B 307 18.33 -22.08 3.70
N ASN B 308 18.75 -23.14 4.38
CA ASN B 308 18.46 -23.24 5.79
C ASN B 308 19.67 -23.32 6.69
N VAL B 309 20.90 -23.40 6.16
CA VAL B 309 22.10 -23.51 6.98
C VAL B 309 23.03 -22.33 6.75
N ILE B 310 23.25 -21.98 5.47
CA ILE B 310 23.98 -20.75 5.14
C ILE B 310 23.35 -19.49 5.75
N PRO B 311 22.02 -19.31 5.82
CA PRO B 311 21.51 -18.17 6.59
C PRO B 311 21.80 -18.26 8.08
N LEU B 312 21.80 -19.45 8.68
CA LEU B 312 22.23 -19.56 10.07
C LEU B 312 23.70 -19.23 10.23
N VAL B 313 24.54 -19.65 9.29
CA VAL B 313 25.96 -19.37 9.39
C VAL B 313 26.23 -17.88 9.23
N ILE B 314 25.53 -17.22 8.32
CA ILE B 314 25.70 -15.78 8.16
C ILE B 314 25.15 -15.02 9.37
N ALA B 315 24.04 -15.49 9.93
CA ALA B 315 23.49 -14.84 11.11
C ALA B 315 24.38 -15.04 12.33
N ILE B 316 25.08 -16.17 12.41
CA ILE B 316 26.03 -16.38 13.50
C ILE B 316 27.24 -15.48 13.32
N ALA B 317 27.83 -15.50 12.12
CA ALA B 317 29.07 -14.77 11.87
C ALA B 317 28.86 -13.27 11.97
N ALA B 318 27.70 -12.75 11.58
CA ALA B 318 27.47 -11.32 11.72
C ALA B 318 27.23 -10.90 13.17
N ILE B 319 27.09 -11.85 14.08
CA ILE B 319 27.14 -11.52 15.49
C ILE B 319 28.54 -11.67 16.04
N SER B 320 29.20 -12.78 15.70
CA SER B 320 30.49 -13.10 16.31
C SER B 320 31.59 -12.16 15.85
N VAL B 321 31.58 -11.78 14.57
CA VAL B 321 32.57 -10.85 14.06
C VAL B 321 32.37 -9.47 14.68
N ALA B 322 31.12 -9.03 14.82
CA ALA B 322 30.86 -7.77 15.50
C ALA B 322 31.15 -7.84 16.99
N GLU B 323 31.12 -9.03 17.58
CA GLU B 323 31.50 -9.22 18.97
C GLU B 323 33.00 -9.14 19.15
N LEU B 324 33.75 -9.72 18.23
CA LEU B 324 35.21 -9.63 18.27
C LEU B 324 35.69 -8.22 18.01
N ARG B 325 35.18 -7.58 16.96
CA ARG B 325 35.56 -6.20 16.67
C ARG B 325 34.84 -5.23 17.60
N SER B 334 27.52 -0.95 13.21
CA SER B 334 28.90 -1.09 13.65
C SER B 334 29.04 -2.17 14.71
N SER B 335 28.49 -1.91 15.90
CA SER B 335 28.53 -2.85 17.01
C SER B 335 27.16 -2.93 17.64
N MET B 336 26.57 -4.12 17.63
CA MET B 336 25.22 -4.40 18.11
C MET B 336 25.25 -5.53 19.14
N ARG B 337 26.15 -5.37 20.11
CA ARG B 337 26.48 -6.45 21.04
C ARG B 337 25.32 -6.80 21.96
N ARG B 338 24.42 -5.85 22.25
CA ARG B 338 23.25 -6.18 23.08
C ARG B 338 22.27 -7.09 22.33
N ILE B 339 21.99 -6.79 21.07
CA ILE B 339 21.03 -7.60 20.34
C ILE B 339 21.68 -8.91 19.94
N GLY B 340 23.00 -8.93 19.79
CA GLY B 340 23.70 -10.18 19.60
C GLY B 340 23.69 -11.04 20.84
N ALA B 341 23.78 -10.41 22.02
CA ALA B 341 23.75 -11.16 23.25
C ALA B 341 22.37 -11.72 23.55
N ARG B 342 21.33 -11.06 23.06
CA ARG B 342 20.02 -11.64 23.24
C ARG B 342 19.64 -12.65 22.15
N LEU B 343 20.30 -12.63 20.99
CA LEU B 343 19.94 -13.55 19.93
C LEU B 343 20.87 -14.74 19.76
N MET B 344 22.11 -14.66 20.22
CA MET B 344 23.07 -15.73 20.00
C MET B 344 22.72 -17.10 20.60
N PRO B 345 22.14 -17.23 21.80
CA PRO B 345 21.73 -18.58 22.22
C PRO B 345 20.62 -19.17 21.38
N GLN B 346 19.66 -18.38 20.91
CA GLN B 346 18.62 -18.90 20.04
C GLN B 346 19.20 -19.37 18.71
N LEU B 347 20.10 -18.58 18.14
CA LEU B 347 20.71 -18.94 16.87
C LEU B 347 21.58 -20.18 17.00
N LEU B 348 22.39 -20.27 18.05
CA LEU B 348 23.21 -21.46 18.25
C LEU B 348 22.37 -22.68 18.54
N SER B 349 21.26 -22.52 19.25
CA SER B 349 20.45 -23.67 19.52
C SER B 349 19.62 -24.10 18.33
N ALA B 350 19.40 -23.21 17.36
CA ALA B 350 18.77 -23.65 16.13
C ALA B 350 19.77 -24.13 15.11
N PHE B 351 21.04 -23.79 15.28
CA PHE B 351 22.08 -24.27 14.38
C PHE B 351 22.62 -25.62 14.80
N ALA B 352 22.70 -25.87 16.09
CA ALA B 352 23.12 -27.17 16.59
C ALA B 352 22.13 -28.26 16.26
N LEU B 353 20.85 -27.93 16.08
CA LEU B 353 19.87 -28.94 15.68
C LEU B 353 20.08 -29.41 14.25
N LEU B 354 20.31 -28.49 13.31
CA LEU B 354 20.66 -28.91 11.96
C LEU B 354 22.03 -29.55 11.89
N LEU B 355 22.95 -29.12 12.74
CA LEU B 355 24.24 -29.78 12.85
C LEU B 355 24.07 -31.23 13.31
N GLY B 356 23.17 -31.47 14.25
CA GLY B 356 22.92 -32.83 14.70
C GLY B 356 22.23 -33.68 13.65
N MET B 357 21.31 -33.08 12.89
CA MET B 357 20.74 -33.79 11.74
C MET B 357 21.82 -34.16 10.73
N MET B 358 22.76 -33.26 10.47
CA MET B 358 23.83 -33.55 9.54
C MET B 358 24.77 -34.62 10.08
N LEU B 359 25.05 -34.60 11.39
CA LEU B 359 25.91 -35.61 12.00
C LEU B 359 25.28 -36.99 11.96
N VAL B 360 23.99 -37.10 12.27
CA VAL B 360 23.38 -38.42 12.26
C VAL B 360 23.22 -38.92 10.82
N PHE B 361 22.85 -38.03 9.90
CA PHE B 361 22.68 -38.44 8.51
C PHE B 361 24.01 -38.74 7.82
N SER B 362 25.12 -38.18 8.30
CA SER B 362 26.41 -38.53 7.73
C SER B 362 27.12 -39.62 8.51
N SER B 363 26.63 -39.97 9.70
CA SER B 363 27.11 -41.17 10.35
C SER B 363 26.46 -42.40 9.77
N VAL B 364 25.20 -42.31 9.37
CA VAL B 364 24.51 -43.49 8.84
C VAL B 364 24.95 -43.78 7.40
N THR B 365 25.12 -42.75 6.58
CA THR B 365 25.57 -42.98 5.21
C THR B 365 27.05 -43.36 5.19
N PRO B 366 27.42 -44.43 4.48
CA PRO B 366 28.74 -45.04 4.68
C PRO B 366 29.81 -44.53 3.73
N THR B 367 31.04 -44.68 4.20
CA THR B 367 32.29 -44.64 3.45
C THR B 367 33.04 -45.92 3.77
N PRO B 368 33.87 -46.44 2.83
CA PRO B 368 34.56 -47.72 3.06
C PRO B 368 35.57 -47.71 4.20
N ASP B 369 36.51 -46.76 4.18
CA ASP B 369 37.52 -46.66 5.23
C ASP B 369 36.92 -46.00 6.46
N HIS B 370 36.74 -46.77 7.53
CA HIS B 370 36.19 -46.25 8.77
C HIS B 370 37.06 -46.67 9.95
N ASN B 371 37.15 -45.79 10.93
CA ASN B 371 37.91 -46.05 12.16
C ASN B 371 37.14 -47.06 13.00
N LEU B 372 37.58 -48.31 12.97
CA LEU B 372 37.05 -49.34 13.86
C LEU B 372 37.77 -49.22 15.20
N ILE B 373 37.35 -48.23 15.99
CA ILE B 373 38.06 -47.88 17.22
C ILE B 373 37.83 -48.91 18.33
N VAL B 374 36.75 -49.69 18.24
CA VAL B 374 36.30 -50.67 19.25
C VAL B 374 36.14 -50.03 20.63
N GLU B 385 30.16 -52.53 12.69
CA GLU B 385 28.79 -52.02 12.58
C GLU B 385 28.45 -51.19 13.83
N SER B 386 29.43 -51.01 14.70
CA SER B 386 29.23 -50.28 15.94
C SER B 386 30.27 -49.20 16.17
N ALA B 387 31.13 -48.91 15.19
CA ALA B 387 32.18 -47.93 15.37
C ALA B 387 31.78 -46.53 14.93
N HIS B 388 30.82 -46.41 14.01
CA HIS B 388 30.23 -45.12 13.69
C HIS B 388 29.05 -44.78 14.57
N PHE B 389 28.67 -45.70 15.47
CA PHE B 389 27.65 -45.43 16.46
C PHE B 389 28.07 -44.33 17.43
N LEU B 390 29.39 -44.15 17.60
CA LEU B 390 29.90 -43.02 18.37
C LEU B 390 29.50 -41.70 17.74
N SER B 391 29.51 -41.61 16.40
CA SER B 391 29.16 -40.36 15.73
C SER B 391 27.67 -40.04 15.85
N SER B 392 26.81 -41.04 15.67
CA SER B 392 25.38 -40.86 15.87
C SER B 392 25.04 -40.52 17.32
N LEU B 393 25.79 -41.11 18.25
CA LEU B 393 25.66 -40.75 19.67
C LEU B 393 26.02 -39.30 19.89
N LEU B 394 27.10 -38.83 19.26
CA LEU B 394 27.50 -37.43 19.39
C LEU B 394 26.46 -36.49 18.79
N GLY B 395 25.84 -36.90 17.68
CA GLY B 395 24.83 -36.05 17.05
C GLY B 395 23.56 -35.93 17.89
N LEU B 396 23.10 -37.04 18.46
CA LEU B 396 21.92 -36.94 19.30
C LEU B 396 22.25 -36.23 20.61
N ALA B 397 23.48 -36.37 21.09
CA ALA B 397 23.90 -35.62 22.26
C ALA B 397 23.96 -34.13 21.97
N ILE B 398 24.34 -33.75 20.76
CA ILE B 398 24.43 -32.33 20.47
C ILE B 398 23.06 -31.72 20.19
N ILE B 399 22.05 -32.51 19.79
CA ILE B 399 20.75 -31.86 19.72
C ILE B 399 20.08 -31.79 21.10
N VAL B 400 20.42 -32.72 22.01
CA VAL B 400 20.03 -32.50 23.41
C VAL B 400 20.74 -31.28 23.98
N ALA B 401 22.00 -31.08 23.61
CA ALA B 401 22.71 -29.87 24.00
C ALA B 401 22.14 -28.63 23.34
N ALA B 402 21.47 -28.77 22.19
CA ALA B 402 20.79 -27.63 21.59
C ALA B 402 19.57 -27.23 22.41
N ARG B 403 18.82 -28.22 22.90
CA ARG B 403 17.75 -27.92 23.85
C ARG B 403 18.29 -27.26 25.11
N GLY B 404 19.50 -27.62 25.52
CA GLY B 404 20.13 -26.90 26.61
C GLY B 404 20.52 -25.47 26.26
N LEU B 405 21.04 -25.27 25.04
CA LEU B 405 21.57 -23.96 24.67
C LEU B 405 20.47 -22.92 24.47
N SER B 406 19.27 -23.34 24.05
CA SER B 406 18.18 -22.38 24.00
C SER B 406 17.77 -21.95 25.38
N GLN B 407 17.74 -22.89 26.33
CA GLN B 407 17.56 -22.60 27.74
C GLN B 407 18.76 -21.93 28.37
N ARG B 408 19.88 -21.87 27.64
CA ARG B 408 21.08 -21.10 27.96
C ARG B 408 21.72 -21.59 29.27
N LEU B 409 22.13 -22.85 29.25
CA LEU B 409 22.72 -23.49 30.39
C LEU B 409 24.24 -23.40 30.29
N ASP B 410 24.94 -24.06 31.21
CA ASP B 410 26.40 -24.16 31.17
C ASP B 410 26.86 -25.54 30.75
N GLY B 411 26.22 -26.58 31.31
CA GLY B 411 26.46 -27.94 30.83
C GLY B 411 26.11 -28.12 29.37
N ALA B 412 25.16 -27.33 28.87
CA ALA B 412 24.89 -27.28 27.44
C ALA B 412 26.10 -26.79 26.68
N TRP B 413 26.78 -25.76 27.19
CA TRP B 413 27.99 -25.27 26.52
C TRP B 413 29.09 -26.30 26.53
N TRP B 414 29.29 -26.96 27.68
CA TRP B 414 30.35 -27.96 27.79
C TRP B 414 30.08 -29.15 26.87
N VAL B 415 28.86 -29.68 26.91
CA VAL B 415 28.51 -30.86 26.12
C VAL B 415 28.52 -30.52 24.63
N SER B 416 28.01 -29.36 24.25
CA SER B 416 27.97 -29.00 22.83
C SER B 416 29.35 -28.71 22.28
N THR B 417 30.19 -27.98 23.04
CA THR B 417 31.56 -27.71 22.61
C THR B 417 32.38 -28.98 22.49
N PHE B 418 32.36 -29.82 23.54
CA PHE B 418 33.20 -31.01 23.53
C PHE B 418 32.66 -32.05 22.57
N SER B 419 31.34 -32.17 22.42
CA SER B 419 30.78 -33.12 21.47
C SER B 419 31.04 -32.69 20.03
N ALA B 420 31.04 -31.38 19.79
CA ALA B 420 31.42 -30.92 18.46
C ALA B 420 32.91 -31.14 18.22
N LEU B 421 33.75 -31.01 19.25
CA LEU B 421 35.17 -31.29 19.07
C LEU B 421 35.43 -32.76 18.82
N PHE B 422 34.73 -33.65 19.54
CA PHE B 422 34.85 -35.07 19.28
C PHE B 422 34.38 -35.42 17.88
N ALA B 423 33.29 -34.81 17.42
CA ALA B 423 32.86 -35.02 16.05
C ALA B 423 33.86 -34.45 15.06
N LEU B 424 34.59 -33.40 15.45
CA LEU B 424 35.57 -32.78 14.56
C LEU B 424 36.76 -33.71 14.32
N PHE B 425 37.39 -34.20 15.37
CA PHE B 425 38.52 -35.10 15.11
C PHE B 425 38.14 -36.58 15.11
N PHE B 426 36.85 -36.91 15.03
CA PHE B 426 36.45 -38.24 14.60
C PHE B 426 35.66 -38.23 13.31
N SER B 427 35.58 -37.07 12.64
CA SER B 427 35.11 -37.01 11.28
C SER B 427 36.13 -36.44 10.30
N LEU B 428 37.12 -35.69 10.78
CA LEU B 428 38.15 -35.15 9.90
C LEU B 428 39.15 -36.23 9.49
N LEU B 429 39.30 -37.27 10.28
CA LEU B 429 40.23 -38.34 9.97
C LEU B 429 39.80 -39.19 8.78
N LYS B 430 38.51 -39.17 8.43
CA LYS B 430 38.01 -40.01 7.35
C LYS B 430 38.37 -39.43 5.99
N ALA B 431 37.86 -38.23 5.69
CA ALA B 431 38.13 -37.56 4.43
C ALA B 431 38.31 -36.08 4.73
N ILE B 432 38.36 -35.27 3.67
CA ILE B 432 38.44 -33.84 3.87
C ILE B 432 37.07 -33.27 4.25
N ALA B 433 36.09 -33.40 3.34
CA ALA B 433 34.67 -33.12 3.57
C ALA B 433 34.44 -31.70 4.07
N ILE B 434 34.69 -30.75 3.15
CA ILE B 434 34.78 -29.33 3.52
C ILE B 434 33.46 -28.79 4.06
N VAL B 435 32.32 -29.34 3.62
CA VAL B 435 31.04 -28.89 4.13
C VAL B 435 30.88 -29.29 5.59
N GLU B 436 31.04 -30.59 5.87
CA GLU B 436 30.91 -31.13 7.21
C GLU B 436 31.90 -30.50 8.18
N ALA B 437 33.19 -30.56 7.83
CA ALA B 437 34.24 -30.09 8.72
C ALA B 437 34.20 -28.58 8.89
N GLY B 438 33.96 -27.83 7.80
CA GLY B 438 33.93 -26.39 7.91
C GLY B 438 32.73 -25.89 8.69
N LEU B 439 31.57 -26.50 8.46
CA LEU B 439 30.35 -26.11 9.18
C LEU B 439 30.47 -26.41 10.66
N LEU B 440 31.00 -27.58 11.00
CA LEU B 440 31.12 -27.95 12.39
C LEU B 440 32.23 -27.16 13.09
N ALA B 441 33.32 -26.86 12.37
CA ALA B 441 34.36 -26.03 12.96
C ALA B 441 33.90 -24.61 13.16
N PHE B 442 32.99 -24.15 12.30
CA PHE B 442 32.35 -22.86 12.52
C PHE B 442 31.49 -22.87 13.78
N PHE B 443 30.79 -23.99 14.02
CA PHE B 443 30.05 -24.14 15.27
C PHE B 443 30.96 -24.09 16.48
N VAL B 444 32.10 -24.78 16.42
CA VAL B 444 33.06 -24.77 17.52
C VAL B 444 33.62 -23.37 17.74
N PHE B 445 33.90 -22.66 16.64
CA PHE B 445 34.41 -21.30 16.70
C PHE B 445 33.44 -20.37 17.40
N SER B 446 32.17 -20.39 16.95
CA SER B 446 31.15 -19.54 17.54
C SER B 446 30.89 -19.87 18.99
N LEU B 447 30.93 -21.16 19.34
CA LEU B 447 30.59 -21.55 20.68
C LEU B 447 31.73 -21.31 21.66
N VAL B 448 32.97 -21.27 21.18
CA VAL B 448 34.08 -20.78 22.01
C VAL B 448 33.97 -19.26 22.16
N VAL B 449 33.53 -18.57 21.11
CA VAL B 449 33.38 -17.11 21.16
C VAL B 449 32.31 -16.70 22.17
N SER B 450 31.21 -17.45 22.26
CA SER B 450 30.13 -17.08 23.14
C SER B 450 30.17 -17.78 24.50
N ARG B 451 31.37 -18.09 25.03
CA ARG B 451 31.46 -18.57 26.40
C ARG B 451 31.13 -17.46 27.39
N ARG B 452 31.70 -16.28 27.17
CA ARG B 452 31.47 -15.11 28.00
C ARG B 452 30.04 -14.60 27.90
N LEU B 453 29.31 -15.04 26.87
CA LEU B 453 27.89 -14.74 26.76
C LEU B 453 27.10 -15.34 27.92
N PHE B 454 27.37 -16.59 28.27
CA PHE B 454 26.51 -17.22 29.26
C PHE B 454 27.26 -18.20 30.15
N LYS B 455 26.90 -18.14 31.43
CA LYS B 455 27.50 -18.97 32.48
C LYS B 455 26.43 -19.55 33.40
N ARG B 456 25.18 -19.56 32.96
CA ARG B 456 24.06 -19.89 33.83
C ARG B 456 24.02 -21.38 34.15
N PRO B 457 24.12 -21.79 35.42
CA PRO B 457 24.20 -23.22 35.73
C PRO B 457 22.85 -23.86 36.01
N ALA B 458 22.64 -25.04 35.43
CA ALA B 458 21.51 -25.92 35.75
C ALA B 458 21.85 -27.31 35.27
N SER B 459 20.91 -28.23 35.45
CA SER B 459 21.08 -29.61 35.03
C SER B 459 20.60 -29.76 33.60
N LEU B 460 21.50 -30.22 32.73
CA LEU B 460 21.22 -30.30 31.30
C LEU B 460 20.15 -31.33 30.99
N LEU B 461 20.05 -32.39 31.79
CA LEU B 461 19.13 -33.48 31.49
C LEU B 461 17.86 -33.41 32.31
N ASN B 462 17.89 -32.82 33.49
CA ASN B 462 16.78 -32.98 34.43
C ASN B 462 15.55 -32.14 34.09
N GLN B 463 15.58 -31.29 33.07
CA GLN B 463 14.32 -30.79 32.55
C GLN B 463 13.64 -31.93 31.81
N THR B 464 12.33 -32.05 31.98
CA THR B 464 11.68 -33.29 31.52
C THR B 464 11.45 -33.25 30.01
N LEU B 465 10.58 -32.37 29.56
CA LEU B 465 10.09 -32.50 28.20
C LEU B 465 9.31 -31.24 27.81
N THR B 466 9.47 -30.84 26.56
CA THR B 466 8.57 -29.90 25.93
C THR B 466 7.79 -30.64 24.86
N ALA B 467 6.77 -29.98 24.33
CA ALA B 467 6.04 -30.56 23.20
C ALA B 467 6.88 -30.55 21.93
N GLY B 468 7.84 -29.64 21.82
CA GLY B 468 8.56 -29.49 20.59
C GLY B 468 9.85 -30.27 20.47
N TRP B 469 10.62 -30.35 21.56
CA TRP B 469 11.91 -30.99 21.45
C TRP B 469 11.80 -32.49 21.31
N LEU B 470 10.69 -33.09 21.79
CA LEU B 470 10.42 -34.49 21.46
C LEU B 470 10.22 -34.66 19.96
N THR B 471 9.58 -33.68 19.32
CA THR B 471 9.43 -33.73 17.87
C THR B 471 10.77 -33.57 17.18
N ALA B 472 11.67 -32.75 17.74
CA ALA B 472 13.02 -32.63 17.18
C ALA B 472 13.78 -33.94 17.23
N ILE B 473 13.82 -34.56 18.42
CA ILE B 473 14.51 -35.84 18.62
C ILE B 473 13.92 -36.92 17.73
N ALA B 474 12.59 -36.97 17.65
CA ALA B 474 11.93 -38.03 16.92
C ALA B 474 12.03 -37.84 15.41
N VAL B 475 12.07 -36.60 14.94
CA VAL B 475 12.27 -36.36 13.51
C VAL B 475 13.69 -36.73 13.12
N VAL B 476 14.68 -36.45 13.98
CA VAL B 476 16.05 -36.89 13.72
C VAL B 476 16.13 -38.42 13.69
N CYS B 477 15.46 -39.09 14.63
CA CYS B 477 15.50 -40.54 14.71
C CYS B 477 14.80 -41.21 13.52
N ILE B 478 13.61 -40.73 13.17
CA ILE B 478 12.84 -41.37 12.09
C ILE B 478 13.46 -41.05 10.74
N GLY B 479 13.97 -39.82 10.56
CA GLY B 479 14.73 -39.53 9.37
C GLY B 479 15.98 -40.34 9.24
N ALA B 480 16.63 -40.66 10.37
CA ALA B 480 17.80 -41.54 10.33
C ALA B 480 17.43 -42.96 9.95
N ILE B 481 16.30 -43.45 10.47
CA ILE B 481 15.80 -44.77 10.11
C ILE B 481 15.49 -44.84 8.62
N VAL B 482 14.93 -43.76 8.07
CA VAL B 482 14.62 -43.75 6.64
C VAL B 482 15.87 -43.59 5.79
N VAL B 483 16.88 -42.85 6.26
CA VAL B 483 18.16 -42.81 5.57
C VAL B 483 18.84 -44.18 5.58
N LEU B 484 18.72 -44.91 6.69
CA LEU B 484 19.32 -46.24 6.77
C LEU B 484 18.62 -47.23 5.85
N PHE B 485 17.29 -47.27 5.91
CA PHE B 485 16.50 -48.12 5.01
C PHE B 485 16.64 -47.69 3.55
N PHE B 486 16.97 -46.43 3.30
CA PHE B 486 17.20 -45.95 1.95
C PHE B 486 18.55 -46.41 1.42
N VAL B 487 19.60 -46.28 2.23
CA VAL B 487 20.95 -46.49 1.70
C VAL B 487 21.26 -47.97 1.59
N TYR B 488 21.10 -48.74 2.66
CA TYR B 488 21.50 -50.15 2.63
C TYR B 488 20.48 -51.06 1.95
N ARG B 489 19.57 -50.51 1.16
CA ARG B 489 18.59 -51.30 0.42
C ARG B 489 19.18 -51.88 -0.86
N ASP B 490 20.19 -51.25 -1.44
CA ASP B 490 20.78 -51.75 -2.67
C ASP B 490 21.92 -52.73 -2.44
N VAL B 491 22.67 -52.56 -1.35
CA VAL B 491 23.84 -53.37 -1.08
C VAL B 491 23.63 -54.28 0.13
N ALA B 507 20.04 -53.45 11.04
CA ALA B 507 21.37 -53.94 11.37
C ALA B 507 21.73 -53.65 12.82
N PRO B 508 22.98 -53.93 13.18
CA PRO B 508 23.47 -53.61 14.52
C PRO B 508 23.51 -52.09 14.72
N ARG B 509 23.87 -51.34 13.68
CA ARG B 509 23.91 -49.88 13.78
C ARG B 509 22.50 -49.31 13.87
N GLY B 510 21.55 -49.89 13.14
CA GLY B 510 20.14 -49.49 13.23
C GLY B 510 19.57 -49.73 14.62
N LEU B 511 19.78 -50.94 15.14
CA LEU B 511 19.31 -51.27 16.49
C LEU B 511 20.01 -50.43 17.54
N ARG B 512 21.27 -50.06 17.30
CA ARG B 512 22.00 -49.23 18.24
C ARG B 512 21.47 -47.79 18.23
N ALA B 513 21.17 -47.25 17.05
CA ALA B 513 20.62 -45.90 16.96
C ALA B 513 19.23 -45.83 17.57
N ALA B 514 18.42 -46.89 17.36
CA ALA B 514 17.09 -46.94 17.98
C ALA B 514 17.20 -47.06 19.49
N LEU B 515 18.17 -47.85 19.99
CA LEU B 515 18.33 -48.00 21.43
C LEU B 515 18.87 -46.72 22.06
N GLY B 516 19.72 -45.98 21.33
CA GLY B 516 20.20 -44.69 21.82
C GLY B 516 19.07 -43.68 21.89
N ILE B 517 18.16 -43.70 20.90
CA ILE B 517 17.02 -42.81 20.93
C ILE B 517 16.05 -43.18 22.06
N SER B 518 15.89 -44.48 22.33
CA SER B 518 15.03 -44.90 23.43
C SER B 518 15.65 -44.57 24.78
N ILE B 519 16.98 -44.61 24.87
CA ILE B 519 17.66 -44.20 26.09
C ILE B 519 17.52 -42.69 26.30
N VAL B 520 17.55 -41.91 25.21
CA VAL B 520 17.27 -40.48 25.31
C VAL B 520 15.84 -40.22 25.74
N SER B 521 14.90 -41.05 25.27
CA SER B 521 13.51 -40.91 25.69
C SER B 521 13.33 -41.24 27.16
N SER B 522 14.04 -42.27 27.65
CA SER B 522 13.95 -42.63 29.06
C SER B 522 14.60 -41.58 29.95
N ALA B 523 15.73 -41.01 29.50
CA ALA B 523 16.36 -39.95 30.26
C ALA B 523 15.56 -38.65 30.17
N ILE B 524 14.79 -38.47 29.10
CA ILE B 524 13.87 -37.34 29.00
C ILE B 524 12.70 -37.52 29.95
N ALA B 525 12.25 -38.77 30.13
CA ALA B 525 11.30 -39.07 31.20
C ALA B 525 11.92 -38.81 32.57
N ILE B 526 13.23 -39.03 32.69
CA ILE B 526 13.96 -38.63 33.88
C ILE B 526 14.20 -37.12 33.88
N PRO B 539 2.91 -23.21 52.90
CA PRO B 539 3.42 -24.57 52.77
C PRO B 539 4.86 -24.72 53.22
N VAL B 540 5.63 -23.64 53.12
CA VAL B 540 6.98 -23.61 53.67
C VAL B 540 6.91 -23.34 55.16
N SER B 541 8.04 -23.48 55.85
CA SER B 541 8.10 -23.33 57.29
C SER B 541 7.80 -21.90 57.72
N ASP B 542 7.43 -21.75 58.99
CA ASP B 542 7.11 -20.44 59.54
C ASP B 542 8.34 -19.56 59.69
N ASP B 543 9.54 -20.15 59.69
CA ASP B 543 10.76 -19.35 59.58
C ASP B 543 10.85 -18.71 58.20
N ALA B 544 10.52 -19.46 57.15
CA ALA B 544 10.62 -18.94 55.79
C ALA B 544 9.55 -17.90 55.51
N VAL B 545 8.35 -18.09 56.07
CA VAL B 545 7.28 -17.12 55.89
C VAL B 545 7.61 -15.83 56.64
N ALA B 546 8.14 -15.94 57.85
CA ALA B 546 8.46 -14.74 58.63
C ALA B 546 9.66 -14.01 58.04
N ARG B 547 10.64 -14.75 57.53
CA ARG B 547 11.76 -14.11 56.85
C ARG B 547 11.32 -13.46 55.55
N ALA B 548 10.34 -14.05 54.86
CA ALA B 548 9.76 -13.41 53.68
C ALA B 548 9.02 -12.12 54.06
N VAL B 549 8.35 -12.11 55.21
CA VAL B 549 7.71 -10.90 55.70
C VAL B 549 8.78 -9.85 56.05
N GLU B 550 9.92 -10.28 56.56
CA GLU B 550 11.02 -9.36 56.82
C GLU B 550 11.59 -8.78 55.53
N ILE B 551 11.61 -9.57 54.46
CA ILE B 551 12.05 -9.05 53.15
C ILE B 551 11.02 -8.06 52.60
N VAL B 552 9.74 -8.32 52.82
CA VAL B 552 8.69 -7.37 52.43
C VAL B 552 8.86 -6.06 53.21
N ARG B 553 9.23 -6.16 54.49
CA ARG B 553 9.45 -4.98 55.31
C ARG B 553 10.65 -4.15 54.81
N LYS B 554 11.81 -4.79 54.71
CA LYS B 554 13.06 -4.07 54.49
C LYS B 554 13.28 -3.61 53.05
N GLN B 555 12.27 -3.68 52.20
CA GLN B 555 12.40 -3.39 50.77
C GLN B 555 11.10 -2.76 50.29
N GLY B 556 10.84 -2.83 48.99
CA GLY B 556 10.05 -1.85 48.28
C GLY B 556 8.57 -2.13 48.17
N VAL B 557 8.16 -2.72 47.04
CA VAL B 557 6.76 -2.82 46.63
C VAL B 557 5.91 -3.51 47.69
N ALA B 558 4.80 -2.87 48.04
CA ALA B 558 3.89 -3.34 49.08
C ALA B 558 2.77 -4.23 48.53
N ASP B 559 2.86 -4.60 47.27
CA ASP B 559 1.89 -5.51 46.71
C ASP B 559 2.04 -6.88 47.40
N ALA B 560 3.28 -7.23 47.73
CA ALA B 560 3.62 -8.53 48.27
C ALA B 560 3.23 -8.71 49.73
N ASN B 561 2.31 -7.92 50.25
CA ASN B 561 1.76 -8.18 51.57
C ASN B 561 0.67 -9.24 51.56
N LEU B 562 0.47 -9.95 50.45
CA LEU B 562 -0.29 -11.19 50.45
C LEU B 562 0.56 -12.38 50.84
N VAL B 563 1.73 -12.14 51.43
CA VAL B 563 2.69 -13.19 51.71
C VAL B 563 2.25 -14.05 52.90
N ARG B 564 1.58 -13.46 53.88
CA ARG B 564 1.36 -14.17 55.13
C ARG B 564 0.19 -15.16 55.04
N MET B 565 -0.67 -15.06 54.02
CA MET B 565 -1.88 -15.88 53.97
C MET B 565 -1.62 -17.35 53.63
N GLY B 566 -0.37 -17.79 53.53
CA GLY B 566 -0.12 -19.18 53.25
C GLY B 566 -0.41 -19.51 51.80
N ASP B 567 -0.55 -20.82 51.54
CA ASP B 567 -1.02 -21.41 50.30
C ASP B 567 -0.11 -21.17 49.10
N LYS B 568 1.01 -20.48 49.30
CA LYS B 568 1.90 -20.05 48.23
C LYS B 568 3.32 -20.38 48.67
N SER B 569 3.92 -21.38 48.03
CA SER B 569 5.29 -21.77 48.34
C SER B 569 6.25 -20.63 48.04
N ILE B 570 7.25 -20.46 48.89
CA ILE B 570 8.15 -19.33 48.81
C ILE B 570 9.57 -19.87 48.67
N MET B 571 10.17 -19.66 47.50
CA MET B 571 11.59 -19.95 47.37
C MET B 571 12.36 -18.67 47.64
N PHE B 572 13.68 -18.79 47.75
CA PHE B 572 14.51 -17.65 48.06
C PHE B 572 15.66 -17.53 47.10
N SER B 573 16.57 -16.60 47.35
CA SER B 573 17.80 -16.49 46.59
C SER B 573 18.96 -16.87 47.49
N GLU B 574 20.16 -16.92 46.90
CA GLU B 574 21.35 -17.23 47.68
C GLU B 574 21.75 -16.07 48.57
N LYS B 575 21.38 -14.84 48.19
CA LYS B 575 21.67 -13.68 49.03
C LYS B 575 20.73 -13.58 50.22
N GLY B 576 19.62 -14.32 50.21
CA GLY B 576 18.71 -14.36 51.33
C GLY B 576 17.68 -13.26 51.40
N ASP B 577 17.86 -12.18 50.65
CA ASP B 577 16.97 -11.02 50.70
C ASP B 577 16.15 -10.86 49.42
N ALA B 578 15.71 -11.98 48.85
CA ALA B 578 14.87 -11.96 47.66
C ALA B 578 14.06 -13.24 47.61
N PHE B 579 12.83 -13.14 47.08
CA PHE B 579 11.96 -14.30 47.04
C PHE B 579 10.95 -14.16 45.91
N ILE B 580 10.48 -15.31 45.43
CA ILE B 580 9.34 -15.40 44.50
C ILE B 580 8.37 -16.41 45.07
N MET B 581 7.08 -16.09 45.01
CA MET B 581 6.07 -16.88 45.69
C MET B 581 5.28 -17.73 44.69
N TYR B 582 5.27 -19.04 44.90
CA TYR B 582 4.77 -19.99 43.91
C TYR B 582 3.26 -20.02 43.90
N GLY B 583 2.74 -21.04 43.22
CA GLY B 583 1.40 -21.56 43.39
C GLY B 583 1.20 -22.52 42.26
N LYS B 584 0.72 -23.73 42.52
CA LYS B 584 0.69 -24.78 41.49
C LYS B 584 -0.75 -25.22 41.24
N GLN B 585 -1.14 -25.21 39.97
CA GLN B 585 -2.49 -25.64 39.60
C GLN B 585 -2.49 -26.86 38.71
N GLY B 586 -1.82 -26.83 37.56
CA GLY B 586 -1.91 -27.92 36.61
C GLY B 586 -0.58 -28.58 36.31
N ARG B 587 -0.16 -28.52 35.04
CA ARG B 587 1.16 -28.97 34.63
C ARG B 587 2.19 -27.85 34.69
N SER B 588 1.95 -26.86 35.56
CA SER B 588 2.68 -25.60 35.55
C SER B 588 2.38 -24.89 36.85
N TRP B 589 3.40 -24.30 37.47
CA TRP B 589 3.16 -23.47 38.64
C TRP B 589 3.49 -22.01 38.37
N ILE B 590 2.69 -21.15 38.98
CA ILE B 590 2.66 -19.73 38.64
C ILE B 590 3.33 -18.96 39.77
N ALA B 591 3.31 -17.64 39.60
CA ALA B 591 3.86 -16.72 40.57
C ALA B 591 2.80 -15.67 40.90
N LEU B 592 3.07 -14.85 41.92
CA LEU B 592 2.08 -13.86 42.39
C LEU B 592 2.20 -12.36 42.05
N PHE B 593 3.36 -11.74 42.23
CA PHE B 593 3.46 -10.31 41.96
C PHE B 593 4.68 -10.01 41.10
N ASP B 594 5.80 -9.99 41.79
CA ASP B 594 7.10 -9.82 41.19
C ASP B 594 8.13 -10.24 42.21
N PRO B 595 9.28 -10.77 41.75
CA PRO B 595 10.40 -10.91 42.68
C PRO B 595 10.58 -9.67 43.52
N VAL B 596 10.70 -9.87 44.83
CA VAL B 596 10.69 -8.78 45.81
C VAL B 596 12.07 -8.68 46.43
N GLY B 597 12.65 -7.48 46.41
CA GLY B 597 13.94 -7.25 47.02
C GLY B 597 14.68 -6.09 46.38
N PRO B 598 15.99 -6.05 46.55
CA PRO B 598 16.81 -5.09 45.81
C PRO B 598 16.86 -5.47 44.34
N ARG B 599 17.33 -4.52 43.52
CA ARG B 599 17.37 -4.72 42.08
C ARG B 599 18.33 -5.83 41.68
N GLN B 600 19.49 -5.89 42.32
CA GLN B 600 20.57 -6.76 41.86
C GLN B 600 20.31 -8.23 42.13
N ALA B 601 19.41 -8.55 43.05
CA ALA B 601 19.06 -9.94 43.33
C ALA B 601 17.90 -10.44 42.48
N LEU B 602 17.30 -9.58 41.66
CA LEU B 602 16.16 -10.00 40.85
C LEU B 602 16.52 -10.76 39.56
N PRO B 603 17.46 -10.33 38.71
CA PRO B 603 17.72 -11.15 37.50
C PRO B 603 18.39 -12.47 37.81
N ASP B 604 19.14 -12.56 38.90
CA ASP B 604 19.71 -13.82 39.31
C ASP B 604 18.63 -14.80 39.74
N LEU B 605 17.52 -14.28 40.26
CA LEU B 605 16.43 -15.10 40.77
C LEU B 605 15.38 -15.38 39.71
N ILE B 606 15.28 -14.53 38.68
CA ILE B 606 14.26 -14.69 37.67
C ILE B 606 14.57 -15.86 36.75
N TRP B 607 15.85 -16.26 36.67
CA TRP B 607 16.24 -17.49 35.99
C TRP B 607 16.05 -18.69 36.90
N ARG B 608 16.38 -18.53 38.18
CA ARG B 608 16.35 -19.63 39.14
C ARG B 608 14.94 -20.14 39.36
N PHE B 609 13.95 -19.24 39.27
CA PHE B 609 12.55 -19.66 39.33
C PHE B 609 12.21 -20.61 38.19
N VAL B 610 12.60 -20.25 36.97
CA VAL B 610 12.24 -21.06 35.81
C VAL B 610 13.04 -22.35 35.81
N GLU B 611 14.26 -22.31 36.34
CA GLU B 611 15.06 -23.53 36.49
C GLU B 611 14.42 -24.49 37.47
N THR B 612 13.90 -23.96 38.59
CA THR B 612 13.18 -24.81 39.54
C THR B 612 11.88 -25.32 38.93
N ALA B 613 11.24 -24.53 38.08
CA ALA B 613 9.99 -24.97 37.47
C ALA B 613 10.21 -26.07 36.44
N ARG B 614 11.26 -25.95 35.64
CA ARG B 614 11.60 -27.03 34.72
C ARG B 614 12.21 -28.22 35.44
N ALA B 615 12.75 -28.02 36.65
CA ALA B 615 13.35 -29.13 37.38
C ALA B 615 12.31 -30.14 37.82
N ALA B 616 11.08 -29.70 38.03
CA ALA B 616 9.98 -30.62 38.32
C ALA B 616 9.04 -30.76 37.12
N GLY B 617 9.50 -30.39 35.93
CA GLY B 617 8.73 -30.58 34.72
C GLY B 617 7.47 -29.74 34.62
N CYS B 618 7.56 -28.46 34.98
CA CYS B 618 6.41 -27.59 34.96
C CYS B 618 6.79 -26.25 34.34
N ARG B 619 5.78 -25.46 33.99
CA ARG B 619 5.98 -24.21 33.27
C ARG B 619 5.79 -23.04 34.22
N SER B 620 6.63 -22.01 34.06
CA SER B 620 6.73 -20.94 35.04
C SER B 620 5.95 -19.71 34.58
N VAL B 621 4.62 -19.79 34.70
CA VAL B 621 3.75 -18.66 34.44
C VAL B 621 3.99 -17.59 35.49
N PHE B 622 3.87 -16.32 35.11
CA PHE B 622 3.85 -15.25 36.10
C PHE B 622 2.46 -14.62 36.15
N TYR B 623 2.34 -13.54 36.93
CA TYR B 623 1.08 -12.84 37.10
C TYR B 623 1.38 -11.47 37.68
N GLN B 624 0.85 -10.42 37.05
CA GLN B 624 0.99 -9.01 37.47
C GLN B 624 2.45 -8.61 37.67
N ILE B 625 3.23 -8.66 36.60
CA ILE B 625 4.62 -8.27 36.70
C ILE B 625 4.77 -6.84 36.16
N SER B 626 5.85 -6.19 36.57
CA SER B 626 6.08 -4.79 36.27
C SER B 626 6.65 -4.62 34.86
N PRO B 627 6.40 -3.47 34.21
CA PRO B 627 7.05 -3.20 32.93
C PRO B 627 8.55 -3.01 33.05
N ALA B 628 9.05 -2.65 34.22
CA ALA B 628 10.49 -2.58 34.44
C ALA B 628 11.13 -3.96 34.53
N LEU B 629 10.34 -5.00 34.73
CA LEU B 629 10.89 -6.34 34.82
C LEU B 629 11.21 -6.92 33.45
N LEU B 630 10.66 -6.35 32.37
CA LEU B 630 10.64 -7.00 31.06
C LEU B 630 12.03 -7.19 30.47
N SER B 631 12.96 -6.26 30.75
CA SER B 631 14.26 -6.22 30.10
C SER B 631 15.09 -7.46 30.37
N TYR B 632 14.92 -8.07 31.55
CA TYR B 632 15.52 -9.35 31.85
C TYR B 632 14.47 -10.42 32.15
N CYS B 633 13.19 -10.08 32.05
CA CYS B 633 12.13 -11.08 32.10
C CYS B 633 12.03 -11.85 30.80
N ALA B 634 12.14 -11.15 29.66
CA ALA B 634 12.03 -11.81 28.37
C ALA B 634 13.27 -12.62 28.01
N ASP B 635 14.40 -12.37 28.66
CA ASP B 635 15.61 -13.15 28.43
C ASP B 635 15.46 -14.59 28.86
N ALA B 636 14.72 -14.84 29.95
CA ALA B 636 14.52 -16.19 30.45
C ALA B 636 13.62 -17.03 29.56
N GLY B 637 13.01 -16.45 28.54
CA GLY B 637 12.07 -17.18 27.71
C GLY B 637 10.66 -16.97 28.20
N LEU B 638 10.27 -15.71 28.37
CA LEU B 638 8.97 -15.37 28.93
C LEU B 638 8.23 -14.45 27.97
N ARG B 639 7.26 -15.01 27.26
CA ARG B 639 6.36 -14.24 26.43
C ARG B 639 5.42 -13.47 27.34
N ALA B 640 5.65 -12.17 27.49
CA ALA B 640 4.74 -11.36 28.28
C ALA B 640 3.41 -11.19 27.55
N PHE B 641 2.37 -10.86 28.31
CA PHE B 641 1.07 -10.60 27.73
C PHE B 641 0.39 -9.49 28.51
N LYS B 642 -0.30 -8.62 27.80
CA LYS B 642 -1.00 -7.52 28.45
C LYS B 642 -2.21 -8.06 29.21
N LEU B 643 -2.36 -7.63 30.45
CA LEU B 643 -3.35 -8.19 31.34
C LEU B 643 -4.36 -7.16 31.81
N GLY B 644 -3.89 -5.95 32.06
CA GLY B 644 -4.68 -4.93 32.71
C GLY B 644 -3.76 -3.94 33.37
N GLU B 645 -4.33 -2.81 33.74
CA GLU B 645 -3.56 -1.72 34.29
C GLU B 645 -3.87 -1.55 35.77
N LEU B 646 -2.85 -1.21 36.54
CA LEU B 646 -2.96 -1.11 38.00
C LEU B 646 -2.97 0.36 38.38
N ALA B 647 -4.06 0.80 39.00
CA ALA B 647 -4.27 2.21 39.28
C ALA B 647 -3.35 2.67 40.39
N VAL B 648 -2.50 3.64 40.08
CA VAL B 648 -1.53 4.19 41.02
C VAL B 648 -1.81 5.67 41.18
N VAL B 649 -1.95 6.12 42.42
CA VAL B 649 -2.16 7.53 42.71
C VAL B 649 -0.96 8.03 43.50
N ASN B 650 -0.20 8.92 42.89
CA ASN B 650 0.84 9.62 43.64
C ASN B 650 0.21 10.56 44.66
N LEU B 651 0.85 10.70 45.82
CA LEU B 651 0.25 11.37 46.95
C LEU B 651 0.76 12.79 47.16
N ALA B 652 2.02 13.06 46.82
CA ALA B 652 2.55 14.42 46.91
C ALA B 652 2.02 15.32 45.82
N ASN B 653 1.49 14.75 44.75
CA ASN B 653 0.87 15.49 43.65
C ASN B 653 -0.65 15.40 43.70
N PHE B 654 -1.21 15.45 44.91
CA PHE B 654 -2.63 15.22 45.12
C PHE B 654 -3.24 16.38 45.91
N GLU B 655 -4.48 16.72 45.56
CA GLU B 655 -5.24 17.74 46.25
C GLU B 655 -6.67 17.21 46.43
N LEU B 656 -7.31 17.65 47.51
CA LEU B 656 -8.62 17.11 47.89
C LEU B 656 -9.71 17.48 46.88
N LYS B 657 -9.68 18.71 46.37
CA LYS B 657 -10.55 19.04 45.23
C LYS B 657 -9.79 19.47 43.99
N GLY B 658 -8.66 20.18 44.12
CA GLY B 658 -7.90 20.73 43.02
C GLY B 658 -8.71 21.50 42.00
N GLY B 659 -8.80 20.93 40.80
CA GLY B 659 -9.82 21.31 39.85
C GLY B 659 -10.62 20.09 39.44
N LYS B 660 -10.02 18.92 39.55
CA LYS B 660 -10.59 17.66 39.06
C LYS B 660 -10.54 16.59 40.14
N TRP B 661 -10.93 16.95 41.37
CA TRP B 661 -11.10 15.97 42.43
C TRP B 661 -12.33 16.26 43.30
N ALA B 662 -13.14 17.27 42.94
CA ALA B 662 -14.20 17.73 43.84
C ALA B 662 -15.39 16.77 43.89
N ASN B 663 -15.49 15.83 42.94
CA ASN B 663 -16.48 14.77 43.07
C ASN B 663 -16.19 13.90 44.27
N LEU B 664 -14.91 13.63 44.52
CA LEU B 664 -14.50 12.91 45.72
C LEU B 664 -14.75 13.72 46.97
N ARG B 665 -14.61 15.06 46.90
CA ARG B 665 -14.91 15.89 48.06
C ARG B 665 -16.40 15.86 48.40
N GLN B 666 -17.27 15.93 47.38
CA GLN B 666 -18.70 15.85 47.63
C GLN B 666 -19.12 14.47 48.09
N THR B 667 -18.46 13.43 47.58
CA THR B 667 -18.78 12.07 48.03
C THR B 667 -18.30 11.84 49.46
N ALA B 668 -17.19 12.48 49.84
CA ALA B 668 -16.73 12.42 51.23
C ALA B 668 -17.69 13.19 52.14
N SER B 669 -18.18 14.34 51.68
CA SER B 669 -19.13 15.11 52.48
C SER B 669 -20.50 14.46 52.54
N ARG B 670 -20.79 13.53 51.63
CA ARG B 670 -21.96 12.68 51.80
C ARG B 670 -21.86 11.82 53.06
N ALA B 671 -20.64 11.40 53.41
CA ALA B 671 -20.43 10.57 54.59
C ALA B 671 -20.02 11.38 55.82
N VAL B 672 -19.63 12.65 55.63
CA VAL B 672 -19.36 13.54 56.76
C VAL B 672 -20.62 13.77 57.58
N ARG B 673 -21.76 13.95 56.90
CA ARG B 673 -23.03 14.13 57.62
C ARG B 673 -23.48 12.84 58.30
N ASP B 674 -23.05 11.69 57.79
CA ASP B 674 -23.23 10.44 58.52
C ASP B 674 -22.22 10.31 59.65
N GLY B 675 -21.07 11.00 59.53
CA GLY B 675 -20.02 10.89 60.52
C GLY B 675 -19.32 9.56 60.51
N LEU B 676 -19.06 9.00 59.34
CA LEU B 676 -18.45 7.68 59.23
C LEU B 676 -16.96 7.77 59.56
N GLU B 677 -16.46 6.73 60.23
CA GLU B 677 -15.17 6.79 60.89
C GLU B 677 -14.27 5.64 60.42
N PHE B 678 -13.17 5.41 61.12
CA PHE B 678 -12.15 4.47 60.66
C PHE B 678 -11.45 3.83 61.86
N ALA B 679 -10.57 2.88 61.55
CA ALA B 679 -9.68 2.27 62.53
C ALA B 679 -8.25 2.29 62.01
N VAL B 680 -7.31 2.43 62.93
CA VAL B 680 -5.88 2.38 62.63
C VAL B 680 -5.25 1.26 63.43
N ILE B 681 -6.03 0.20 63.64
CA ILE B 681 -5.72 -0.83 64.62
C ILE B 681 -4.51 -1.68 64.20
N GLU B 682 -4.01 -2.47 65.14
CA GLU B 682 -2.68 -3.05 65.15
C GLU B 682 -2.73 -4.52 64.77
N PRO B 683 -1.57 -5.18 64.59
CA PRO B 683 -1.57 -6.65 64.44
C PRO B 683 -2.03 -7.43 65.67
N GLN B 684 -2.20 -6.81 66.83
CA GLN B 684 -2.72 -7.50 68.00
C GLN B 684 -4.11 -7.03 68.41
N ASP B 685 -4.74 -6.16 67.62
CA ASP B 685 -6.08 -5.69 67.95
C ASP B 685 -7.16 -6.52 67.27
N ILE B 686 -7.08 -7.84 67.43
CA ILE B 686 -8.11 -8.75 66.94
C ILE B 686 -9.33 -8.96 67.85
N PRO B 687 -9.25 -9.19 69.18
CA PRO B 687 -10.37 -9.87 69.86
C PRO B 687 -11.63 -9.03 70.04
N ASP B 688 -11.64 -7.79 69.60
CA ASP B 688 -12.79 -6.90 69.75
C ASP B 688 -13.71 -6.89 68.54
N VAL B 689 -13.28 -7.45 67.42
CA VAL B 689 -13.89 -7.14 66.13
C VAL B 689 -14.29 -8.43 65.43
N LEU B 690 -13.81 -9.57 65.92
CA LEU B 690 -13.68 -10.79 65.11
C LEU B 690 -15.05 -11.40 64.76
N ASP B 691 -15.98 -11.46 65.71
CA ASP B 691 -17.29 -12.02 65.38
C ASP B 691 -18.12 -11.09 64.50
N GLN B 692 -17.93 -9.77 64.67
CA GLN B 692 -18.53 -8.84 63.72
C GLN B 692 -17.91 -8.97 62.35
N LEU B 693 -16.61 -9.27 62.29
CA LEU B 693 -15.95 -9.56 61.02
C LEU B 693 -16.54 -10.80 60.38
N ALA B 694 -16.88 -11.80 61.20
CA ALA B 694 -17.51 -13.01 60.70
C ALA B 694 -18.89 -12.72 60.12
N HIS B 695 -19.69 -11.89 60.81
CA HIS B 695 -21.03 -11.60 60.29
C HIS B 695 -20.98 -10.72 59.05
N VAL B 696 -20.06 -9.74 59.00
CA VAL B 696 -19.97 -8.95 57.78
C VAL B 696 -19.33 -9.75 56.65
N SER B 697 -18.53 -10.76 56.98
CA SER B 697 -18.05 -11.69 55.96
C SER B 697 -19.20 -12.50 55.39
N ASP B 698 -20.15 -12.87 56.25
CA ASP B 698 -21.38 -13.51 55.77
C ASP B 698 -22.17 -12.58 54.86
N THR B 699 -22.18 -11.28 55.16
CA THR B 699 -22.89 -10.33 54.29
C THR B 699 -22.23 -10.23 52.92
N TRP B 700 -20.90 -10.03 52.87
CA TRP B 700 -20.34 -9.87 51.53
C TRP B 700 -20.09 -11.20 50.81
N LEU B 701 -20.26 -12.33 51.51
CA LEU B 701 -20.44 -13.59 50.78
C LEU B 701 -21.85 -13.71 50.24
N ALA B 702 -22.84 -13.14 50.94
CA ALA B 702 -24.19 -13.06 50.39
C ALA B 702 -24.33 -12.02 49.30
N ASP B 703 -23.34 -11.13 49.15
CA ASP B 703 -23.35 -10.17 48.04
C ASP B 703 -23.13 -10.88 46.71
N HIS B 704 -22.08 -11.70 46.62
CA HIS B 704 -21.80 -12.49 45.43
C HIS B 704 -22.59 -13.79 45.40
N ASN B 705 -23.34 -14.08 46.46
CA ASN B 705 -24.07 -15.34 46.69
C ASN B 705 -23.11 -16.53 46.71
N ALA B 706 -22.21 -16.50 47.70
CA ALA B 706 -21.46 -17.65 48.21
C ALA B 706 -20.56 -18.30 47.15
N LYS B 707 -19.53 -17.53 46.75
CA LYS B 707 -18.44 -18.11 45.98
C LYS B 707 -17.16 -17.37 46.33
N GLU B 708 -16.18 -18.13 46.85
CA GLU B 708 -14.96 -17.59 47.44
C GLU B 708 -13.78 -17.83 46.51
N LYS B 709 -12.82 -16.90 46.52
CA LYS B 709 -11.66 -16.91 45.63
C LYS B 709 -10.38 -16.89 46.43
N SER B 710 -9.41 -17.71 46.02
CA SER B 710 -8.05 -17.62 46.51
C SER B 710 -7.23 -16.78 45.54
N PHE B 711 -5.94 -16.57 45.87
CA PHE B 711 -4.91 -15.94 45.04
C PHE B 711 -5.16 -14.44 44.78
N SER B 712 -6.31 -13.91 45.22
CA SER B 712 -6.71 -12.55 44.94
C SER B 712 -6.79 -11.71 46.21
N LEU B 713 -7.53 -12.17 47.21
CA LEU B 713 -7.76 -11.39 48.42
C LEU B 713 -7.51 -12.23 49.67
N GLY B 714 -7.81 -11.65 50.83
CA GLY B 714 -7.73 -12.37 52.08
C GLY B 714 -9.10 -12.91 52.45
N ALA B 715 -9.16 -14.22 52.67
CA ALA B 715 -10.41 -14.89 53.00
C ALA B 715 -10.67 -14.77 54.50
N PHE B 716 -11.60 -15.58 55.00
CA PHE B 716 -11.91 -15.63 56.43
C PHE B 716 -10.73 -16.27 57.14
N ASP B 717 -9.84 -15.45 57.67
CA ASP B 717 -8.55 -15.90 58.19
C ASP B 717 -8.38 -15.39 59.61
N PRO B 718 -8.19 -16.26 60.60
CA PRO B 718 -7.97 -15.77 61.97
C PRO B 718 -6.64 -15.07 62.18
N ASP B 719 -5.69 -15.22 61.26
CA ASP B 719 -4.36 -14.61 61.37
C ASP B 719 -4.11 -13.55 60.32
N TYR B 720 -4.51 -13.81 59.07
CA TYR B 720 -4.16 -12.88 58.00
C TYR B 720 -5.01 -11.62 58.04
N VAL B 721 -6.27 -11.72 58.46
CA VAL B 721 -7.13 -10.55 58.56
C VAL B 721 -6.63 -9.61 59.65
N CYS B 722 -6.22 -10.15 60.78
CA CYS B 722 -5.64 -9.35 61.85
C CYS B 722 -4.15 -9.08 61.67
N SER B 723 -3.55 -9.58 60.59
CA SER B 723 -2.11 -9.44 60.40
C SER B 723 -1.73 -8.02 60.05
N GLN B 724 -2.20 -7.53 58.92
CA GLN B 724 -1.89 -6.15 58.56
C GLN B 724 -2.83 -5.18 59.28
N PRO B 725 -2.41 -3.94 59.48
CA PRO B 725 -3.32 -2.92 60.02
C PRO B 725 -4.49 -2.67 59.07
N VAL B 726 -5.71 -2.81 59.60
CA VAL B 726 -6.91 -2.69 58.80
C VAL B 726 -7.65 -1.43 59.22
N GLY B 727 -8.72 -1.14 58.48
CA GLY B 727 -9.46 0.10 58.67
C GLY B 727 -10.91 -0.16 58.33
N VAL B 728 -11.80 0.56 59.00
CA VAL B 728 -13.17 0.12 59.14
C VAL B 728 -14.13 1.21 58.68
N LEU B 729 -15.32 0.79 58.25
CA LEU B 729 -16.50 1.64 58.18
C LEU B 729 -17.38 1.31 59.37
N LYS B 730 -17.93 2.33 60.01
CA LYS B 730 -18.60 2.13 61.28
C LYS B 730 -20.09 2.43 61.21
N LYS B 731 -20.81 1.88 62.20
CA LYS B 731 -22.10 2.42 62.63
C LYS B 731 -21.86 3.35 63.83
N ASP B 732 -20.99 4.33 63.55
CA ASP B 732 -20.48 5.32 64.52
C ASP B 732 -19.86 4.65 65.75
N GLY B 733 -19.17 3.54 65.52
CA GLY B 733 -18.58 2.76 66.59
C GLY B 733 -18.76 1.27 66.40
N LYS B 734 -19.78 0.87 65.65
CA LYS B 734 -20.09 -0.53 65.41
C LYS B 734 -19.67 -0.92 64.00
N ILE B 735 -18.91 -2.01 63.89
CA ILE B 735 -18.24 -2.40 62.66
C ILE B 735 -19.26 -2.92 61.65
N VAL B 736 -19.29 -2.31 60.45
CA VAL B 736 -20.22 -2.73 59.42
C VAL B 736 -19.49 -3.13 58.15
N ALA B 737 -18.28 -2.60 57.95
CA ALA B 737 -17.49 -2.88 56.76
C ALA B 737 -16.04 -2.49 57.06
N PHE B 738 -15.10 -3.29 56.57
CA PHE B 738 -13.69 -3.03 56.86
C PHE B 738 -12.91 -2.92 55.56
N ALA B 739 -11.58 -2.84 55.70
CA ALA B 739 -10.67 -2.70 54.56
C ALA B 739 -9.27 -3.05 55.02
N ASN B 740 -8.60 -3.93 54.28
CA ASN B 740 -7.23 -4.27 54.61
C ASN B 740 -6.29 -3.23 54.02
N ILE B 741 -5.32 -2.80 54.81
CA ILE B 741 -4.32 -1.82 54.37
C ILE B 741 -2.95 -2.46 54.47
N LEU B 742 -2.13 -2.26 53.46
CA LEU B 742 -0.94 -3.05 53.20
C LEU B 742 0.23 -2.09 53.07
N MET B 743 1.19 -2.13 54.00
CA MET B 743 2.31 -1.20 53.97
C MET B 743 3.62 -1.96 53.89
N THR B 744 4.71 -1.20 53.97
CA THR B 744 6.07 -1.71 54.17
C THR B 744 6.75 -0.87 55.25
N GLU B 745 7.87 -1.39 55.75
CA GLU B 745 8.65 -0.69 56.76
C GLU B 745 9.35 0.53 56.19
N THR B 746 9.68 0.51 54.90
CA THR B 746 10.49 1.56 54.29
C THR B 746 9.72 2.84 54.02
N LYS B 747 8.40 2.88 54.28
CA LYS B 747 7.52 4.03 54.05
C LYS B 747 7.56 4.54 52.62
N GLU B 748 7.79 3.64 51.67
CA GLU B 748 8.07 4.01 50.29
C GLU B 748 6.88 3.81 49.37
N GLU B 749 5.99 2.87 49.72
CA GLU B 749 4.81 2.57 48.91
C GLU B 749 3.85 1.78 49.77
N GLY B 750 2.56 2.06 49.63
CA GLY B 750 1.54 1.34 50.36
C GLY B 750 0.37 1.02 49.47
N SER B 751 -0.45 0.06 49.90
CA SER B 751 -1.54 -0.40 49.05
C SER B 751 -2.67 -0.96 49.89
N VAL B 752 -3.76 -1.28 49.21
CA VAL B 752 -4.86 -2.06 49.75
C VAL B 752 -5.18 -3.17 48.77
N ASP B 753 -6.01 -4.09 49.20
CA ASP B 753 -6.51 -5.10 48.27
C ASP B 753 -8.03 -5.24 48.27
N LEU B 754 -8.69 -5.15 49.42
CA LEU B 754 -10.07 -5.55 49.54
C LEU B 754 -10.96 -4.40 50.01
N MET B 755 -12.10 -4.25 49.35
CA MET B 755 -13.19 -3.37 49.77
C MET B 755 -14.35 -4.24 50.22
N ARG B 756 -15.12 -3.75 51.18
CA ARG B 756 -16.13 -4.57 51.83
C ARG B 756 -17.50 -3.91 51.81
N PHE B 757 -18.49 -4.67 51.39
CA PHE B 757 -19.87 -4.23 51.32
C PHE B 757 -20.57 -4.43 52.65
N SER B 758 -21.52 -3.56 52.94
CA SER B 758 -22.35 -3.60 54.14
C SER B 758 -23.79 -3.39 53.72
N PRO B 759 -24.75 -3.85 54.53
CA PRO B 759 -26.14 -3.37 54.36
C PRO B 759 -26.40 -2.06 55.10
N ASP B 760 -25.40 -1.17 55.06
CA ASP B 760 -25.50 0.19 55.57
C ASP B 760 -24.84 1.18 54.63
N ALA B 761 -24.30 0.73 53.51
CA ALA B 761 -23.58 1.58 52.57
C ALA B 761 -24.19 1.46 51.18
N PRO B 762 -24.93 2.45 50.72
CA PRO B 762 -25.43 2.43 49.34
C PRO B 762 -24.39 2.94 48.35
N LYS B 763 -24.82 3.20 47.11
CA LYS B 763 -23.93 3.70 46.06
C LYS B 763 -23.34 5.07 46.39
N GLY B 764 -23.98 5.85 47.27
CA GLY B 764 -23.39 7.08 47.72
C GLY B 764 -22.20 6.93 48.64
N SER B 765 -21.99 5.74 49.21
CA SER B 765 -20.87 5.50 50.11
C SER B 765 -20.16 4.20 49.76
N MET B 766 -19.90 4.00 48.47
CA MET B 766 -18.93 3.01 48.03
C MET B 766 -17.51 3.57 48.02
N ASP B 767 -17.32 4.79 48.53
CA ASP B 767 -16.05 5.48 48.41
C ASP B 767 -15.38 5.79 49.73
N PHE B 768 -16.11 6.35 50.71
CA PHE B 768 -15.45 7.02 51.85
C PHE B 768 -14.66 6.05 52.72
N LEU B 769 -15.12 4.80 52.83
CA LEU B 769 -14.36 3.69 53.40
C LEU B 769 -12.96 3.56 52.82
N PHE B 770 -12.77 3.96 51.57
CA PHE B 770 -11.50 3.94 50.88
C PHE B 770 -10.87 5.33 50.73
N VAL B 771 -11.70 6.36 50.68
CA VAL B 771 -11.22 7.74 50.55
C VAL B 771 -10.45 8.14 51.80
N GLN B 772 -10.94 7.74 52.98
CA GLN B 772 -10.20 7.96 54.21
C GLN B 772 -8.88 7.19 54.20
N ILE B 773 -8.85 6.01 53.59
CA ILE B 773 -7.61 5.24 53.52
C ILE B 773 -6.61 5.95 52.63
N LEU B 774 -7.07 6.50 51.51
CA LEU B 774 -6.22 7.30 50.64
C LEU B 774 -5.68 8.52 51.37
N GLU B 775 -6.52 9.16 52.18
CA GLU B 775 -6.09 10.33 52.95
C GLU B 775 -5.11 9.96 54.07
N TYR B 776 -5.27 8.78 54.67
CA TYR B 776 -4.35 8.37 55.72
C TYR B 776 -3.01 7.94 55.15
N LEU B 777 -3.03 7.29 53.99
CA LEU B 777 -1.80 6.93 53.30
C LEU B 777 -1.08 8.17 52.80
N LYS B 778 -1.83 9.23 52.49
CA LYS B 778 -1.23 10.55 52.33
C LYS B 778 -0.67 11.06 53.65
N GLY B 779 -1.38 10.79 54.75
CA GLY B 779 -1.01 11.37 56.03
C GLY B 779 0.21 10.74 56.66
N GLU B 780 0.45 9.45 56.40
CA GLU B 780 1.67 8.83 56.90
C GLU B 780 2.89 9.28 56.10
N GLY B 781 2.69 9.71 54.86
CA GLY B 781 3.79 10.17 54.03
C GLY B 781 4.35 9.14 53.07
N PHE B 782 3.48 8.53 52.27
CA PHE B 782 3.92 7.60 51.24
C PHE B 782 4.01 8.28 49.88
N GLN B 783 4.75 7.65 48.97
CA GLN B 783 5.02 8.23 47.67
C GLN B 783 3.86 8.04 46.69
N ARG B 784 3.29 6.83 46.67
CA ARG B 784 2.17 6.52 45.79
C ARG B 784 1.37 5.40 46.43
N PHE B 785 0.34 4.94 45.72
CA PHE B 785 -0.65 4.07 46.33
C PHE B 785 -1.26 3.13 45.30
N ASN B 786 -1.03 1.83 45.47
CA ASN B 786 -1.46 0.81 44.51
C ASN B 786 -2.87 0.38 44.84
N LEU B 787 -3.85 1.09 44.28
CA LEU B 787 -5.24 0.75 44.50
C LEU B 787 -5.73 -0.08 43.33
N GLY B 788 -6.24 -1.27 43.63
CA GLY B 788 -6.87 -2.18 42.68
C GLY B 788 -6.01 -2.59 41.49
N MET B 789 -6.67 -3.25 40.54
CA MET B 789 -6.13 -3.40 39.20
C MET B 789 -7.29 -3.55 38.25
N ALA B 790 -7.31 -2.76 37.28
CA ALA B 790 -8.45 -2.66 36.40
C ALA B 790 -8.26 -3.52 35.14
N PRO B 791 -9.34 -4.00 34.55
CA PRO B 791 -9.23 -4.62 33.23
C PRO B 791 -8.92 -3.58 32.16
N LEU B 792 -8.66 -4.06 30.96
CA LEU B 792 -8.14 -3.21 29.92
C LEU B 792 -9.28 -2.58 29.12
N SER B 793 -9.09 -1.31 28.74
CA SER B 793 -10.16 -0.46 28.23
C SER B 793 -10.54 -0.84 26.80
N GLY B 794 -11.61 -0.20 26.32
CA GLY B 794 -12.10 -0.50 24.98
C GLY B 794 -11.21 0.03 23.87
N MET B 795 -10.51 1.13 24.13
CA MET B 795 -9.59 1.66 23.13
C MET B 795 -8.35 0.77 22.98
N SER B 796 -7.98 0.04 24.03
CA SER B 796 -6.90 -0.92 23.92
C SER B 796 -7.40 -2.33 23.64
N ARG B 797 -8.72 -2.55 23.64
CA ARG B 797 -9.25 -3.70 22.94
C ARG B 797 -9.43 -3.43 21.45
N ARG B 798 -9.39 -2.16 21.05
CA ARG B 798 -9.36 -1.82 19.64
C ARG B 798 -7.98 -2.08 19.04
N GLU B 799 -6.92 -1.64 19.72
CA GLU B 799 -5.56 -1.82 19.22
C GLU B 799 -5.11 -3.26 19.44
N SER B 800 -5.51 -4.12 18.51
CA SER B 800 -5.09 -5.51 18.57
C SER B 800 -4.46 -5.94 17.25
N ALA B 801 -4.24 -7.23 17.10
CA ALA B 801 -3.48 -7.81 16.03
C ALA B 801 -4.36 -8.73 15.20
N PRO B 802 -3.96 -9.07 13.97
CA PRO B 802 -4.87 -9.87 13.12
C PRO B 802 -5.14 -11.31 13.56
N VAL B 803 -4.17 -12.11 13.97
CA VAL B 803 -4.50 -13.52 14.15
C VAL B 803 -4.71 -13.89 15.62
N TRP B 804 -5.25 -12.95 16.41
CA TRP B 804 -5.78 -13.32 17.72
C TRP B 804 -6.93 -14.31 17.58
N ASP B 805 -7.27 -14.92 18.71
CA ASP B 805 -8.32 -15.93 18.77
C ASP B 805 -8.99 -15.82 20.14
N ARG B 806 -9.61 -16.91 20.60
CA ARG B 806 -10.22 -17.03 21.92
C ARG B 806 -9.26 -16.69 23.07
N VAL B 807 -7.94 -16.74 22.83
CA VAL B 807 -6.92 -16.43 23.84
C VAL B 807 -7.05 -14.99 24.35
N GLY B 808 -6.98 -14.01 23.44
CA GLY B 808 -7.09 -12.63 23.88
C GLY B 808 -8.48 -12.27 24.34
N GLY B 809 -9.51 -12.90 23.75
CA GLY B 809 -10.87 -12.71 24.21
C GLY B 809 -11.07 -13.19 25.64
N THR B 810 -10.44 -14.30 26.01
CA THR B 810 -10.55 -14.72 27.40
C THR B 810 -9.56 -14.00 28.29
N VAL B 811 -8.53 -13.35 27.74
CA VAL B 811 -7.76 -12.39 28.55
C VAL B 811 -8.65 -11.24 28.98
N PHE B 812 -9.43 -10.70 28.04
CA PHE B 812 -10.33 -9.61 28.41
C PHE B 812 -11.52 -10.12 29.22
N GLU B 813 -11.91 -11.38 29.03
CA GLU B 813 -12.99 -11.94 29.83
C GLU B 813 -12.53 -12.21 31.26
N HIS B 814 -11.28 -12.65 31.42
CA HIS B 814 -10.66 -12.75 32.75
C HIS B 814 -10.56 -11.38 33.40
N GLY B 815 -10.30 -10.35 32.60
CA GLY B 815 -10.35 -8.98 33.04
C GLY B 815 -11.69 -8.55 33.59
N GLU B 816 -12.76 -8.61 32.77
CA GLU B 816 -14.07 -8.25 33.27
C GLU B 816 -14.71 -9.31 34.17
N ARG B 817 -14.02 -10.41 34.45
CA ARG B 817 -14.56 -11.44 35.33
C ARG B 817 -13.95 -11.41 36.73
N PHE B 818 -12.66 -11.10 36.87
CA PHE B 818 -12.05 -11.16 38.18
C PHE B 818 -11.68 -9.81 38.77
N TYR B 819 -11.85 -8.71 38.05
CA TYR B 819 -11.33 -7.43 38.51
C TYR B 819 -12.45 -6.45 38.83
N ASN B 820 -13.66 -6.95 39.00
CA ASN B 820 -14.79 -6.15 39.43
C ASN B 820 -15.22 -6.46 40.86
N PHE B 821 -14.49 -7.35 41.54
CA PHE B 821 -14.73 -7.65 42.94
C PHE B 821 -14.22 -6.57 43.87
N LYS B 822 -13.46 -5.60 43.35
CA LYS B 822 -13.10 -4.40 44.07
C LYS B 822 -13.71 -3.15 43.46
N GLY B 823 -13.84 -3.10 42.14
CA GLY B 823 -14.50 -2.00 41.47
C GLY B 823 -14.20 -1.98 39.99
N LEU B 824 -15.05 -1.25 39.26
CA LEU B 824 -14.93 -1.14 37.81
C LEU B 824 -13.77 -0.22 37.45
N ARG B 825 -13.49 -0.12 36.15
CA ARG B 825 -12.41 0.76 35.68
C ARG B 825 -12.77 2.22 35.90
N ALA B 826 -14.04 2.58 35.69
CA ALA B 826 -14.48 3.93 35.98
C ALA B 826 -14.51 4.20 37.48
N PHE B 827 -14.76 3.16 38.28
CA PHE B 827 -14.69 3.30 39.74
C PHE B 827 -13.28 3.66 40.19
N LYS B 828 -12.26 3.05 39.58
CA LYS B 828 -10.90 3.48 39.85
C LYS B 828 -10.62 4.85 39.24
N SER B 829 -11.25 5.15 38.11
CA SER B 829 -11.04 6.43 37.43
C SER B 829 -11.64 7.60 38.20
N LYS B 830 -12.56 7.33 39.13
CA LYS B 830 -13.11 8.35 40.02
C LYS B 830 -12.04 9.02 40.86
N PHE B 831 -10.96 8.32 41.17
CA PHE B 831 -9.90 8.83 42.01
C PHE B 831 -8.79 9.50 41.22
N HIS B 832 -8.98 9.63 39.92
CA HIS B 832 -8.05 10.14 38.91
C HIS B 832 -6.66 9.52 39.06
N PRO B 833 -6.48 8.26 38.71
CA PRO B 833 -5.17 7.61 38.90
C PRO B 833 -4.30 7.74 37.66
N GLU B 834 -3.00 7.61 37.87
CA GLU B 834 -2.08 7.44 36.76
C GLU B 834 -1.84 5.95 36.59
N TRP B 835 -2.23 5.42 35.45
CA TRP B 835 -2.29 3.99 35.23
C TRP B 835 -0.90 3.40 35.08
N GLN B 836 -0.82 2.09 35.26
CA GLN B 836 0.44 1.36 35.31
C GLN B 836 0.15 -0.05 34.79
N PRO B 837 0.70 -0.44 33.65
CA PRO B 837 0.33 -1.74 33.08
C PRO B 837 1.01 -2.87 33.82
N ARG B 838 0.32 -3.99 33.91
CA ARG B 838 0.85 -5.19 34.53
C ARG B 838 0.66 -6.35 33.57
N TYR B 839 1.65 -7.22 33.51
CA TYR B 839 1.69 -8.30 32.55
C TYR B 839 1.67 -9.65 33.24
N LEU B 840 1.40 -10.70 32.45
CA LEU B 840 1.67 -12.06 32.88
C LEU B 840 2.67 -12.67 31.91
N ALA B 841 3.77 -13.17 32.42
CA ALA B 841 4.78 -13.82 31.61
C ALA B 841 4.51 -15.31 31.57
N VAL B 842 4.75 -15.92 30.41
CA VAL B 842 4.51 -17.33 30.20
C VAL B 842 5.79 -17.97 29.71
N SER B 843 6.16 -19.10 30.30
CA SER B 843 7.37 -19.81 29.90
C SER B 843 7.10 -20.77 28.75
N GLY B 844 8.17 -21.07 28.02
CA GLY B 844 8.17 -22.18 27.10
C GLY B 844 7.35 -22.01 25.85
N GLY B 845 6.96 -20.79 25.51
CA GLY B 845 6.27 -20.54 24.25
C GLY B 845 4.89 -21.16 24.13
N VAL B 846 4.21 -21.39 25.25
CA VAL B 846 2.92 -22.03 25.23
C VAL B 846 1.83 -20.97 25.35
N SER B 847 0.59 -21.38 25.13
CA SER B 847 -0.51 -20.42 25.01
C SER B 847 -0.89 -19.86 26.37
N PRO B 848 -1.21 -18.58 26.45
CA PRO B 848 -1.69 -18.01 27.71
C PRO B 848 -3.17 -18.20 27.93
N MET B 849 -3.87 -18.85 27.00
CA MET B 849 -5.11 -19.53 27.35
C MET B 849 -4.87 -20.49 28.51
N ILE B 850 -3.90 -21.39 28.31
CA ILE B 850 -3.53 -22.39 29.32
C ILE B 850 -3.01 -21.72 30.57
N ALA B 851 -2.14 -20.73 30.42
CA ALA B 851 -1.52 -20.07 31.56
C ALA B 851 -2.53 -19.25 32.34
N LEU B 852 -3.43 -18.59 31.63
CA LEU B 852 -4.44 -17.78 32.29
C LEU B 852 -5.44 -18.67 33.00
N MET B 853 -5.77 -19.83 32.43
CA MET B 853 -6.68 -20.73 33.12
C MET B 853 -5.99 -21.43 34.29
N ASP B 854 -4.67 -21.63 34.22
CA ASP B 854 -3.95 -22.13 35.39
C ASP B 854 -3.92 -21.10 36.49
N ALA B 855 -3.90 -19.81 36.13
CA ALA B 855 -4.09 -18.78 37.15
C ALA B 855 -5.52 -18.80 37.66
N THR B 856 -6.47 -19.06 36.77
CA THR B 856 -7.90 -18.92 37.08
C THR B 856 -8.37 -20.00 38.04
N PHE B 857 -8.06 -21.26 37.75
CA PHE B 857 -8.47 -22.35 38.63
C PHE B 857 -7.67 -22.39 39.91
N LEU B 858 -6.61 -21.59 40.04
CA LEU B 858 -5.97 -21.37 41.32
C LEU B 858 -6.56 -20.16 42.04
N ILE B 859 -7.19 -19.24 41.32
CA ILE B 859 -8.04 -18.26 41.99
C ILE B 859 -9.27 -18.94 42.56
N GLY B 860 -9.98 -19.70 41.73
CA GLY B 860 -11.15 -20.43 42.16
C GLY B 860 -10.96 -21.94 42.09
C10 EV9 C . 8.07 6.24 -22.31
C13 EV9 C . 4.92 7.46 -24.26
C15 EV9 C . 2.56 8.25 -23.79
C20 EV9 C . 0.18 5.98 -21.90
C21 EV9 C . -1.32 5.86 -22.09
C28 EV9 C . -4.14 1.53 -22.32
C01 EV9 C . 11.44 -0.55 -29.46
C02 EV9 C . 12.30 0.10 -28.38
C03 EV9 C . 11.61 1.28 -27.71
C04 EV9 C . 11.75 1.24 -26.19
C05 EV9 C . 11.91 2.64 -25.59
C06 EV9 C . 11.12 2.81 -24.29
C07 EV9 C . 10.98 4.28 -23.89
C08 EV9 C . 9.78 4.50 -22.98
C09 EV9 C . 9.51 5.99 -22.75
C11 EV9 C . 7.24 6.93 -23.40
C12 EV9 C . 5.75 6.67 -23.24
C14 EV9 C . 3.45 7.07 -24.20
C16 EV9 C . 1.07 7.92 -24.00
C19 EV9 C . 0.54 7.45 -21.77
C27 EV9 C . -3.52 2.92 -22.28
C29 EV9 C . -3.52 0.78 -23.48
C31 EV9 C . -4.22 -0.75 -25.10
C33 EV9 C . -5.06 -2.01 -25.04
C34 EV9 C . -4.51 -2.92 -23.96
C35 EV9 C . -5.00 -2.55 -22.57
C36 EV9 C . -4.08 -3.13 -21.49
C37 EV9 C . -4.81 -3.27 -20.15
C42 EV9 C . 1.99 5.16 -20.75
C44 EV9 C . 2.66 4.30 -21.83
C45 EV9 C . 4.03 3.77 -21.40
C46 EV9 C . 4.18 2.28 -21.69
C47 EV9 C . 5.61 1.84 -21.45
C48 EV9 C . 5.86 0.39 -21.81
C49 EV9 C . 7.35 0.12 -21.91
C50 EV9 C . 7.64 -1.15 -22.68
C51 EV9 C . 7.08 -2.37 -21.98
C52 EV9 C . 7.86 -3.64 -22.29
C53 EV9 C . 8.17 -4.46 -21.05
C54 EV9 C . 9.63 -4.86 -21.04
C55 EV9 C . 9.88 -5.96 -22.06
C56 EV9 C . 10.95 -5.58 -23.08
C57 EV9 C . 11.02 -6.61 -24.21
C58 EV9 C . 11.31 -5.98 -25.56
N38 EV9 C . -5.80 -2.21 -20.00
N39 EV9 C . -4.98 -2.69 -26.32
O17 EV9 C . 0.70 7.49 -25.03
O18 EV9 C . 0.15 8.11 -22.95
O22 EV9 C . -1.92 5.34 -20.93
O24 EV9 C . -4.23 5.81 -19.84
O25 EV9 C . -4.00 5.88 -22.29
O26 EV9 C . -3.95 3.60 -21.13
O30 EV9 C . -4.56 0.35 -24.32
O32 EV9 C . -3.28 -0.72 -25.79
O40 EV9 C . -5.51 1.67 -22.56
O41 EV9 C . 0.60 5.31 -20.77
O43 EV9 C . 2.64 5.70 -19.94
P23 EV9 C . -3.55 5.19 -21.03
O1 LHG D . 5.95 5.66 2.99
C1 LHG D . 7.10 4.82 3.12
C2 LHG D . 8.20 5.33 2.20
O2 LHG D . 7.82 5.11 0.85
C3 LHG D . 9.47 4.55 2.45
O3 LHG D . 9.45 3.40 1.61
P LHG D . 10.82 2.83 1.01
O4 LHG D . 11.30 3.76 -0.07
O5 LHG D . 11.72 2.44 2.15
O6 LHG D . 10.33 1.48 0.28
C4 LHG D . 10.99 1.09 -0.90
C5 LHG D . 10.93 -0.43 -1.04
C6 LHG D . 9.62 -0.96 -0.48
O7 LHG D . 10.98 -0.75 -2.42
C7 LHG D . 12.32 -0.81 -3.00
O9 LHG D . 13.30 -0.82 -2.27
C8 LHG D . 12.48 -0.87 -4.49
C9 LHG D . 11.66 -2.04 -5.04
C10 LHG D . 11.63 -2.06 -6.57
O8 LHG D . 9.69 -2.37 -0.52
C23 LHG D . 8.66 -3.13 -1.22
O10 LHG D . 7.54 -2.70 -1.29
C24 LHG D . 9.03 -4.43 -1.86
C11 LHG D . 10.90 -3.29 -7.06
C12 LHG D . 10.78 -3.33 -8.58
C13 LHG D . 9.56 -2.55 -9.09
C14 LHG D . 8.28 -2.98 -8.39
C15 LHG D . 7.05 -2.36 -9.04
C16 LHG D . 7.17 -0.86 -9.25
C17 LHG D . 5.84 -0.32 -9.75
C18 LHG D . 5.76 1.20 -9.71
C19 LHG D . 4.33 1.67 -9.91
C20 LHG D . 4.23 3.19 -9.85
C21 LHG D . 2.78 3.62 -9.74
C22 LHG D . 2.71 5.05 -9.29
C25 LHG D . 8.46 -4.46 -3.27
C26 LHG D . 8.92 -5.69 -4.03
C27 LHG D . 8.40 -5.66 -5.45
C28 LHG D . 8.68 -6.96 -6.17
C29 LHG D . 7.39 -7.70 -6.45
C30 LHG D . 7.64 -9.18 -6.71
C31 LHG D . 6.36 -10.00 -6.77
C32 LHG D . 5.19 -9.29 -7.43
C33 LHG D . 4.11 -10.27 -7.86
C48 PGT E . 4.75 -14.20 -13.89
C47 PGT E . 3.45 -13.49 -13.57
C46 PGT E . 3.66 -11.99 -13.28
C45 PGT E . 2.55 -11.42 -12.40
C44 PGT E . 1.15 -11.71 -12.93
C43 PGT E . 0.31 -12.52 -11.94
C42 PGT E . -1.17 -12.19 -12.10
C41 PGT E . -2.06 -13.38 -11.75
C40 PGT E . -3.52 -12.96 -11.64
C39 PGT E . -4.37 -13.67 -12.68
C38 PGT E . -5.86 -13.45 -12.42
C37 PGT E . -6.68 -13.87 -13.63
C36 PGT E . -6.41 -15.32 -13.99
C35 PGT E . -6.69 -15.61 -15.45
C34 PGT E . -6.05 -16.94 -15.81
C33 PGT E . -6.79 -17.63 -16.94
C32 PGT E . -6.54 -19.13 -16.84
C31 PGT E . -7.15 -19.85 -18.01
O31 PGT E . -6.43 -20.21 -18.92
O2 PGT E . -8.58 -20.11 -18.06
C2 PGT E . -8.86 -21.49 -18.27
C1 PGT E . -9.21 -21.76 -19.72
O3P PGT E . -8.04 -22.22 -20.36
P PGT E . -8.17 -23.32 -21.51
O1P PGT E . -8.13 -24.68 -20.86
O2P PGT E . -9.35 -22.95 -22.37
O4P PGT E . -6.83 -23.08 -22.36
C4 PGT E . -6.55 -23.90 -23.48
C5 PGT E . -6.24 -23.00 -24.66
O5 PGT E . -5.55 -21.83 -24.19
C6 PGT E . -7.55 -22.57 -25.32
O6 PGT E . -8.33 -21.84 -24.37
C3 PGT E . -10.05 -21.97 -17.45
O3 PGT E . -10.60 -20.88 -16.72
C11 PGT E . -11.71 -21.15 -15.81
O11 PGT E . -12.17 -22.27 -15.75
C12 PGT E . -12.26 -20.04 -14.97
C13 PGT E . -11.12 -19.16 -14.46
C14 PGT E . -11.70 -17.99 -13.70
C15 PGT E . -10.61 -17.13 -13.09
C16 PGT E . -11.24 -16.06 -12.22
C17 PGT E . -10.17 -15.30 -11.46
C18 PGT E . -10.64 -15.01 -10.05
C19 PGT E . -9.44 -14.84 -9.12
C20 PGT E . -8.63 -13.60 -9.48
C21 PGT E . -7.71 -13.17 -8.34
C22 PGT E . -8.13 -11.81 -7.80
C23 PGT E . -9.39 -11.91 -6.93
C24 PGT E . -10.23 -10.64 -7.04
C25 PGT E . -10.87 -10.54 -8.43
C26 PGT E . -11.44 -9.16 -8.67
C10 EV9 F . -4.29 -22.47 8.88
C13 EV9 F . -1.24 -23.28 11.15
C15 EV9 F . 0.66 -22.10 12.32
C20 EV9 F . 3.08 -20.01 10.29
C21 EV9 F . 4.56 -19.79 10.55
C28 EV9 F . 8.41 -19.91 7.11
C01 EV9 F . -4.06 -31.18 3.19
C02 EV9 F . -5.28 -30.29 3.38
C03 EV9 F . -5.09 -29.29 4.51
C04 EV9 F . -5.56 -27.89 4.14
C05 EV9 F . -6.22 -27.15 5.29
C06 EV9 F . -5.80 -25.68 5.35
C07 EV9 F . -6.16 -25.04 6.70
C08 EV9 F . -5.30 -23.82 7.00
C09 EV9 F . -5.48 -23.31 8.41
C11 EV9 F . -3.47 -23.18 9.95
C12 EV9 F . -2.03 -22.67 9.99
C14 EV9 F . 0.23 -22.89 11.09
C16 EV9 F . 2.19 -21.95 12.38
C19 EV9 F . 2.31 -19.75 11.59
C27 EV9 F . 7.45 -19.83 8.28
C29 EV9 F . 8.29 -21.29 6.48
C31 EV9 F . 9.71 -22.87 5.52
C33 EV9 F . 10.83 -22.78 4.50
C34 EV9 F . 10.30 -22.03 3.29
C35 EV9 F . 10.36 -20.52 3.44
C36 EV9 F . 9.41 -19.82 2.47
C37 EV9 F . 9.84 -18.38 2.21
C42 EV9 F . 1.35 -19.52 8.86
C44 EV9 F . 1.18 -20.85 8.12
C45 EV9 F . -0.05 -20.88 7.23
C46 EV9 F . 0.27 -21.42 5.83
C47 EV9 F . -1.01 -21.64 5.05
C48 EV9 F . -0.78 -22.27 3.70
C49 EV9 F . -2.08 -22.81 3.13
C50 EV9 F . -1.84 -23.81 2.01
C51 EV9 F . -1.15 -23.16 0.82
C52 EV9 F . -1.46 -23.86 -0.49
C53 EV9 F . -1.81 -22.89 -1.60
C54 EV9 F . -3.08 -23.33 -2.31
C55 EV9 F . -2.80 -24.53 -3.19
C56 EV9 F . -3.67 -25.73 -2.86
C57 EV9 F . -3.21 -26.97 -3.61
C58 EV9 F . -3.35 -28.25 -2.79
N38 EV9 F . 10.45 -17.81 3.41
N39 EV9 F . 11.21 -24.12 4.11
O17 EV9 F . 2.89 -22.89 12.28
O18 EV9 F . 2.77 -20.67 12.55
O22 EV9 F . 5.00 -18.60 9.94
O24 EV9 F . 6.80 -16.89 10.67
O25 EV9 F . 7.12 -19.26 11.20
O26 EV9 F . 7.41 -18.52 8.76
O30 EV9 F . 9.55 -21.87 6.49
O32 EV9 F . 8.97 -23.77 5.50
O40 EV9 F . 9.71 -19.74 7.58
O41 EV9 F . 2.61 -19.14 9.31
O43 EV9 F . 0.41 -18.83 9.07
P23 EV9 F . 6.60 -18.29 10.17
O1 LHG G . -7.78 2.10 3.45
C1 LHG G . -8.65 1.79 2.36
C2 LHG G . -9.62 0.70 2.80
O2 LHG G . -8.91 -0.52 2.97
C3 LHG G . -10.66 0.48 1.72
O3 LHG G . -10.14 -0.48 0.82
P LHG G . -11.14 -1.51 0.09
O4 LHG G . -11.61 -2.53 1.11
O5 LHG G . -12.14 -0.73 -0.72
O6 LHG G . -10.17 -2.27 -0.93
C4 LHG G . -10.42 -3.64 -1.20
C5 LHG G . -9.93 -3.98 -2.59
C6 LHG G . -8.68 -3.17 -2.92
O7 LHG G . -9.57 -5.35 -2.62
C7 LHG G . -10.69 -6.27 -2.86
O9 LHG G . -11.76 -5.84 -3.23
C8 LHG G . -10.49 -7.74 -2.63
C9 LHG G . -9.29 -8.22 -3.45
C10 LHG G . -8.92 -9.67 -3.13
O8 LHG G . -8.35 -3.44 -4.28
C23 LHG G . -7.03 -3.93 -4.64
O10 LHG G . -6.07 -3.64 -3.95
C24 LHG G . -6.89 -4.85 -5.82
C11 LHG G . -7.79 -10.13 -4.04
C12 LHG G . -7.33 -11.55 -3.73
C13 LHG G . -6.29 -11.59 -2.62
C14 LHG G . -5.12 -10.65 -2.89
C15 LHG G . -3.99 -10.84 -1.89
C16 LHG G . -4.46 -10.85 -0.44
C17 LHG G . -3.24 -10.88 0.47
C18 LHG G . -3.59 -10.60 1.93
C19 LHG G . -2.32 -10.34 2.74
C20 LHG G . -2.65 -10.04 4.18
C21 LHG G . -1.43 -9.47 4.90
C22 LHG G . -1.85 -8.81 6.17
C25 LHG G . -6.03 -6.04 -5.42
C26 LHG G . -5.97 -7.06 -6.53
C27 LHG G . -5.17 -8.28 -6.08
C28 LHG G . -4.93 -9.24 -7.23
C29 LHG G . -3.46 -9.26 -7.60
C30 LHG G . -3.24 -9.80 -9.01
C31 LHG G . -1.81 -9.63 -9.49
C32 LHG G . -0.75 -9.85 -8.41
C33 LHG G . 0.62 -10.11 -9.02
C48 PGT H . 2.40 -16.60 -11.63
C47 PGT H . 3.36 -15.85 -10.73
C46 PGT H . 2.71 -15.41 -9.42
C45 PGT H . 3.39 -14.19 -8.81
C44 PGT H . 4.90 -14.36 -8.66
C43 PGT H . 5.68 -13.32 -9.45
C42 PGT H . 7.02 -13.01 -8.79
C41 PGT H . 8.10 -12.63 -9.79
C40 PGT H . 9.32 -12.06 -9.10
C39 PGT H . 10.55 -12.93 -9.36
C38 PGT H . 11.83 -12.26 -8.88
C37 PGT H . 12.98 -13.25 -8.83
C36 PGT H . 13.19 -13.88 -10.20
C35 PGT H . 13.85 -15.23 -10.11
C34 PGT H . 13.69 -15.96 -11.44
C33 PGT H . 14.81 -16.93 -11.70
C32 PGT H . 14.96 -17.13 -13.20
C31 PGT H . 15.98 -18.18 -13.51
O31 PGT H . 15.62 -19.29 -13.81
O2 PGT H . 17.41 -17.88 -13.43
C2 PGT H . 18.08 -18.22 -14.64
C1 PGT H . 18.81 -19.55 -14.50
O3P PGT H . 17.97 -20.54 -15.07
P PGT H . 18.65 -21.76 -15.85
O1P PGT H . 18.82 -21.36 -17.29
O2P PGT H . 19.84 -22.21 -15.05
O4P PGT H . 17.52 -22.89 -15.74
C4 PGT H . 17.72 -24.16 -16.34
C5 PGT H . 17.44 -25.23 -15.29
O5 PGT H . 16.39 -24.79 -14.44
C6 PGT H . 18.70 -25.45 -14.47
O6 PGT H . 19.04 -24.23 -13.80
C3 PGT H . 19.14 -17.19 -14.99
O3 PGT H . 19.21 -16.18 -14.00
C11 PGT H . 20.12 -15.07 -14.19
O11 PGT H . 20.83 -15.05 -15.17
C12 PGT H . 20.14 -13.95 -13.19
C13 PGT H . 18.73 -13.64 -12.72
C14 PGT H . 18.80 -12.59 -11.64
C15 PGT H . 17.41 -12.17 -11.19
C16 PGT H . 17.53 -11.01 -10.22
C17 PGT H . 16.14 -10.47 -9.89
C18 PGT H . 16.19 -8.95 -9.81
C19 PGT H . 14.82 -8.36 -10.11
C20 PGT H . 13.82 -8.74 -9.03
C21 PGT H . 12.58 -7.84 -9.06
C22 PGT H . 12.49 -7.00 -7.80
C23 PGT H . 13.50 -5.86 -7.79
C24 PGT H . 13.99 -5.54 -6.37
C25 PGT H . 14.86 -6.67 -5.85
C26 PGT H . 15.08 -6.56 -4.35
#